data_6LQ0
#
_entry.id   6LQ0
#
_cell.length_a   98.092
_cell.length_b   206.024
_cell.length_c   74.026
_cell.angle_alpha   90.000
_cell.angle_beta   90.000
_cell.angle_gamma   90.000
#
_symmetry.space_group_name_H-M   'P 21 21 2'
#
loop_
_entity.id
_entity.type
_entity.pdbx_description
1 polymer 'Acyl-CoA dehydrogenase'
2 non-polymer 'FLAVIN-ADENINE DINUCLEOTIDE'
3 non-polymer 'HEXANOIC ACID'
4 non-polymer 'COENZYME A'
5 water water
#
_entity_poly.entity_id   1
_entity_poly.type   'polypeptide(L)'
_entity_poly.pdbx_seq_one_letter_code
;MSHYKSNVRDQVFNLFEVFGVDKVLGADKFSDLDADTAREMLTEIARLAEGPIAESFVEGDRNPPVFDPETHTVTLPEGF
KKSMRALFDGGWDKVGLAEHLGGIPMPRALQWALIEHILGANPAAYMYAMGPGMSEIFYNNGTDEQKKWATIAAERGWGA
TMVLTEPDAGSDVGAGRTKAVQQPDGTWHIEGVKRFITSADSDDLFENIMHLVLARPEGAGPGTKGLSLFFVPKFHFDHE
TGEIGERNGVFVTNVEHKMGLKVSATCELSLGQHGIPAVGWLVGEVHNGIAQMFDVIEQARMMVGTKAIATLSTGYLNAL
EYAKERVQGADMTQMTDKTAPRVTITHHPDVRRSLMTQKAYAEGLRAIYLYTATFQDAEVAQAVHGVDGDLAARVNDLLL
PIVKGFGSETAYAKLTESLQTLGGSGFLQDYPIEQYIRDSKIDSLYAGTTAIQAQDFFFRKIIRDKGQALAYVAGEIEQF
IKNENGNGRLKTERELLATALADVQGMAASLTGYLMAAQEDAASIYKVGLGSVRFLMAVGDLLSGWLLARQAAVAIEKLD
AGATGADKSFYEGKIAAASFFAKNMLPLLTSTRQIIENLDNDVMELDEAAF
;
_entity_poly.pdbx_strand_id   A,B
#
loop_
_chem_comp.id
_chem_comp.type
_chem_comp.name
_chem_comp.formula
6NA non-polymer 'HEXANOIC ACID' 'C6 H12 O2'
COA non-polymer 'COENZYME A' 'C21 H36 N7 O16 P3 S'
FAD non-polymer 'FLAVIN-ADENINE DINUCLEOTIDE' 'C27 H33 N9 O15 P2'
#
# COMPACT_ATOMS: atom_id res chain seq x y z
N MET A 1 -16.77 4.51 -20.83
CA MET A 1 -16.28 3.10 -21.01
C MET A 1 -15.99 2.40 -19.69
N SER A 2 -15.28 1.28 -19.77
CA SER A 2 -14.99 0.42 -18.67
C SER A 2 -14.03 1.11 -17.69
N HIS A 3 -13.75 0.40 -16.58
CA HIS A 3 -12.64 0.78 -15.73
C HIS A 3 -11.31 0.64 -16.44
N TYR A 4 -11.21 -0.29 -17.39
CA TYR A 4 -9.91 -0.65 -17.92
C TYR A 4 -9.50 0.27 -19.07
N LYS A 5 -8.38 0.99 -18.90
CA LYS A 5 -7.75 1.82 -19.93
C LYS A 5 -6.43 1.17 -20.39
N SER A 6 -6.41 0.79 -21.66
CA SER A 6 -5.32 0.03 -22.28
C SER A 6 -4.31 1.00 -22.91
N ASN A 7 -3.12 0.46 -23.20
CA ASN A 7 -2.07 1.23 -23.84
C ASN A 7 -1.43 0.38 -24.97
N VAL A 8 -2.19 0.14 -26.04
CA VAL A 8 -1.62 -0.57 -27.19
C VAL A 8 -0.48 0.24 -27.81
N ARG A 9 -0.60 1.57 -27.78
CA ARG A 9 0.40 2.41 -28.41
C ARG A 9 1.77 2.16 -27.80
N ASP A 10 1.83 2.10 -26.48
CA ASP A 10 3.10 1.87 -25.81
C ASP A 10 3.61 0.46 -26.03
N GLN A 11 2.72 -0.53 -26.12
CA GLN A 11 3.15 -1.89 -26.40
C GLN A 11 3.80 -1.98 -27.77
N VAL A 12 3.15 -1.40 -28.79
CA VAL A 12 3.64 -1.50 -30.16
C VAL A 12 4.97 -0.78 -30.27
N PHE A 13 5.06 0.40 -29.65
CA PHE A 13 6.32 1.14 -29.62
C PHE A 13 7.44 0.29 -29.07
N ASN A 14 7.19 -0.40 -27.96
CA ASN A 14 8.19 -1.28 -27.38
C ASN A 14 8.53 -2.42 -28.33
N LEU A 15 7.50 -3.09 -28.84
CA LEU A 15 7.71 -4.28 -29.66
C LEU A 15 8.46 -3.94 -30.93
N PHE A 16 8.17 -2.78 -31.52
CA PHE A 16 8.66 -2.48 -32.86
C PHE A 16 9.78 -1.45 -32.86
N GLU A 17 9.53 -0.28 -32.28
CA GLU A 17 10.50 0.81 -32.33
C GLU A 17 11.68 0.61 -31.41
N VAL A 18 11.54 -0.18 -30.35
CA VAL A 18 12.60 -0.34 -29.36
C VAL A 18 13.30 -1.69 -29.50
N PHE A 19 12.55 -2.76 -29.51
CA PHE A 19 13.17 -4.08 -29.47
C PHE A 19 13.22 -4.78 -30.82
N GLY A 20 12.43 -4.36 -31.78
CA GLY A 20 12.54 -4.92 -33.12
C GLY A 20 11.97 -6.30 -33.31
N VAL A 21 10.92 -6.65 -32.55
CA VAL A 21 10.30 -7.95 -32.69
C VAL A 21 9.65 -8.13 -34.05
N ASP A 22 9.27 -7.03 -34.74
CA ASP A 22 8.75 -7.17 -36.09
C ASP A 22 9.76 -7.83 -37.03
N LYS A 23 11.06 -7.80 -36.70
CA LYS A 23 12.07 -8.34 -37.60
C LYS A 23 12.05 -9.87 -37.69
N VAL A 24 11.32 -10.57 -36.82
CA VAL A 24 11.08 -12.00 -37.01
C VAL A 24 9.69 -12.28 -37.57
N LEU A 25 8.84 -11.27 -37.69
CA LEU A 25 7.47 -11.46 -38.13
C LEU A 25 7.40 -11.60 -39.65
N GLY A 26 6.58 -12.54 -40.11
CA GLY A 26 6.42 -12.80 -41.52
C GLY A 26 7.33 -13.88 -42.08
N ALA A 27 8.18 -14.50 -41.26
CA ALA A 27 9.17 -15.42 -41.77
C ALA A 27 9.31 -16.63 -40.88
N ASP A 28 9.48 -17.80 -41.52
CA ASP A 28 9.71 -19.08 -40.86
C ASP A 28 8.63 -19.37 -39.86
N LYS A 29 8.97 -19.63 -38.59
CA LYS A 29 7.96 -20.08 -37.65
C LYS A 29 6.78 -19.10 -37.56
N PHE A 30 7.03 -17.81 -37.74
CA PHE A 30 6.01 -16.78 -37.73
C PHE A 30 5.62 -16.35 -39.13
N SER A 31 5.77 -17.24 -40.10
CA SER A 31 5.66 -16.87 -41.50
C SER A 31 4.27 -16.33 -41.83
N ASP A 32 3.26 -16.72 -41.07
CA ASP A 32 1.89 -16.31 -41.38
C ASP A 32 1.36 -15.26 -40.42
N LEU A 33 2.25 -14.48 -39.80
CA LEU A 33 1.85 -13.42 -38.89
C LEU A 33 2.76 -12.22 -39.11
N ASP A 34 2.25 -11.16 -39.72
CA ASP A 34 3.07 -10.02 -40.04
C ASP A 34 2.87 -8.92 -39.01
N ALA A 35 3.60 -7.82 -39.21
CA ALA A 35 3.54 -6.71 -38.26
C ALA A 35 2.15 -6.11 -38.20
N ASP A 36 1.46 -6.00 -39.35
CA ASP A 36 0.12 -5.43 -39.34
C ASP A 36 -0.84 -6.33 -38.57
N THR A 37 -0.81 -7.64 -38.83
CA THR A 37 -1.68 -8.56 -38.13
C THR A 37 -1.43 -8.53 -36.62
N ALA A 38 -0.16 -8.54 -36.22
CA ALA A 38 0.17 -8.46 -34.81
C ALA A 38 -0.50 -7.26 -34.16
N ARG A 39 -0.34 -6.08 -34.76
CA ARG A 39 -0.91 -4.87 -34.21
C ARG A 39 -2.43 -4.94 -34.17
N GLU A 40 -3.03 -5.48 -35.21
CA GLU A 40 -4.49 -5.66 -35.21
C GLU A 40 -4.91 -6.63 -34.14
N MET A 41 -4.07 -7.61 -33.83
CA MET A 41 -4.39 -8.57 -32.76
C MET A 41 -4.43 -7.88 -31.40
N LEU A 42 -3.42 -7.03 -31.14
CA LEU A 42 -3.35 -6.28 -29.90
C LEU A 42 -4.52 -5.31 -29.79
N THR A 43 -4.86 -4.63 -30.89
CA THR A 43 -6.02 -3.74 -30.82
C THR A 43 -7.29 -4.53 -30.52
N GLU A 44 -7.39 -5.74 -31.05
CA GLU A 44 -8.62 -6.52 -30.92
C GLU A 44 -8.81 -7.01 -29.49
N ILE A 45 -7.76 -7.56 -28.87
CA ILE A 45 -7.89 -8.03 -27.50
C ILE A 45 -7.98 -6.86 -26.53
N ALA A 46 -7.37 -5.71 -26.86
CA ALA A 46 -7.57 -4.53 -26.04
C ALA A 46 -9.05 -4.13 -26.01
N ARG A 47 -9.74 -4.22 -27.16
CA ARG A 47 -11.15 -3.84 -27.18
C ARG A 47 -11.99 -4.85 -26.44
N LEU A 48 -11.65 -6.14 -26.58
CA LEU A 48 -12.29 -7.18 -25.81
C LEU A 48 -12.08 -6.97 -24.31
N ALA A 49 -10.86 -6.63 -23.91
CA ALA A 49 -10.58 -6.35 -22.50
C ALA A 49 -11.43 -5.19 -22.02
N GLU A 50 -11.38 -4.07 -22.75
CA GLU A 50 -12.11 -2.89 -22.31
C GLU A 50 -13.61 -3.11 -22.34
N GLY A 51 -14.08 -4.02 -23.19
CA GLY A 51 -15.50 -4.31 -23.30
C GLY A 51 -15.95 -5.43 -22.39
N PRO A 52 -16.24 -6.60 -22.98
CA PRO A 52 -16.89 -7.68 -22.20
C PRO A 52 -16.05 -8.20 -21.03
N ILE A 53 -14.72 -8.15 -21.10
CA ILE A 53 -13.92 -8.66 -19.98
C ILE A 53 -14.00 -7.72 -18.78
N ALA A 54 -13.75 -6.43 -19.01
CA ALA A 54 -13.78 -5.47 -17.89
C ALA A 54 -15.18 -5.28 -17.33
N GLU A 55 -16.20 -5.64 -18.12
CA GLU A 55 -17.56 -5.34 -17.70
C GLU A 55 -17.91 -6.02 -16.39
N SER A 56 -17.33 -7.19 -16.10
CA SER A 56 -17.63 -7.93 -14.87
C SER A 56 -16.59 -7.75 -13.78
N PHE A 57 -15.68 -6.80 -13.93
CA PHE A 57 -14.62 -6.59 -12.96
C PHE A 57 -15.19 -6.26 -11.59
N VAL A 58 -16.05 -5.24 -11.55
CA VAL A 58 -16.70 -4.86 -10.30
C VAL A 58 -17.58 -5.98 -9.81
N GLU A 59 -18.41 -6.56 -10.68
CA GLU A 59 -19.34 -7.60 -10.27
C GLU A 59 -18.61 -8.74 -9.56
N GLY A 60 -17.47 -9.20 -10.12
CA GLY A 60 -16.73 -10.30 -9.47
C GLY A 60 -16.31 -9.95 -8.04
N ASP A 61 -15.96 -8.69 -7.82
CA ASP A 61 -15.59 -8.24 -6.48
C ASP A 61 -16.81 -8.09 -5.56
N ARG A 62 -17.93 -7.59 -6.07
CA ARG A 62 -19.05 -7.30 -5.20
C ARG A 62 -19.92 -8.51 -4.95
N ASN A 63 -19.88 -9.47 -5.87
CA ASN A 63 -20.79 -10.62 -5.90
C ASN A 63 -19.95 -11.87 -6.06
N PRO A 64 -19.10 -12.16 -5.08
CA PRO A 64 -18.02 -13.11 -5.29
C PRO A 64 -18.50 -14.55 -5.30
N PRO A 65 -17.62 -15.47 -5.67
CA PRO A 65 -17.99 -16.88 -5.74
C PRO A 65 -18.42 -17.45 -4.40
N VAL A 66 -19.25 -18.48 -4.48
CA VAL A 66 -19.86 -19.13 -3.33
C VAL A 66 -19.51 -20.61 -3.37
N PHE A 67 -19.04 -21.16 -2.25
CA PHE A 67 -18.80 -22.58 -2.12
C PHE A 67 -20.09 -23.26 -1.66
N ASP A 68 -20.44 -24.37 -2.29
CA ASP A 68 -21.57 -25.18 -1.86
C ASP A 68 -21.08 -26.47 -1.19
N PRO A 69 -21.16 -26.59 0.12
CA PRO A 69 -20.74 -27.85 0.77
C PRO A 69 -21.63 -29.05 0.42
N GLU A 70 -22.79 -28.83 -0.16
CA GLU A 70 -23.68 -29.93 -0.48
C GLU A 70 -23.27 -30.64 -1.76
N THR A 71 -22.41 -30.03 -2.59
CA THR A 71 -21.92 -30.65 -3.81
C THR A 71 -20.41 -30.51 -3.95
N HIS A 72 -19.72 -29.83 -3.01
CA HIS A 72 -18.28 -29.59 -3.11
C HIS A 72 -17.94 -28.89 -4.43
N THR A 73 -18.75 -27.91 -4.78
CA THR A 73 -18.52 -27.11 -5.98
C THR A 73 -18.54 -25.63 -5.63
N VAL A 74 -18.16 -24.81 -6.61
CA VAL A 74 -18.14 -23.35 -6.52
C VAL A 74 -19.10 -22.78 -7.56
N THR A 75 -19.82 -21.73 -7.18
CA THR A 75 -20.68 -20.99 -8.08
C THR A 75 -20.05 -19.64 -8.37
N LEU A 76 -20.02 -19.26 -9.61
CA LEU A 76 -19.46 -17.98 -10.04
C LEU A 76 -20.56 -17.02 -10.49
N PRO A 77 -20.38 -15.71 -10.30
CA PRO A 77 -21.43 -14.78 -10.75
C PRO A 77 -21.60 -14.81 -12.26
N GLU A 78 -22.85 -14.63 -12.70
CA GLU A 78 -23.22 -14.83 -14.09
C GLU A 78 -22.48 -13.85 -15.00
N GLY A 79 -22.38 -12.58 -14.60
CA GLY A 79 -21.68 -11.59 -15.40
C GLY A 79 -20.26 -11.99 -15.69
N PHE A 80 -19.59 -12.58 -14.71
CA PHE A 80 -18.21 -13.01 -14.91
C PHE A 80 -18.13 -14.20 -15.86
N LYS A 81 -19.06 -15.15 -15.73
CA LYS A 81 -19.09 -16.28 -16.65
C LYS A 81 -19.32 -15.83 -18.09
N LYS A 82 -20.17 -14.84 -18.27
CA LYS A 82 -20.34 -14.20 -19.58
C LYS A 82 -19.02 -13.63 -20.10
N SER A 83 -18.23 -12.96 -19.24
CA SER A 83 -16.91 -12.51 -19.67
C SER A 83 -16.03 -13.68 -20.10
N MET A 84 -16.05 -14.76 -19.35
CA MET A 84 -15.22 -15.92 -19.69
C MET A 84 -15.63 -16.48 -21.05
N ARG A 85 -16.93 -16.49 -21.36
CA ARG A 85 -17.40 -16.99 -22.65
C ARG A 85 -16.92 -16.09 -23.79
N ALA A 86 -16.88 -14.76 -23.56
CA ALA A 86 -16.30 -13.87 -24.56
C ALA A 86 -14.85 -14.23 -24.82
N LEU A 87 -14.10 -14.49 -23.75
CA LEU A 87 -12.69 -14.82 -23.90
C LEU A 87 -12.52 -16.09 -24.73
N PHE A 88 -13.33 -17.14 -24.45
CA PHE A 88 -13.14 -18.41 -25.17
C PHE A 88 -13.63 -18.30 -26.60
N ASP A 89 -14.77 -17.62 -26.80
CA ASP A 89 -15.40 -17.56 -28.12
C ASP A 89 -14.52 -16.85 -29.13
N GLY A 90 -13.68 -15.93 -28.68
CA GLY A 90 -12.72 -15.34 -29.58
C GLY A 90 -11.43 -16.12 -29.73
N GLY A 91 -11.31 -17.27 -29.07
CA GLY A 91 -10.13 -18.09 -29.21
C GLY A 91 -8.94 -17.61 -28.43
N TRP A 92 -9.13 -16.68 -27.50
CA TRP A 92 -8.00 -15.99 -26.89
C TRP A 92 -7.23 -16.88 -25.94
N ASP A 93 -7.86 -17.91 -25.37
CA ASP A 93 -7.12 -18.87 -24.54
C ASP A 93 -6.15 -19.77 -25.35
N LYS A 94 -5.98 -19.51 -26.66
CA LYS A 94 -5.18 -20.38 -27.51
C LYS A 94 -4.14 -19.60 -28.33
N VAL A 95 -3.76 -18.39 -27.89
CA VAL A 95 -2.73 -17.58 -28.60
C VAL A 95 -1.38 -17.79 -27.93
N GLY A 96 -0.37 -18.03 -28.76
CA GLY A 96 0.87 -18.58 -28.21
C GLY A 96 0.82 -20.05 -27.80
N LEU A 97 -0.36 -20.68 -27.80
CA LEU A 97 -0.42 -22.14 -27.73
C LEU A 97 0.23 -22.75 -28.97
N ALA A 98 0.91 -23.87 -28.78
CA ALA A 98 1.55 -24.56 -29.89
C ALA A 98 0.52 -24.85 -30.98
N GLU A 99 1.02 -24.90 -32.22
CA GLU A 99 0.12 -25.11 -33.36
C GLU A 99 -0.57 -26.47 -33.30
N HIS A 100 0.13 -27.52 -32.90
CA HIS A 100 -0.51 -28.84 -32.88
C HIS A 100 -1.62 -28.93 -31.86
N LEU A 101 -1.71 -27.98 -30.93
CA LEU A 101 -2.84 -27.94 -30.00
C LEU A 101 -3.91 -26.94 -30.44
N GLY A 102 -3.80 -26.40 -31.64
CA GLY A 102 -4.76 -25.44 -32.15
C GLY A 102 -4.36 -23.99 -32.03
N GLY A 103 -3.09 -23.72 -31.68
CA GLY A 103 -2.70 -22.36 -31.38
C GLY A 103 -2.19 -21.58 -32.59
N ILE A 104 -2.14 -20.27 -32.40
CA ILE A 104 -1.55 -19.37 -33.39
C ILE A 104 -0.09 -19.08 -32.96
N PRO A 105 0.89 -19.49 -33.75
CA PRO A 105 2.30 -19.26 -33.34
C PRO A 105 2.67 -17.79 -33.39
N MET A 106 3.51 -17.36 -32.45
CA MET A 106 3.84 -15.94 -32.29
C MET A 106 5.00 -15.80 -31.31
N PRO A 107 5.68 -14.66 -31.33
CA PRO A 107 6.72 -14.42 -30.32
C PRO A 107 6.13 -14.26 -28.92
N ARG A 108 6.87 -14.74 -27.93
CA ARG A 108 6.39 -14.62 -26.56
C ARG A 108 6.16 -13.17 -26.18
N ALA A 109 6.95 -12.28 -26.74
CA ALA A 109 6.78 -10.84 -26.48
C ALA A 109 5.40 -10.36 -26.92
N LEU A 110 4.93 -10.82 -28.08
CA LEU A 110 3.59 -10.48 -28.52
C LEU A 110 2.54 -11.19 -27.66
N GLN A 111 2.76 -12.47 -27.34
CA GLN A 111 1.84 -13.18 -26.48
C GLN A 111 1.59 -12.45 -25.15
N TRP A 112 2.66 -12.04 -24.48
CA TRP A 112 2.49 -11.42 -23.15
C TRP A 112 1.87 -10.02 -23.28
N ALA A 113 2.19 -9.29 -24.35
CA ALA A 113 1.50 -8.04 -24.60
C ALA A 113 -0.02 -8.27 -24.73
N LEU A 114 -0.42 -9.35 -25.43
CA LEU A 114 -1.86 -9.62 -25.56
C LEU A 114 -2.48 -9.94 -24.20
N ILE A 115 -1.75 -10.71 -23.38
CA ILE A 115 -2.28 -11.15 -22.10
C ILE A 115 -2.38 -9.98 -21.13
N GLU A 116 -1.51 -8.97 -21.30
CA GLU A 116 -1.55 -7.81 -20.41
C GLU A 116 -2.96 -7.26 -20.34
N HIS A 117 -3.67 -7.25 -21.48
CA HIS A 117 -4.97 -6.62 -21.55
C HIS A 117 -5.97 -7.37 -20.71
N ILE A 118 -5.92 -8.71 -20.75
CA ILE A 118 -6.78 -9.49 -19.88
C ILE A 118 -6.44 -9.26 -18.42
N LEU A 119 -5.14 -9.23 -18.10
CA LEU A 119 -4.74 -8.98 -16.71
C LEU A 119 -5.11 -7.57 -16.25
N GLY A 120 -5.08 -6.58 -17.16
CA GLY A 120 -5.55 -5.27 -16.78
C GLY A 120 -7.06 -5.19 -16.60
N ALA A 121 -7.82 -5.86 -17.45
CA ALA A 121 -9.26 -5.66 -17.37
C ALA A 121 -9.95 -6.50 -16.30
N ASN A 122 -9.45 -7.72 -16.03
CA ASN A 122 -10.10 -8.66 -15.10
C ASN A 122 -9.17 -9.87 -14.90
N PRO A 123 -8.16 -9.74 -14.06
CA PRO A 123 -7.06 -10.71 -14.10
C PRO A 123 -7.47 -12.15 -13.76
N ALA A 124 -8.49 -12.36 -12.96
CA ALA A 124 -8.89 -13.72 -12.70
C ALA A 124 -9.38 -14.40 -13.98
N ALA A 125 -9.90 -13.62 -14.94
CA ALA A 125 -10.40 -14.22 -16.17
C ALA A 125 -9.29 -14.98 -16.88
N TYR A 126 -8.10 -14.40 -16.89
CA TYR A 126 -6.96 -15.10 -17.47
C TYR A 126 -6.57 -16.32 -16.64
N MET A 127 -6.63 -16.22 -15.32
CA MET A 127 -6.25 -17.37 -14.49
C MET A 127 -7.17 -18.56 -14.73
N TYR A 128 -8.47 -18.34 -14.80
CA TYR A 128 -9.39 -19.42 -15.16
C TYR A 128 -9.08 -19.95 -16.57
N ALA A 129 -8.40 -19.18 -17.41
CA ALA A 129 -8.20 -19.49 -18.81
C ALA A 129 -6.85 -20.10 -19.08
N MET A 130 -6.10 -20.42 -18.02
CA MET A 130 -4.73 -20.92 -18.18
C MET A 130 -4.68 -22.42 -18.46
N GLY A 131 -5.82 -23.05 -18.68
CA GLY A 131 -5.90 -24.50 -18.80
C GLY A 131 -5.16 -25.05 -20.01
N PRO A 132 -5.48 -24.53 -21.20
CA PRO A 132 -4.76 -25.02 -22.41
C PRO A 132 -3.26 -24.84 -22.33
N GLY A 133 -2.78 -23.75 -21.72
CA GLY A 133 -1.33 -23.57 -21.57
C GLY A 133 -0.70 -24.60 -20.66
N MET A 134 -1.43 -25.03 -19.64
CA MET A 134 -0.92 -26.07 -18.76
C MET A 134 -1.04 -27.44 -19.40
N SER A 135 -2.08 -27.65 -20.23
CA SER A 135 -2.13 -28.84 -21.05
C SER A 135 -0.88 -28.96 -21.91
N GLU A 136 -0.40 -27.84 -22.45
CA GLU A 136 0.80 -27.89 -23.28
C GLU A 136 2.01 -28.31 -22.46
N ILE A 137 2.15 -27.76 -21.25
CA ILE A 137 3.27 -28.17 -20.39
C ILE A 137 3.16 -29.65 -20.06
N PHE A 138 1.93 -30.12 -19.88
CA PHE A 138 1.72 -31.53 -19.62
C PHE A 138 2.16 -32.34 -20.82
N TYR A 139 1.80 -31.88 -22.03
CA TYR A 139 2.23 -32.49 -23.28
C TYR A 139 3.75 -32.59 -23.37
N ASN A 140 4.44 -31.48 -23.18
CA ASN A 140 5.89 -31.48 -23.36
C ASN A 140 6.57 -32.38 -22.35
N ASN A 141 5.93 -32.67 -21.22
CA ASN A 141 6.55 -33.50 -20.18
C ASN A 141 6.01 -34.90 -20.18
N GLY A 142 5.00 -35.20 -20.98
CA GLY A 142 4.27 -36.44 -20.86
C GLY A 142 4.76 -37.53 -21.79
N THR A 143 4.41 -38.75 -21.47
CA THR A 143 4.65 -39.86 -22.38
C THR A 143 3.77 -39.69 -23.62
N ASP A 144 4.01 -40.54 -24.62
CA ASP A 144 3.26 -40.46 -25.87
C ASP A 144 1.78 -40.68 -25.62
N GLU A 145 1.44 -41.63 -24.75
CA GLU A 145 0.06 -41.83 -24.37
C GLU A 145 -0.50 -40.58 -23.69
N GLN A 146 0.27 -40.01 -22.76
CA GLN A 146 -0.16 -38.81 -22.04
C GLN A 146 -0.29 -37.64 -23.00
N LYS A 147 0.52 -37.61 -24.07
CA LYS A 147 0.40 -36.53 -25.02
C LYS A 147 -0.96 -36.53 -25.71
N LYS A 148 -1.58 -37.71 -25.87
CA LYS A 148 -2.93 -37.72 -26.42
C LYS A 148 -3.92 -37.11 -25.46
N TRP A 149 -3.80 -37.43 -24.15
CA TRP A 149 -4.74 -36.90 -23.17
C TRP A 149 -4.64 -35.39 -23.13
N ALA A 150 -3.40 -34.87 -23.13
CA ALA A 150 -3.17 -33.42 -23.05
C ALA A 150 -3.72 -32.72 -24.26
N THR A 151 -3.65 -33.38 -25.42
CA THR A 151 -4.23 -32.84 -26.65
C THR A 151 -5.73 -32.71 -26.51
N ILE A 152 -6.38 -33.73 -25.97
CA ILE A 152 -7.81 -33.66 -25.68
C ILE A 152 -8.12 -32.53 -24.71
N ALA A 153 -7.31 -32.38 -23.66
CA ALA A 153 -7.54 -31.36 -22.65
C ALA A 153 -7.43 -29.96 -23.24
N ALA A 154 -6.41 -29.71 -24.08
CA ALA A 154 -6.26 -28.41 -24.75
C ALA A 154 -7.40 -28.14 -25.71
N GLU A 155 -7.73 -29.13 -26.57
CA GLU A 155 -8.73 -28.92 -27.61
C GLU A 155 -10.11 -28.66 -27.00
N ARG A 156 -10.42 -29.33 -25.91
CA ARG A 156 -11.70 -29.14 -25.23
C ARG A 156 -11.67 -27.98 -24.24
N GLY A 157 -10.53 -27.31 -24.08
CA GLY A 157 -10.43 -26.20 -23.16
C GLY A 157 -10.74 -26.53 -21.71
N TRP A 158 -10.24 -27.66 -21.22
CA TRP A 158 -10.35 -27.98 -19.80
C TRP A 158 -9.61 -26.92 -18.99
N GLY A 159 -10.11 -26.64 -17.82
CA GLY A 159 -9.36 -25.81 -16.90
C GLY A 159 -8.20 -26.57 -16.30
N ALA A 160 -7.33 -25.87 -15.59
CA ALA A 160 -6.23 -26.56 -14.94
C ALA A 160 -5.87 -25.85 -13.64
N THR A 161 -5.10 -26.55 -12.80
CA THR A 161 -4.61 -25.99 -11.55
C THR A 161 -3.17 -26.42 -11.34
N MET A 162 -2.46 -25.65 -10.54
CA MET A 162 -1.14 -26.02 -10.06
C MET A 162 -1.29 -26.24 -8.57
N VAL A 163 -0.99 -27.45 -8.12
CA VAL A 163 -1.32 -27.92 -6.79
C VAL A 163 0.00 -28.26 -6.10
N LEU A 164 0.51 -27.28 -5.36
CA LEU A 164 1.69 -27.49 -4.52
C LEU A 164 1.44 -27.25 -3.04
N THR A 165 0.83 -26.11 -2.70
CA THR A 165 0.85 -25.60 -1.34
C THR A 165 -0.01 -26.44 -0.42
N GLU A 166 0.46 -26.56 0.82
CA GLU A 166 -0.22 -27.25 1.91
C GLU A 166 -0.22 -26.32 3.10
N PRO A 167 -1.00 -26.63 4.15
CA PRO A 167 -1.02 -25.73 5.33
C PRO A 167 0.36 -25.52 5.96
N ASP A 168 1.21 -26.54 5.96
CA ASP A 168 2.52 -26.39 6.57
C ASP A 168 3.61 -26.25 5.53
N ALA A 169 3.25 -26.15 4.25
CA ALA A 169 4.27 -26.11 3.19
C ALA A 169 3.85 -25.11 2.12
N GLY A 170 4.42 -23.91 2.20
CA GLY A 170 4.20 -22.94 1.15
C GLY A 170 5.50 -22.54 0.48
N SER A 171 6.25 -21.63 1.10
CA SER A 171 7.56 -21.32 0.57
C SER A 171 8.43 -22.57 0.55
N ASP A 172 8.33 -23.40 1.60
CA ASP A 172 9.10 -24.65 1.69
C ASP A 172 8.29 -25.78 1.04
N VAL A 173 8.31 -25.79 -0.29
CA VAL A 173 7.60 -26.79 -1.05
C VAL A 173 8.04 -28.20 -0.66
N GLY A 174 9.34 -28.37 -0.40
CA GLY A 174 9.88 -29.70 -0.13
C GLY A 174 9.46 -30.30 1.19
N ALA A 175 8.77 -29.54 2.03
CA ALA A 175 8.24 -30.05 3.29
C ALA A 175 6.88 -30.71 3.13
N GLY A 176 6.34 -30.78 1.91
CA GLY A 176 5.00 -31.27 1.73
C GLY A 176 4.86 -32.75 2.07
N ARG A 177 3.67 -33.14 2.51
CA ARG A 177 3.41 -34.49 2.96
C ARG A 177 2.27 -35.17 2.23
N THR A 178 1.60 -34.50 1.30
CA THR A 178 0.72 -35.23 0.40
C THR A 178 1.47 -36.43 -0.20
N LYS A 179 0.81 -37.59 -0.16
CA LYS A 179 1.40 -38.89 -0.40
C LYS A 179 0.85 -39.46 -1.70
N ALA A 180 1.70 -40.23 -2.41
CA ALA A 180 1.29 -40.98 -3.60
C ALA A 180 1.53 -42.46 -3.35
N VAL A 181 0.51 -43.28 -3.61
CA VAL A 181 0.59 -44.71 -3.38
C VAL A 181 0.37 -45.43 -4.71
N GLN A 182 1.40 -46.14 -5.20
CA GLN A 182 1.27 -46.79 -6.50
C GLN A 182 0.35 -48.01 -6.44
N GLN A 183 -0.49 -48.14 -7.41
CA GLN A 183 -1.49 -49.19 -7.52
C GLN A 183 -0.99 -50.30 -8.45
N PRO A 184 -1.57 -51.49 -8.33
CA PRO A 184 -1.19 -52.59 -9.25
C PRO A 184 -1.28 -52.22 -10.72
N ASP A 185 -2.24 -51.40 -11.12
CA ASP A 185 -2.36 -51.08 -12.55
C ASP A 185 -1.46 -49.94 -12.97
N GLY A 186 -0.53 -49.50 -12.14
CA GLY A 186 0.37 -48.44 -12.54
C GLY A 186 -0.13 -47.03 -12.29
N THR A 187 -1.42 -46.83 -12.06
CA THR A 187 -1.88 -45.53 -11.57
C THR A 187 -1.49 -45.36 -10.10
N TRP A 188 -1.79 -44.18 -9.57
CA TRP A 188 -1.45 -43.83 -8.19
C TRP A 188 -2.69 -43.26 -7.51
N HIS A 189 -2.78 -43.46 -6.20
CA HIS A 189 -3.79 -42.84 -5.36
C HIS A 189 -3.09 -41.74 -4.58
N ILE A 190 -3.60 -40.51 -4.73
CA ILE A 190 -3.05 -39.36 -4.05
C ILE A 190 -3.87 -39.09 -2.80
N GLU A 191 -3.18 -38.78 -1.71
CA GLU A 191 -3.81 -38.64 -0.41
C GLU A 191 -3.17 -37.44 0.27
N GLY A 192 -3.96 -36.39 0.46
CA GLY A 192 -3.45 -35.21 1.11
C GLY A 192 -4.45 -34.08 1.05
N VAL A 193 -4.09 -33.02 1.75
CA VAL A 193 -4.84 -31.77 1.74
C VAL A 193 -3.93 -30.64 1.29
N LYS A 194 -4.32 -29.95 0.22
CA LYS A 194 -3.60 -28.83 -0.33
C LYS A 194 -4.40 -27.56 -0.06
N ARG A 195 -3.70 -26.43 -0.01
CA ARG A 195 -4.28 -25.17 0.42
C ARG A 195 -4.00 -24.07 -0.61
N PHE A 196 -4.95 -23.15 -0.71
CA PHE A 196 -4.83 -21.94 -1.54
C PHE A 196 -4.73 -22.26 -3.03
N ILE A 197 -5.52 -23.21 -3.51
CA ILE A 197 -5.40 -23.63 -4.90
C ILE A 197 -6.33 -22.77 -5.74
N THR A 198 -5.72 -21.95 -6.61
CA THR A 198 -6.46 -21.13 -7.55
C THR A 198 -7.22 -21.96 -8.57
N SER A 199 -8.52 -21.70 -8.68
CA SER A 199 -9.39 -22.31 -9.67
C SER A 199 -9.59 -23.81 -9.44
N ALA A 200 -9.43 -24.30 -8.22
CA ALA A 200 -9.60 -25.72 -7.96
C ALA A 200 -10.99 -26.20 -8.32
N ASP A 201 -12.00 -25.32 -8.28
CA ASP A 201 -13.26 -25.56 -8.97
C ASP A 201 -13.67 -24.31 -9.72
N SER A 202 -14.46 -24.49 -10.78
CA SER A 202 -14.78 -23.43 -11.71
C SER A 202 -16.26 -23.43 -12.13
N ASP A 203 -17.16 -23.86 -11.24
CA ASP A 203 -18.58 -23.86 -11.59
C ASP A 203 -18.75 -24.69 -12.85
N ASP A 204 -19.51 -24.22 -13.86
CA ASP A 204 -19.68 -24.93 -15.13
C ASP A 204 -18.93 -24.27 -16.28
N LEU A 205 -17.81 -23.59 -16.00
CA LEU A 205 -17.06 -22.98 -17.09
C LEU A 205 -16.58 -24.03 -18.09
N PHE A 206 -16.14 -25.19 -17.60
CA PHE A 206 -15.50 -26.22 -18.42
C PHE A 206 -16.07 -27.58 -18.04
N GLU A 207 -15.82 -28.58 -18.90
CA GLU A 207 -16.30 -29.94 -18.68
C GLU A 207 -15.38 -30.76 -17.79
N ASN A 208 -14.15 -30.30 -17.54
CA ASN A 208 -13.21 -31.03 -16.72
C ASN A 208 -12.13 -30.06 -16.29
N ILE A 209 -11.37 -30.44 -15.28
CA ILE A 209 -10.23 -29.68 -14.81
C ILE A 209 -9.07 -30.66 -14.65
N MET A 210 -7.89 -30.28 -15.14
CA MET A 210 -6.67 -31.07 -14.92
C MET A 210 -5.94 -30.46 -13.72
N HIS A 211 -5.94 -31.15 -12.58
CA HIS A 211 -5.02 -30.77 -11.49
C HIS A 211 -3.62 -31.36 -11.72
N LEU A 212 -2.59 -30.52 -11.69
CA LEU A 212 -1.20 -30.97 -11.73
C LEU A 212 -0.70 -30.91 -10.29
N VAL A 213 -0.48 -32.07 -9.68
CA VAL A 213 -0.37 -32.21 -8.24
C VAL A 213 1.02 -32.71 -7.87
N LEU A 214 1.70 -31.98 -6.99
CA LEU A 214 2.94 -32.48 -6.40
C LEU A 214 2.62 -33.38 -5.22
N ALA A 215 3.32 -34.52 -5.12
CA ALA A 215 3.07 -35.46 -4.03
C ALA A 215 4.27 -36.38 -3.85
N ARG A 216 4.42 -36.93 -2.64
CA ARG A 216 5.59 -37.72 -2.31
C ARG A 216 5.24 -39.19 -2.45
N PRO A 217 5.78 -39.91 -3.44
CA PRO A 217 5.60 -41.35 -3.47
C PRO A 217 6.08 -41.99 -2.16
N GLU A 218 5.32 -42.97 -1.68
CA GLU A 218 5.74 -43.75 -0.52
C GLU A 218 7.17 -44.24 -0.67
N GLY A 219 7.99 -44.03 0.37
CA GLY A 219 9.38 -44.45 0.35
C GLY A 219 10.35 -43.46 -0.27
N ALA A 220 9.88 -42.38 -0.88
CA ALA A 220 10.79 -41.44 -1.50
C ALA A 220 11.50 -40.61 -0.43
N GLY A 221 12.60 -40.01 -0.82
CA GLY A 221 13.36 -39.21 0.11
C GLY A 221 12.65 -37.92 0.44
N PRO A 222 13.29 -37.12 1.28
CA PRO A 222 12.72 -35.85 1.72
C PRO A 222 13.02 -34.71 0.76
N GLY A 223 12.40 -33.59 1.04
CA GLY A 223 12.64 -32.38 0.28
C GLY A 223 12.01 -32.40 -1.10
N THR A 224 12.22 -31.30 -1.83
CA THR A 224 11.63 -31.17 -3.16
C THR A 224 12.10 -32.28 -4.10
N LYS A 225 13.33 -32.76 -3.92
CA LYS A 225 13.84 -33.78 -4.83
C LYS A 225 13.05 -35.08 -4.73
N GLY A 226 12.44 -35.36 -3.58
CA GLY A 226 11.63 -36.55 -3.44
C GLY A 226 10.23 -36.47 -4.03
N LEU A 227 9.89 -35.33 -4.63
CA LEU A 227 8.52 -35.11 -5.10
C LEU A 227 8.35 -35.52 -6.55
N SER A 228 7.12 -35.92 -6.88
CA SER A 228 6.73 -36.26 -8.24
C SER A 228 5.48 -35.49 -8.60
N LEU A 229 5.25 -35.37 -9.90
CA LEU A 229 4.13 -34.61 -10.44
C LEU A 229 3.10 -35.57 -11.04
N PHE A 230 1.83 -35.36 -10.69
CA PHE A 230 0.74 -36.26 -11.07
C PHE A 230 -0.38 -35.55 -11.81
N PHE A 231 -0.86 -36.19 -12.87
CA PHE A 231 -2.04 -35.75 -13.60
C PHE A 231 -3.26 -36.29 -12.88
N VAL A 232 -4.02 -35.41 -12.27
CA VAL A 232 -5.17 -35.80 -11.46
C VAL A 232 -6.39 -35.06 -11.97
N PRO A 233 -7.22 -35.71 -12.78
CA PRO A 233 -8.37 -35.01 -13.34
C PRO A 233 -9.54 -34.98 -12.38
N LYS A 234 -10.34 -33.91 -12.50
CA LYS A 234 -11.55 -33.81 -11.72
C LYS A 234 -12.50 -34.94 -12.09
N PHE A 235 -12.64 -35.24 -13.38
CA PHE A 235 -13.46 -36.35 -13.83
C PHE A 235 -12.58 -37.34 -14.59
N HIS A 236 -12.74 -38.63 -14.28
CA HIS A 236 -12.21 -39.69 -15.15
C HIS A 236 -12.74 -39.50 -16.56
N PHE A 237 -11.99 -39.99 -17.54
CA PHE A 237 -12.42 -39.81 -18.92
C PHE A 237 -11.80 -40.88 -19.79
N ASP A 238 -12.46 -41.14 -20.92
CA ASP A 238 -11.98 -42.10 -21.90
C ASP A 238 -10.71 -41.58 -22.56
N HIS A 239 -9.63 -42.35 -22.43
CA HIS A 239 -8.29 -41.94 -22.81
C HIS A 239 -8.10 -41.77 -24.31
N GLU A 240 -9.04 -42.22 -25.14
CA GLU A 240 -8.95 -42.00 -26.58
C GLU A 240 -9.98 -40.99 -27.05
N THR A 241 -11.22 -41.13 -26.61
CA THR A 241 -12.34 -40.30 -27.05
C THR A 241 -12.50 -38.99 -26.28
N GLY A 242 -11.98 -38.92 -25.07
CA GLY A 242 -12.21 -37.76 -24.25
C GLY A 242 -13.55 -37.72 -23.55
N GLU A 243 -14.41 -38.74 -23.72
CA GLU A 243 -15.73 -38.67 -23.10
C GLU A 243 -15.60 -38.66 -21.58
N ILE A 244 -16.43 -37.85 -20.94
CA ILE A 244 -16.29 -37.61 -19.51
C ILE A 244 -17.00 -38.74 -18.76
N GLY A 245 -16.29 -39.35 -17.82
CA GLY A 245 -16.83 -40.45 -17.04
C GLY A 245 -17.10 -40.10 -15.59
N GLU A 246 -16.70 -40.98 -14.68
CA GLU A 246 -17.10 -40.81 -13.29
C GLU A 246 -16.19 -39.79 -12.60
N ARG A 247 -16.67 -39.30 -11.46
CA ARG A 247 -15.95 -38.32 -10.68
C ARG A 247 -14.77 -38.96 -9.98
N ASN A 248 -13.64 -38.29 -10.03
CA ASN A 248 -12.41 -38.66 -9.33
C ASN A 248 -12.39 -38.00 -7.94
N GLY A 249 -11.61 -38.59 -7.04
CA GLY A 249 -11.72 -38.25 -5.63
C GLY A 249 -10.96 -37.01 -5.18
N VAL A 250 -11.22 -35.89 -5.82
CA VAL A 250 -10.46 -34.68 -5.56
C VAL A 250 -11.49 -33.56 -5.47
N PHE A 251 -11.66 -33.02 -4.26
CA PHE A 251 -12.82 -32.20 -3.92
C PHE A 251 -12.39 -30.93 -3.23
N VAL A 252 -12.94 -29.80 -3.67
CA VAL A 252 -12.79 -28.54 -2.93
C VAL A 252 -13.64 -28.60 -1.67
N THR A 253 -13.07 -28.20 -0.53
CA THR A 253 -13.78 -28.23 0.74
C THR A 253 -14.00 -26.85 1.36
N ASN A 254 -13.57 -25.77 0.71
CA ASN A 254 -13.64 -24.41 1.26
C ASN A 254 -13.19 -23.44 0.18
N VAL A 255 -13.63 -22.18 0.28
CA VAL A 255 -13.13 -21.09 -0.56
C VAL A 255 -12.75 -19.94 0.36
N GLU A 256 -11.57 -19.40 0.14
CA GLU A 256 -11.05 -18.40 1.04
C GLU A 256 -11.74 -17.05 0.80
N HIS A 257 -11.88 -16.28 1.88
CA HIS A 257 -12.36 -14.92 1.84
C HIS A 257 -11.15 -13.99 1.88
N LYS A 258 -10.96 -13.21 0.82
CA LYS A 258 -9.70 -12.50 0.59
C LYS A 258 -9.88 -11.00 0.46
N MET A 259 -8.79 -10.27 0.63
CA MET A 259 -8.77 -8.80 0.48
C MET A 259 -9.22 -8.39 -0.92
N GLY A 260 -8.82 -9.15 -1.93
CA GLY A 260 -9.09 -8.84 -3.31
C GLY A 260 -8.98 -10.08 -4.15
N LEU A 261 -8.91 -9.88 -5.47
CA LEU A 261 -8.98 -10.99 -6.42
C LEU A 261 -10.09 -11.95 -6.01
N LYS A 262 -11.21 -11.40 -5.54
CA LYS A 262 -12.24 -12.21 -4.93
C LYS A 262 -12.87 -13.19 -5.90
N VAL A 263 -12.98 -12.83 -7.20
CA VAL A 263 -13.68 -13.71 -8.13
C VAL A 263 -12.84 -14.91 -8.54
N SER A 264 -11.54 -14.90 -8.25
CA SER A 264 -10.71 -16.11 -8.39
C SER A 264 -10.94 -17.03 -7.21
N ALA A 265 -11.59 -18.17 -7.44
CA ALA A 265 -11.81 -19.11 -6.34
C ALA A 265 -10.49 -19.71 -5.83
N THR A 266 -10.18 -19.45 -4.56
CA THR A 266 -8.95 -19.89 -3.91
C THR A 266 -9.32 -20.94 -2.87
N CYS A 267 -8.95 -22.20 -3.13
CA CYS A 267 -9.66 -23.30 -2.50
C CYS A 267 -8.73 -24.24 -1.73
N GLU A 268 -9.25 -24.76 -0.62
CA GLU A 268 -8.68 -25.95 0.00
C GLU A 268 -9.12 -27.18 -0.80
N LEU A 269 -8.17 -28.03 -1.15
CA LEU A 269 -8.43 -29.14 -2.06
C LEU A 269 -8.02 -30.43 -1.39
N SER A 270 -8.99 -31.31 -1.19
CA SER A 270 -8.78 -32.58 -0.53
C SER A 270 -8.64 -33.66 -1.59
N LEU A 271 -7.60 -34.47 -1.44
CA LEU A 271 -7.32 -35.57 -2.35
C LEU A 271 -7.48 -36.90 -1.61
N GLY A 272 -8.42 -37.70 -2.10
CA GLY A 272 -8.66 -39.00 -1.53
C GLY A 272 -9.19 -39.00 -0.11
N GLN A 273 -9.92 -37.97 0.30
CA GLN A 273 -10.41 -37.90 1.68
C GLN A 273 -11.91 -38.11 1.82
N HIS A 274 -12.65 -38.24 0.72
CA HIS A 274 -14.11 -38.30 0.73
C HIS A 274 -14.63 -39.67 0.29
N GLY A 275 -13.83 -40.71 0.43
CA GLY A 275 -14.28 -42.06 0.26
C GLY A 275 -14.08 -42.64 -1.13
N ILE A 276 -13.61 -41.83 -2.08
CA ILE A 276 -13.18 -42.41 -3.35
C ILE A 276 -11.75 -41.96 -3.58
N PRO A 277 -10.91 -42.80 -4.20
CA PRO A 277 -9.52 -42.40 -4.42
C PRO A 277 -9.39 -41.26 -5.44
N ALA A 278 -8.46 -40.37 -5.18
CA ALA A 278 -7.96 -39.45 -6.19
C ALA A 278 -6.90 -40.17 -7.04
N VAL A 279 -7.31 -40.68 -8.20
CA VAL A 279 -6.39 -41.37 -9.09
C VAL A 279 -5.52 -40.36 -9.81
N GLY A 280 -4.20 -40.60 -9.81
CA GLY A 280 -3.29 -39.78 -10.58
C GLY A 280 -2.42 -40.63 -11.49
N TRP A 281 -1.81 -39.94 -12.46
CA TRP A 281 -0.91 -40.54 -13.44
C TRP A 281 0.42 -39.79 -13.36
N LEU A 282 1.49 -40.54 -13.11
CA LEU A 282 2.83 -39.96 -13.04
C LEU A 282 3.17 -39.29 -14.35
N VAL A 283 3.50 -38.00 -14.29
CA VAL A 283 3.76 -37.23 -15.50
C VAL A 283 5.08 -37.69 -16.09
N GLY A 284 5.06 -38.08 -17.37
CA GLY A 284 6.24 -38.62 -17.99
C GLY A 284 6.63 -40.00 -17.51
N GLU A 285 5.82 -40.59 -16.62
CA GLU A 285 6.14 -41.87 -15.98
C GLU A 285 7.58 -41.85 -15.48
N VAL A 286 8.01 -40.68 -15.04
CA VAL A 286 9.28 -40.48 -14.38
C VAL A 286 9.05 -39.67 -13.11
N HIS A 287 9.94 -39.86 -12.15
CA HIS A 287 9.92 -39.15 -10.88
C HIS A 287 10.83 -37.95 -11.02
N ASN A 288 10.25 -36.78 -11.29
CA ASN A 288 11.03 -35.56 -11.57
C ASN A 288 10.20 -34.31 -11.24
N GLY A 289 9.59 -34.31 -10.06
CA GLY A 289 8.47 -33.45 -9.78
C GLY A 289 8.74 -31.96 -9.76
N ILE A 290 9.67 -31.51 -8.93
CA ILE A 290 9.90 -30.08 -8.81
C ILE A 290 10.39 -29.51 -10.13
N ALA A 291 11.19 -30.28 -10.88
CA ALA A 291 11.67 -29.82 -12.18
C ALA A 291 10.52 -29.64 -13.15
N GLN A 292 9.67 -30.66 -13.29
CA GLN A 292 8.48 -30.55 -14.13
C GLN A 292 7.59 -29.38 -13.69
N MET A 293 7.33 -29.26 -12.41
CA MET A 293 6.42 -28.24 -11.84
C MET A 293 6.97 -26.85 -12.14
N PHE A 294 8.27 -26.68 -12.21
CA PHE A 294 8.82 -25.35 -12.39
C PHE A 294 8.59 -24.84 -13.80
N ASP A 295 8.35 -25.70 -14.78
CA ASP A 295 7.85 -25.15 -16.04
C ASP A 295 6.59 -24.34 -15.79
N VAL A 296 5.70 -24.87 -14.94
CA VAL A 296 4.47 -24.14 -14.58
C VAL A 296 4.81 -22.91 -13.74
N ILE A 297 5.70 -23.08 -12.75
CA ILE A 297 5.99 -21.97 -11.85
C ILE A 297 6.58 -20.80 -12.62
N GLU A 298 7.42 -21.08 -13.61
CA GLU A 298 8.05 -20.00 -14.35
C GLU A 298 7.01 -19.17 -15.07
N GLN A 299 6.05 -19.84 -15.69
CA GLN A 299 4.95 -19.15 -16.36
C GLN A 299 4.13 -18.35 -15.36
N ALA A 300 3.83 -18.94 -14.20
CA ALA A 300 3.00 -18.24 -13.23
C ALA A 300 3.72 -17.01 -12.70
N ARG A 301 5.05 -17.07 -12.57
CA ARG A 301 5.79 -15.90 -12.09
C ARG A 301 5.79 -14.78 -13.14
N MET A 302 5.93 -15.14 -14.42
CA MET A 302 5.80 -14.14 -15.47
C MET A 302 4.42 -13.51 -15.44
N MET A 303 3.39 -14.33 -15.29
CA MET A 303 2.02 -13.85 -15.31
C MET A 303 1.75 -12.88 -14.15
N VAL A 304 2.21 -13.20 -12.95
CA VAL A 304 1.95 -12.35 -11.79
C VAL A 304 2.62 -11.01 -11.98
N GLY A 305 3.89 -11.01 -12.41
CA GLY A 305 4.55 -9.74 -12.69
C GLY A 305 3.83 -8.92 -13.75
N THR A 306 3.45 -9.56 -14.86
CA THR A 306 2.75 -8.84 -15.92
C THR A 306 1.40 -8.35 -15.45
N LYS A 307 0.78 -9.09 -14.53
CA LYS A 307 -0.49 -8.67 -13.95
C LYS A 307 -0.33 -7.38 -13.16
N ALA A 308 0.64 -7.36 -12.27
CA ALA A 308 0.90 -6.19 -11.45
C ALA A 308 1.18 -4.97 -12.32
N ILE A 309 2.01 -5.15 -13.38
CA ILE A 309 2.33 -4.05 -14.29
C ILE A 309 1.08 -3.61 -15.06
N ALA A 310 0.23 -4.57 -15.44
CA ALA A 310 -0.98 -4.21 -16.15
C ALA A 310 -1.90 -3.39 -15.28
N THR A 311 -1.95 -3.72 -13.99
CA THR A 311 -2.86 -3.06 -13.08
C THR A 311 -2.40 -1.66 -12.78
N LEU A 312 -1.09 -1.46 -12.60
CA LEU A 312 -0.58 -0.10 -12.42
C LEU A 312 -0.84 0.76 -13.66
N SER A 313 -0.65 0.19 -14.84
CA SER A 313 -0.87 0.96 -16.05
C SER A 313 -2.29 1.52 -16.09
N THR A 314 -3.30 0.66 -15.92
CA THR A 314 -4.67 1.17 -15.94
C THR A 314 -4.95 2.03 -14.72
N GLY A 315 -4.26 1.79 -13.60
CA GLY A 315 -4.38 2.69 -12.47
C GLY A 315 -3.88 4.10 -12.79
N TYR A 316 -2.69 4.19 -13.38
CA TYR A 316 -2.15 5.47 -13.81
C TYR A 316 -3.10 6.20 -14.77
N LEU A 317 -3.59 5.51 -15.79
CA LEU A 317 -4.34 6.20 -16.83
C LEU A 317 -5.65 6.70 -16.27
N ASN A 318 -6.25 5.93 -15.36
CA ASN A 318 -7.43 6.40 -14.63
C ASN A 318 -7.09 7.63 -13.82
N ALA A 319 -5.97 7.60 -13.09
CA ALA A 319 -5.59 8.76 -12.30
C ALA A 319 -5.37 9.97 -13.21
N LEU A 320 -4.63 9.79 -14.31
CA LEU A 320 -4.37 10.89 -15.24
C LEU A 320 -5.66 11.49 -15.78
N GLU A 321 -6.56 10.65 -16.30
CA GLU A 321 -7.83 11.15 -16.81
C GLU A 321 -8.57 11.95 -15.75
N TYR A 322 -8.62 11.44 -14.51
CA TYR A 322 -9.25 12.19 -13.42
C TYR A 322 -8.56 13.54 -13.22
N ALA A 323 -7.23 13.56 -13.15
CA ALA A 323 -6.55 14.81 -12.88
C ALA A 323 -6.82 15.85 -13.97
N LYS A 324 -6.98 15.41 -15.21
CA LYS A 324 -7.18 16.34 -16.30
C LYS A 324 -8.50 17.10 -16.17
N GLU A 325 -9.48 16.52 -15.51
CA GLU A 325 -10.80 17.11 -15.41
C GLU A 325 -11.07 17.79 -14.08
N ARG A 326 -10.33 17.44 -13.02
CA ARG A 326 -10.67 17.92 -11.68
C ARG A 326 -10.12 19.33 -11.48
N VAL A 327 -11.00 20.30 -11.29
CA VAL A 327 -10.61 21.67 -10.94
C VAL A 327 -10.51 21.76 -9.42
N GLN A 328 -9.41 22.35 -8.94
CA GLN A 328 -9.19 22.51 -7.51
C GLN A 328 -7.95 23.37 -7.26
N GLY A 329 -8.19 24.57 -6.72
CA GLY A 329 -7.12 25.45 -6.30
C GLY A 329 -6.71 26.41 -7.40
N ALA A 330 -5.84 27.34 -7.01
CA ALA A 330 -5.18 28.24 -7.93
C ALA A 330 -3.84 27.67 -8.37
N ASP A 331 -3.34 28.18 -9.49
CA ASP A 331 -1.97 27.92 -9.85
C ASP A 331 -1.05 28.37 -8.73
N MET A 332 0.01 27.59 -8.47
CA MET A 332 0.91 27.92 -7.37
C MET A 332 1.55 29.28 -7.53
N THR A 333 1.79 29.72 -8.77
CA THR A 333 2.29 31.08 -9.02
C THR A 333 1.30 32.17 -8.61
N GLN A 334 0.08 31.81 -8.21
CA GLN A 334 -0.91 32.76 -7.74
C GLN A 334 -1.49 32.35 -6.39
N MET A 335 -0.71 31.59 -5.60
CA MET A 335 -1.28 30.91 -4.44
C MET A 335 -1.82 31.87 -3.39
N THR A 336 -1.23 33.06 -3.30
CA THR A 336 -1.70 34.00 -2.29
C THR A 336 -2.96 34.73 -2.73
N ASP A 337 -3.28 34.72 -4.02
CA ASP A 337 -4.40 35.48 -4.58
C ASP A 337 -5.68 34.65 -4.57
N LYS A 338 -6.67 35.10 -3.81
CA LYS A 338 -7.87 34.28 -3.61
C LYS A 338 -8.99 34.59 -4.62
N THR A 339 -8.75 35.49 -5.57
CA THR A 339 -9.58 35.69 -6.75
C THR A 339 -8.96 35.07 -8.01
N ALA A 340 -7.75 34.50 -7.89
CA ALA A 340 -7.07 33.90 -9.03
C ALA A 340 -7.92 32.79 -9.66
N PRO A 341 -7.78 32.58 -10.97
CA PRO A 341 -8.51 31.48 -11.62
C PRO A 341 -8.15 30.11 -11.01
N ARG A 342 -9.19 29.31 -10.79
CA ARG A 342 -9.02 27.92 -10.43
C ARG A 342 -8.46 27.14 -11.62
N VAL A 343 -7.64 26.12 -11.33
CA VAL A 343 -7.01 25.30 -12.34
C VAL A 343 -7.29 23.81 -12.12
N THR A 344 -7.15 23.04 -13.20
CA THR A 344 -7.15 21.59 -13.07
C THR A 344 -5.88 21.12 -12.37
N ILE A 345 -5.98 20.00 -11.65
CA ILE A 345 -4.90 19.65 -10.73
C ILE A 345 -3.64 19.15 -11.42
N THR A 346 -3.71 18.86 -12.73
CA THR A 346 -2.47 18.64 -13.47
C THR A 346 -1.56 19.87 -13.43
N HIS A 347 -2.10 21.04 -13.10
CA HIS A 347 -1.27 22.24 -12.96
C HIS A 347 -0.48 22.27 -11.66
N HIS A 348 -0.69 21.33 -10.80
CA HIS A 348 -0.04 21.41 -9.48
C HIS A 348 1.23 20.58 -9.46
N PRO A 349 2.34 21.14 -8.99
CA PRO A 349 3.61 20.37 -8.99
C PRO A 349 3.54 18.99 -8.34
N ASP A 350 2.94 18.86 -7.15
CA ASP A 350 2.94 17.54 -6.51
C ASP A 350 2.17 16.53 -7.36
N VAL A 351 1.14 16.99 -8.07
CA VAL A 351 0.35 16.09 -8.89
C VAL A 351 1.12 15.67 -10.12
N ARG A 352 1.78 16.61 -10.76
CA ARG A 352 2.67 16.22 -11.87
C ARG A 352 3.81 15.33 -11.39
N ARG A 353 4.38 15.62 -10.22
CA ARG A 353 5.38 14.71 -9.66
C ARG A 353 4.77 13.32 -9.53
N SER A 354 3.54 13.25 -9.01
CA SER A 354 2.89 11.97 -8.79
C SER A 354 2.62 11.27 -10.10
N LEU A 355 2.06 12.01 -11.07
CA LEU A 355 1.73 11.42 -12.36
C LEU A 355 2.97 10.96 -13.09
N MET A 356 4.05 11.76 -13.09
CA MET A 356 5.28 11.34 -13.75
C MET A 356 5.88 10.12 -13.05
N THR A 357 5.79 10.04 -11.72
CA THR A 357 6.23 8.85 -11.00
C THR A 357 5.46 7.63 -11.46
N GLN A 358 4.13 7.76 -11.53
CA GLN A 358 3.31 6.65 -11.98
C GLN A 358 3.65 6.28 -13.43
N LYS A 359 3.76 7.28 -14.30
CA LYS A 359 4.03 7.04 -15.72
C LYS A 359 5.36 6.31 -15.92
N ALA A 360 6.43 6.83 -15.32
CA ALA A 360 7.76 6.28 -15.55
C ALA A 360 7.84 4.84 -15.04
N TYR A 361 7.22 4.54 -13.90
CA TYR A 361 7.30 3.17 -13.40
C TYR A 361 6.40 2.22 -14.19
N ALA A 362 5.22 2.68 -14.61
CA ALA A 362 4.37 1.85 -15.46
C ALA A 362 5.05 1.54 -16.79
N GLU A 363 5.53 2.58 -17.47
CA GLU A 363 6.17 2.38 -18.77
C GLU A 363 7.51 1.67 -18.61
N GLY A 364 8.27 2.00 -17.57
CA GLY A 364 9.49 1.25 -17.31
C GLY A 364 9.22 -0.22 -17.07
N LEU A 365 8.17 -0.52 -16.32
CA LEU A 365 7.86 -1.93 -16.06
C LEU A 365 7.37 -2.64 -17.31
N ARG A 366 6.53 -2.00 -18.11
CA ARG A 366 6.15 -2.61 -19.39
C ARG A 366 7.39 -2.96 -20.21
N ALA A 367 8.34 -2.02 -20.33
CA ALA A 367 9.58 -2.30 -21.05
C ALA A 367 10.31 -3.51 -20.45
N ILE A 368 10.38 -3.60 -19.13
CA ILE A 368 11.09 -4.74 -18.50
C ILE A 368 10.47 -6.07 -18.91
N TYR A 369 9.12 -6.21 -18.85
CA TYR A 369 8.55 -7.53 -19.10
C TYR A 369 8.59 -7.88 -20.58
N LEU A 370 8.39 -6.89 -21.45
CA LEU A 370 8.55 -7.17 -22.87
C LEU A 370 10.00 -7.51 -23.19
N TYR A 371 10.95 -6.77 -22.61
CA TYR A 371 12.37 -7.13 -22.75
C TYR A 371 12.66 -8.54 -22.21
N THR A 372 12.14 -8.88 -21.03
CA THR A 372 12.30 -10.25 -20.55
C THR A 372 11.74 -11.26 -21.56
N ALA A 373 10.61 -10.93 -22.18
CA ALA A 373 9.98 -11.85 -23.11
C ALA A 373 10.77 -12.00 -24.40
N THR A 374 11.59 -11.01 -24.78
CA THR A 374 12.38 -11.16 -26.00
C THR A 374 13.51 -12.18 -25.83
N PHE A 375 13.73 -12.71 -24.63
CA PHE A 375 14.70 -13.77 -24.40
C PHE A 375 14.04 -15.13 -24.21
N GLN A 376 12.71 -15.20 -24.27
CA GLN A 376 11.97 -16.45 -24.07
C GLN A 376 11.84 -17.28 -25.34
N ASP A 377 12.20 -16.73 -26.50
CA ASP A 377 12.22 -17.46 -27.76
C ASP A 377 13.65 -17.47 -28.24
N ALA A 378 14.20 -18.66 -28.52
CA ALA A 378 15.57 -18.71 -29.00
C ALA A 378 15.75 -17.86 -30.26
N GLU A 379 14.80 -17.96 -31.19
CA GLU A 379 14.94 -17.26 -32.45
C GLU A 379 14.75 -15.76 -32.31
N VAL A 380 13.83 -15.29 -31.48
CA VAL A 380 13.75 -13.84 -31.27
C VAL A 380 15.03 -13.33 -30.63
N ALA A 381 15.54 -14.06 -29.64
CA ALA A 381 16.75 -13.64 -28.93
C ALA A 381 17.94 -13.57 -29.89
N GLN A 382 18.10 -14.56 -30.76
CA GLN A 382 19.11 -14.46 -31.82
C GLN A 382 18.88 -13.20 -32.64
N ALA A 383 17.65 -13.04 -33.18
CA ALA A 383 17.40 -12.00 -34.17
C ALA A 383 17.47 -10.60 -33.58
N VAL A 384 16.96 -10.38 -32.36
CA VAL A 384 16.96 -9.02 -31.85
C VAL A 384 18.10 -8.75 -30.86
N HIS A 385 18.75 -9.79 -30.33
CA HIS A 385 19.84 -9.60 -29.37
C HIS A 385 21.15 -10.22 -29.80
N GLY A 386 21.15 -11.12 -30.76
CA GLY A 386 22.41 -11.73 -31.16
C GLY A 386 22.94 -12.71 -30.15
N VAL A 387 22.09 -13.23 -29.27
CA VAL A 387 22.52 -14.18 -28.27
C VAL A 387 21.98 -15.55 -28.64
N ASP A 388 22.75 -16.59 -28.31
CA ASP A 388 22.37 -17.96 -28.61
C ASP A 388 21.40 -18.50 -27.55
N GLY A 389 20.98 -19.75 -27.72
CA GLY A 389 19.91 -20.27 -26.88
C GLY A 389 20.31 -20.38 -25.43
N ASP A 390 21.55 -20.76 -25.16
CA ASP A 390 21.94 -20.97 -23.78
C ASP A 390 21.97 -19.67 -23.00
N LEU A 391 22.56 -18.62 -23.56
CA LEU A 391 22.58 -17.33 -22.88
C LEU A 391 21.17 -16.77 -22.74
N ALA A 392 20.36 -16.86 -23.78
CA ALA A 392 19.00 -16.34 -23.72
C ALA A 392 18.25 -16.92 -22.53
N ALA A 393 18.33 -18.26 -22.35
CA ALA A 393 17.59 -18.91 -21.27
C ALA A 393 18.03 -18.38 -19.91
N ARG A 394 19.33 -18.15 -19.76
CA ARG A 394 19.88 -17.68 -18.49
C ARG A 394 19.49 -16.23 -18.24
N VAL A 395 19.39 -15.44 -19.32
CA VAL A 395 18.98 -14.06 -19.17
C VAL A 395 17.49 -13.99 -18.82
N ASN A 396 16.68 -14.82 -19.47
CA ASN A 396 15.28 -14.91 -19.08
C ASN A 396 15.13 -15.31 -17.62
N ASP A 397 15.84 -16.35 -17.20
CA ASP A 397 15.75 -16.78 -15.80
C ASP A 397 16.24 -15.70 -14.85
N LEU A 398 17.21 -14.88 -15.27
CA LEU A 398 17.68 -13.79 -14.43
C LEU A 398 16.60 -12.75 -14.25
N LEU A 399 15.85 -12.47 -15.32
CA LEU A 399 14.89 -11.37 -15.33
C LEU A 399 13.55 -11.75 -14.72
N LEU A 400 13.21 -13.05 -14.67
CA LEU A 400 11.91 -13.43 -14.16
C LEU A 400 11.65 -12.96 -12.72
N PRO A 401 12.52 -13.22 -11.74
CA PRO A 401 12.27 -12.66 -10.39
C PRO A 401 12.24 -11.14 -10.36
N ILE A 402 12.75 -10.46 -11.39
CA ILE A 402 12.60 -9.02 -11.44
C ILE A 402 11.19 -8.65 -11.87
N VAL A 403 10.74 -9.22 -12.98
CA VAL A 403 9.35 -9.02 -13.40
C VAL A 403 8.40 -9.32 -12.25
N LYS A 404 8.59 -10.47 -11.61
CA LYS A 404 7.70 -10.91 -10.53
C LYS A 404 7.89 -10.09 -9.26
N GLY A 405 9.08 -10.09 -8.68
CA GLY A 405 9.29 -9.42 -7.40
C GLY A 405 9.30 -7.89 -7.52
N PHE A 406 10.12 -7.36 -8.41
CA PHE A 406 10.14 -5.90 -8.60
C PHE A 406 8.81 -5.39 -9.16
N GLY A 407 8.25 -6.11 -10.12
CA GLY A 407 6.94 -5.75 -10.65
C GLY A 407 5.84 -5.73 -9.60
N SER A 408 5.70 -6.82 -8.83
CA SER A 408 4.65 -6.91 -7.81
C SER A 408 4.80 -5.80 -6.79
N GLU A 409 6.05 -5.57 -6.33
CA GLU A 409 6.23 -4.63 -5.22
C GLU A 409 6.05 -3.19 -5.70
N THR A 410 6.59 -2.88 -6.88
CA THR A 410 6.54 -1.53 -7.40
C THR A 410 5.12 -1.14 -7.79
N ALA A 411 4.38 -2.06 -8.42
CA ALA A 411 3.03 -1.74 -8.87
C ALA A 411 2.13 -1.37 -7.69
N TYR A 412 2.17 -2.20 -6.64
CA TYR A 412 1.33 -1.93 -5.48
C TYR A 412 1.70 -0.60 -4.82
N ALA A 413 2.99 -0.31 -4.68
CA ALA A 413 3.41 0.95 -4.07
C ALA A 413 2.98 2.15 -4.90
N LYS A 414 3.15 2.09 -6.22
CA LYS A 414 2.83 3.26 -7.04
C LYS A 414 1.34 3.46 -7.25
N LEU A 415 0.53 2.40 -7.13
CA LEU A 415 -0.92 2.59 -7.16
C LEU A 415 -1.37 3.49 -6.04
N THR A 416 -0.59 3.59 -4.95
CA THR A 416 -0.90 4.53 -3.89
C THR A 416 -0.93 5.96 -4.42
N GLU A 417 0.01 6.29 -5.30
CA GLU A 417 0.03 7.60 -5.94
C GLU A 417 -1.17 7.77 -6.87
N SER A 418 -1.53 6.71 -7.60
CA SER A 418 -2.75 6.72 -8.40
C SER A 418 -3.98 7.05 -7.54
N LEU A 419 -4.17 6.34 -6.44
CA LEU A 419 -5.34 6.64 -5.61
C LEU A 419 -5.23 8.05 -5.02
N GLN A 420 -4.02 8.46 -4.60
CA GLN A 420 -3.83 9.81 -4.03
C GLN A 420 -4.29 10.88 -5.01
N THR A 421 -4.13 10.63 -6.31
CA THR A 421 -4.43 11.67 -7.28
C THR A 421 -5.90 12.01 -7.31
N LEU A 422 -6.76 11.09 -6.94
CA LEU A 422 -8.19 11.35 -6.90
C LEU A 422 -8.65 12.07 -5.64
N GLY A 423 -7.76 12.35 -4.69
CA GLY A 423 -8.24 12.91 -3.47
C GLY A 423 -9.17 11.93 -2.76
N GLY A 424 -10.04 12.48 -1.91
CA GLY A 424 -10.95 11.63 -1.14
C GLY A 424 -11.73 10.66 -2.00
N SER A 425 -12.05 11.04 -3.23
CA SER A 425 -12.80 10.13 -4.10
C SER A 425 -12.03 8.85 -4.43
N GLY A 426 -10.70 8.87 -4.32
CA GLY A 426 -9.92 7.64 -4.52
C GLY A 426 -10.25 6.54 -3.53
N PHE A 427 -10.72 6.90 -2.33
CA PHE A 427 -11.11 5.96 -1.29
C PHE A 427 -12.49 5.34 -1.53
N LEU A 428 -13.19 5.75 -2.59
CA LEU A 428 -14.51 5.26 -2.93
C LEU A 428 -14.44 4.06 -3.88
N GLN A 429 -15.38 3.12 -3.69
CA GLN A 429 -15.54 2.00 -4.61
C GLN A 429 -16.08 2.43 -5.95
N ASP A 430 -16.62 3.65 -6.03
CA ASP A 430 -17.08 4.23 -7.29
C ASP A 430 -15.97 4.30 -8.31
N TYR A 431 -14.74 4.43 -7.87
CA TYR A 431 -13.61 4.44 -8.76
C TYR A 431 -12.84 3.14 -8.61
N PRO A 432 -12.11 2.73 -9.65
CA PRO A 432 -11.51 1.39 -9.67
C PRO A 432 -10.21 1.27 -8.90
N ILE A 433 -9.61 2.36 -8.42
CA ILE A 433 -8.23 2.27 -7.96
C ILE A 433 -8.15 1.49 -6.64
N GLU A 434 -9.14 1.65 -5.75
CA GLU A 434 -9.02 0.91 -4.51
C GLU A 434 -9.13 -0.60 -4.76
N GLN A 435 -9.90 -1.00 -5.78
CA GLN A 435 -9.96 -2.42 -6.12
C GLN A 435 -8.64 -2.86 -6.77
N TYR A 436 -8.07 -2.02 -7.65
CA TYR A 436 -6.73 -2.30 -8.17
C TYR A 436 -5.77 -2.59 -7.02
N ILE A 437 -5.85 -1.81 -5.94
CA ILE A 437 -4.89 -1.95 -4.85
C ILE A 437 -5.10 -3.28 -4.14
N ARG A 438 -6.37 -3.64 -3.88
CA ARG A 438 -6.67 -4.87 -3.18
C ARG A 438 -6.39 -6.10 -4.05
N ASP A 439 -6.71 -6.02 -5.34
CA ASP A 439 -6.43 -7.12 -6.27
C ASP A 439 -4.93 -7.36 -6.44
N SER A 440 -4.12 -6.30 -6.35
CA SER A 440 -2.69 -6.43 -6.64
C SER A 440 -1.85 -6.75 -5.40
N LYS A 441 -2.39 -6.59 -4.19
CA LYS A 441 -1.64 -6.93 -2.99
C LYS A 441 -1.14 -8.39 -2.99
N ILE A 442 -1.91 -9.30 -3.58
CA ILE A 442 -1.51 -10.71 -3.63
C ILE A 442 -0.29 -10.96 -4.53
N ASP A 443 0.02 -10.05 -5.45
CA ASP A 443 1.12 -10.30 -6.38
C ASP A 443 2.47 -10.45 -5.69
N SER A 444 2.64 -9.89 -4.50
CA SER A 444 3.90 -10.08 -3.79
C SER A 444 3.97 -11.38 -3.00
N LEU A 445 2.95 -12.23 -3.09
CA LEU A 445 2.83 -13.37 -2.20
C LEU A 445 2.77 -14.70 -2.95
N TYR A 446 1.79 -14.89 -3.83
CA TYR A 446 1.70 -16.17 -4.50
C TYR A 446 2.72 -16.22 -5.64
N ALA A 447 2.88 -17.42 -6.20
CA ALA A 447 3.98 -17.77 -7.09
C ALA A 447 5.34 -17.47 -6.48
N GLY A 448 5.42 -17.40 -5.16
CA GLY A 448 6.65 -17.15 -4.42
C GLY A 448 6.73 -15.73 -3.91
N THR A 449 7.01 -15.57 -2.61
CA THR A 449 7.03 -14.26 -1.99
C THR A 449 8.25 -13.48 -2.47
N THR A 450 8.15 -12.15 -2.37
CA THR A 450 9.27 -11.30 -2.76
C THR A 450 10.58 -11.81 -2.20
N ALA A 451 10.58 -12.28 -0.95
CA ALA A 451 11.85 -12.72 -0.38
C ALA A 451 12.35 -13.95 -1.13
N ILE A 452 11.47 -14.86 -1.49
CA ILE A 452 11.87 -16.02 -2.28
C ILE A 452 12.39 -15.59 -3.64
N GLN A 453 11.75 -14.58 -4.26
CA GLN A 453 12.24 -14.08 -5.54
C GLN A 453 13.65 -13.50 -5.40
N ALA A 454 13.87 -12.73 -4.34
CA ALA A 454 15.16 -12.09 -4.14
C ALA A 454 16.25 -13.14 -3.92
N GLN A 455 15.92 -14.21 -3.23
CA GLN A 455 16.87 -15.27 -2.99
C GLN A 455 17.18 -16.08 -4.25
N ASP A 456 16.14 -16.42 -5.03
CA ASP A 456 16.36 -17.07 -6.31
C ASP A 456 17.21 -16.21 -7.22
N PHE A 457 16.93 -14.90 -7.25
CA PHE A 457 17.68 -14.00 -8.12
C PHE A 457 19.18 -14.05 -7.80
N PHE A 458 19.54 -13.98 -6.52
CA PHE A 458 20.95 -13.88 -6.16
C PHE A 458 21.64 -15.25 -6.12
N PHE A 459 21.07 -16.19 -5.38
CA PHE A 459 21.72 -17.48 -5.20
C PHE A 459 21.71 -18.29 -6.49
N ARG A 460 20.57 -18.33 -7.18
CA ARG A 460 20.45 -19.22 -8.32
C ARG A 460 20.72 -18.52 -9.64
N LYS A 461 20.22 -17.31 -9.83
CA LYS A 461 20.27 -16.62 -11.12
C LYS A 461 21.53 -15.80 -11.31
N ILE A 462 22.29 -15.56 -10.25
CA ILE A 462 23.58 -14.88 -10.33
C ILE A 462 24.70 -15.83 -9.88
N ILE A 463 24.73 -16.21 -8.61
CA ILE A 463 25.88 -16.95 -8.10
C ILE A 463 26.00 -18.29 -8.80
N ARG A 464 24.94 -19.10 -8.76
CA ARG A 464 25.01 -20.38 -9.42
C ARG A 464 25.30 -20.21 -10.90
N ASP A 465 24.77 -19.15 -11.52
CA ASP A 465 24.97 -18.82 -12.92
C ASP A 465 26.37 -18.33 -13.20
N LYS A 466 27.21 -18.17 -12.18
CA LYS A 466 28.53 -17.60 -12.33
C LYS A 466 28.49 -16.21 -12.98
N GLY A 467 27.37 -15.49 -12.80
CA GLY A 467 27.31 -14.11 -13.24
C GLY A 467 27.20 -13.88 -14.73
N GLN A 468 27.06 -14.93 -15.52
CA GLN A 468 27.04 -14.79 -16.97
C GLN A 468 25.86 -13.94 -17.43
N ALA A 469 24.64 -14.29 -17.00
CA ALA A 469 23.46 -13.52 -17.40
C ALA A 469 23.57 -12.07 -16.92
N LEU A 470 23.98 -11.86 -15.67
CA LEU A 470 24.13 -10.49 -15.17
C LEU A 470 25.23 -9.74 -15.93
N ALA A 471 26.33 -10.42 -16.23
CA ALA A 471 27.40 -9.74 -16.96
C ALA A 471 26.92 -9.34 -18.34
N TYR A 472 26.10 -10.17 -18.99
CA TYR A 472 25.53 -9.77 -20.27
C TYR A 472 24.67 -8.50 -20.12
N VAL A 473 23.73 -8.49 -19.17
CA VAL A 473 22.83 -7.34 -19.08
C VAL A 473 23.62 -6.07 -18.77
N ALA A 474 24.52 -6.15 -17.79
CA ALA A 474 25.31 -4.99 -17.42
C ALA A 474 26.13 -4.47 -18.60
N GLY A 475 26.58 -5.38 -19.47
CA GLY A 475 27.36 -4.96 -20.61
C GLY A 475 26.51 -4.23 -21.64
N GLU A 476 25.25 -4.61 -21.77
CA GLU A 476 24.34 -3.83 -22.64
C GLU A 476 24.07 -2.44 -22.08
N ILE A 477 23.97 -2.31 -20.75
CA ILE A 477 23.79 -0.99 -20.14
C ILE A 477 25.03 -0.14 -20.37
N GLU A 478 26.20 -0.73 -20.16
CA GLU A 478 27.47 -0.03 -20.34
C GLU A 478 27.61 0.47 -21.78
N GLN A 479 27.23 -0.35 -22.76
CA GLN A 479 27.32 0.12 -24.13
C GLN A 479 26.44 1.35 -24.34
N PHE A 480 25.19 1.30 -23.88
CA PHE A 480 24.32 2.45 -24.03
C PHE A 480 24.95 3.70 -23.41
N ILE A 481 25.58 3.53 -22.25
CA ILE A 481 26.19 4.66 -21.55
C ILE A 481 27.35 5.27 -22.36
N LYS A 482 28.09 4.43 -23.09
CA LYS A 482 29.25 4.94 -23.83
C LYS A 482 28.88 5.62 -25.14
N ASN A 483 27.74 5.30 -25.74
CA ASN A 483 27.23 6.01 -26.92
C ASN A 483 28.22 5.94 -28.06
N GLY A 488 24.04 13.65 -26.52
CA GLY A 488 24.12 14.99 -25.97
C GLY A 488 22.95 15.43 -25.09
N ARG A 489 21.75 15.50 -25.68
CA ARG A 489 20.55 15.69 -24.88
C ARG A 489 20.41 14.62 -23.79
N LEU A 490 21.03 13.42 -23.95
CA LEU A 490 20.92 12.35 -22.95
C LEU A 490 22.20 12.16 -22.14
N LYS A 491 23.07 13.17 -22.09
CA LYS A 491 24.33 13.04 -21.35
C LYS A 491 24.08 12.94 -19.84
N THR A 492 23.22 13.78 -19.29
CA THR A 492 22.95 13.67 -17.87
C THR A 492 22.38 12.30 -17.54
N GLU A 493 21.42 11.83 -18.33
CA GLU A 493 20.82 10.52 -18.05
C GLU A 493 21.90 9.45 -18.07
N ARG A 494 22.82 9.52 -19.04
CA ARG A 494 23.85 8.49 -19.14
C ARG A 494 24.78 8.59 -17.94
N GLU A 495 25.10 9.80 -17.50
CA GLU A 495 25.96 9.94 -16.33
C GLU A 495 25.26 9.35 -15.11
N LEU A 496 23.97 9.61 -14.96
CA LEU A 496 23.26 9.05 -13.81
C LEU A 496 23.15 7.54 -13.93
N LEU A 497 22.94 7.02 -15.14
CA LEU A 497 22.93 5.59 -15.30
C LEU A 497 24.27 4.97 -14.96
N ALA A 498 25.37 5.66 -15.30
CA ALA A 498 26.69 5.15 -14.96
C ALA A 498 26.81 4.94 -13.46
N THR A 499 26.38 5.93 -12.68
CA THR A 499 26.40 5.82 -11.23
C THR A 499 25.54 4.66 -10.74
N ALA A 500 24.32 4.52 -11.30
CA ALA A 500 23.42 3.45 -10.89
C ALA A 500 24.04 2.09 -11.17
N LEU A 501 24.68 1.94 -12.33
CA LEU A 501 25.31 0.67 -12.67
C LEU A 501 26.41 0.34 -11.67
N ALA A 502 27.31 1.28 -11.43
CA ALA A 502 28.36 1.06 -10.44
C ALA A 502 27.76 0.72 -9.07
N ASP A 503 26.74 1.47 -8.66
CA ASP A 503 26.05 1.16 -7.40
C ASP A 503 25.57 -0.29 -7.35
N VAL A 504 24.93 -0.76 -8.42
CA VAL A 504 24.47 -2.15 -8.43
C VAL A 504 25.64 -3.12 -8.43
N GLN A 505 26.72 -2.83 -9.18
CA GLN A 505 27.89 -3.71 -9.13
C GLN A 505 28.49 -3.72 -7.73
N GLY A 506 28.51 -2.57 -7.06
CA GLY A 506 28.99 -2.54 -5.68
C GLY A 506 28.18 -3.41 -4.76
N MET A 507 26.84 -3.35 -4.91
CA MET A 507 25.99 -4.16 -4.05
C MET A 507 26.19 -5.63 -4.31
N ALA A 508 26.23 -6.02 -5.59
CA ALA A 508 26.49 -7.40 -5.98
C ALA A 508 27.78 -7.89 -5.34
N ALA A 509 28.83 -7.07 -5.40
CA ALA A 509 30.12 -7.46 -4.83
C ALA A 509 30.06 -7.56 -3.31
N SER A 510 29.38 -6.63 -2.63
CA SER A 510 29.26 -6.75 -1.17
C SER A 510 28.55 -8.04 -0.78
N LEU A 511 27.42 -8.33 -1.44
CA LEU A 511 26.67 -9.55 -1.10
C LEU A 511 27.46 -10.81 -1.42
N THR A 512 28.14 -10.84 -2.58
CA THR A 512 29.00 -11.97 -2.91
C THR A 512 30.04 -12.19 -1.81
N GLY A 513 30.67 -11.12 -1.35
CA GLY A 513 31.58 -11.26 -0.22
C GLY A 513 30.95 -11.86 1.02
N TYR A 514 29.74 -11.39 1.37
CA TYR A 514 29.05 -11.93 2.54
C TYR A 514 28.82 -13.42 2.37
N LEU A 515 28.48 -13.86 1.16
CA LEU A 515 28.19 -15.27 0.92
C LEU A 515 29.46 -16.09 1.00
N MET A 516 30.52 -15.66 0.33
CA MET A 516 31.81 -16.36 0.28
C MET A 516 32.43 -16.39 1.69
N ALA A 517 32.33 -15.34 2.47
CA ALA A 517 32.83 -15.36 3.85
C ALA A 517 32.08 -16.36 4.73
N ALA A 518 30.93 -16.89 4.28
CA ALA A 518 30.19 -17.81 5.14
C ALA A 518 30.89 -19.15 5.29
N GLN A 519 31.81 -19.49 4.38
CA GLN A 519 32.54 -20.75 4.53
C GLN A 519 33.32 -20.78 5.84
N GLU A 520 33.91 -19.64 6.23
CA GLU A 520 34.70 -19.51 7.43
C GLU A 520 33.92 -18.91 8.61
N ASP A 521 32.71 -18.42 8.35
CA ASP A 521 31.89 -17.78 9.39
C ASP A 521 30.43 -17.87 8.94
N ALA A 522 29.83 -19.02 9.25
CA ALA A 522 28.47 -19.33 8.81
C ALA A 522 27.50 -18.15 8.87
N ALA A 523 27.49 -17.40 9.99
CA ALA A 523 26.49 -16.35 10.15
C ALA A 523 26.65 -15.22 9.13
N SER A 524 27.77 -15.16 8.43
CA SER A 524 27.94 -14.18 7.37
C SER A 524 26.84 -14.28 6.33
N ILE A 525 26.31 -15.48 6.09
CA ILE A 525 25.28 -15.61 5.07
C ILE A 525 24.03 -14.81 5.41
N TYR A 526 23.83 -14.49 6.68
CA TYR A 526 22.63 -13.74 7.05
C TYR A 526 22.63 -12.36 6.40
N LYS A 527 23.81 -11.77 6.17
CA LYS A 527 23.85 -10.45 5.56
C LYS A 527 23.34 -10.50 4.13
N VAL A 528 23.59 -11.61 3.45
CA VAL A 528 23.00 -11.84 2.15
C VAL A 528 21.48 -11.72 2.25
N GLY A 529 20.89 -12.39 3.25
CA GLY A 529 19.44 -12.37 3.37
C GLY A 529 18.92 -10.98 3.66
N LEU A 530 19.58 -10.30 4.60
CA LEU A 530 19.24 -8.93 4.95
C LEU A 530 19.26 -8.01 3.74
N GLY A 531 20.12 -8.29 2.76
CA GLY A 531 20.25 -7.38 1.63
C GLY A 531 19.53 -7.78 0.36
N SER A 532 19.01 -9.01 0.30
CA SER A 532 18.63 -9.58 -1.00
C SER A 532 17.53 -8.77 -1.64
N VAL A 533 16.50 -8.43 -0.89
CA VAL A 533 15.36 -7.76 -1.51
C VAL A 533 15.76 -6.37 -1.99
N ARG A 534 16.46 -5.61 -1.16
CA ARG A 534 16.88 -4.28 -1.61
C ARG A 534 17.73 -4.36 -2.87
N PHE A 535 18.49 -5.44 -3.01
CA PHE A 535 19.34 -5.62 -4.18
C PHE A 535 18.47 -5.90 -5.40
N LEU A 536 17.48 -6.78 -5.26
CA LEU A 536 16.54 -7.05 -6.34
C LEU A 536 15.83 -5.77 -6.76
N MET A 537 15.41 -4.98 -5.80
CA MET A 537 14.67 -3.78 -6.17
C MET A 537 15.59 -2.83 -6.90
N ALA A 538 16.86 -2.75 -6.49
CA ALA A 538 17.82 -1.85 -7.12
C ALA A 538 18.04 -2.23 -8.59
N VAL A 539 18.26 -3.53 -8.85
CA VAL A 539 18.42 -3.95 -10.23
C VAL A 539 17.19 -3.56 -11.04
N GLY A 540 16.01 -3.67 -10.44
CA GLY A 540 14.78 -3.27 -11.12
C GLY A 540 14.77 -1.81 -11.48
N ASP A 541 15.14 -0.94 -10.52
CA ASP A 541 15.29 0.49 -10.77
C ASP A 541 16.33 0.73 -11.87
N LEU A 542 17.47 0.03 -11.81
CA LEU A 542 18.50 0.20 -12.84
C LEU A 542 17.95 -0.15 -14.23
N LEU A 543 17.28 -1.30 -14.36
CA LEU A 543 16.69 -1.69 -15.64
C LEU A 543 15.65 -0.70 -16.12
N SER A 544 14.77 -0.24 -15.23
CA SER A 544 13.78 0.74 -15.63
C SER A 544 14.46 1.98 -16.18
N GLY A 545 15.49 2.45 -15.49
CA GLY A 545 16.15 3.66 -15.91
C GLY A 545 16.81 3.49 -17.26
N TRP A 546 17.45 2.34 -17.47
CA TRP A 546 18.12 2.07 -18.75
C TRP A 546 17.11 2.02 -19.88
N LEU A 547 16.06 1.21 -19.72
CA LEU A 547 15.09 1.02 -20.79
C LEU A 547 14.32 2.31 -21.10
N LEU A 548 14.01 3.09 -20.09
CA LEU A 548 13.39 4.39 -20.37
C LEU A 548 14.35 5.29 -21.16
N ALA A 549 15.61 5.33 -20.74
CA ALA A 549 16.60 6.11 -21.49
C ALA A 549 16.76 5.59 -22.92
N ARG A 550 16.69 4.28 -23.13
CA ARG A 550 16.68 3.74 -24.49
C ARG A 550 15.46 4.25 -25.25
N GLN A 551 14.29 4.23 -24.60
CA GLN A 551 13.08 4.75 -25.22
C GLN A 551 13.24 6.21 -25.62
N ALA A 552 13.86 7.00 -24.73
CA ALA A 552 14.08 8.41 -24.99
C ALA A 552 14.98 8.61 -26.20
N ALA A 553 15.99 7.75 -26.35
CA ALA A 553 16.88 7.82 -27.51
C ALA A 553 16.12 7.57 -28.80
N VAL A 554 15.24 6.57 -28.81
CA VAL A 554 14.40 6.38 -29.99
C VAL A 554 13.51 7.61 -30.18
N ALA A 555 12.94 8.13 -29.08
CA ALA A 555 12.04 9.26 -29.20
C ALA A 555 12.74 10.48 -29.79
N ILE A 556 13.99 10.70 -29.41
CA ILE A 556 14.77 11.78 -30.01
C ILE A 556 14.91 11.59 -31.50
N GLU A 557 15.28 10.37 -31.92
CA GLU A 557 15.45 10.09 -33.35
C GLU A 557 14.15 10.36 -34.11
N LYS A 558 13.02 9.96 -33.52
CA LYS A 558 11.73 10.11 -34.18
C LYS A 558 11.30 11.57 -34.26
N LEU A 559 11.59 12.37 -33.21
CA LEU A 559 11.23 13.78 -33.26
C LEU A 559 12.09 14.50 -34.28
N ASP A 560 13.41 14.25 -34.25
CA ASP A 560 14.33 14.79 -35.25
C ASP A 560 13.85 14.47 -36.65
N ALA A 561 13.25 13.30 -36.87
CA ALA A 561 12.79 12.93 -38.20
C ALA A 561 11.45 13.54 -38.58
N GLY A 562 10.81 14.25 -37.67
CA GLY A 562 9.61 15.01 -37.99
C GLY A 562 8.31 14.58 -37.36
N ALA A 563 8.33 13.83 -36.26
CA ALA A 563 7.08 13.38 -35.69
C ALA A 563 6.22 14.58 -35.34
N THR A 564 4.91 14.43 -35.49
CA THR A 564 3.96 15.51 -35.24
C THR A 564 2.78 14.98 -34.42
N GLY A 565 1.98 15.89 -33.89
CA GLY A 565 0.67 15.48 -33.37
C GLY A 565 0.79 14.51 -32.22
N ALA A 566 -0.11 13.54 -32.19
CA ALA A 566 -0.16 12.62 -31.06
C ALA A 566 1.12 11.81 -30.95
N ASP A 567 1.77 11.52 -32.09
CA ASP A 567 3.04 10.81 -32.01
C ASP A 567 4.06 11.67 -31.28
N LYS A 568 4.10 12.96 -31.61
CA LYS A 568 5.09 13.86 -31.05
C LYS A 568 4.90 13.99 -29.54
N SER A 569 3.64 14.07 -29.09
CA SER A 569 3.38 14.11 -27.65
C SER A 569 3.89 12.85 -26.95
N PHE A 570 3.65 11.67 -27.55
CA PHE A 570 4.12 10.40 -27.00
C PHE A 570 5.63 10.41 -26.84
N TYR A 571 6.35 10.75 -27.92
CA TYR A 571 7.80 10.81 -27.87
C TYR A 571 8.30 11.81 -26.83
N GLU A 572 7.61 12.95 -26.71
CA GLU A 572 8.00 13.96 -25.72
C GLU A 572 7.87 13.42 -24.30
N GLY A 573 6.84 12.64 -24.03
CA GLY A 573 6.69 12.07 -22.70
C GLY A 573 7.75 11.02 -22.40
N LYS A 574 8.23 10.30 -23.41
CA LYS A 574 9.31 9.35 -23.16
C LYS A 574 10.58 10.08 -22.71
N ILE A 575 10.88 11.20 -23.35
CA ILE A 575 12.06 11.97 -22.96
C ILE A 575 11.89 12.44 -21.53
N ALA A 576 10.71 13.00 -21.23
CA ALA A 576 10.44 13.51 -19.88
C ALA A 576 10.54 12.40 -18.83
N ALA A 577 9.92 11.25 -19.09
CA ALA A 577 9.90 10.19 -18.10
C ALA A 577 11.31 9.66 -17.81
N ALA A 578 12.10 9.46 -18.87
CA ALA A 578 13.46 8.97 -18.74
C ALA A 578 14.30 9.93 -17.92
N SER A 579 14.18 11.21 -18.20
CA SER A 579 14.92 12.21 -17.45
C SER A 579 14.47 12.25 -16.00
N PHE A 580 13.16 12.33 -15.79
CA PHE A 580 12.65 12.32 -14.43
C PHE A 580 13.09 11.06 -13.69
N PHE A 581 13.03 9.89 -14.32
CA PHE A 581 13.40 8.68 -13.59
C PHE A 581 14.87 8.72 -13.20
N ALA A 582 15.72 9.21 -14.11
CA ALA A 582 17.16 9.29 -13.83
C ALA A 582 17.45 10.27 -12.70
N LYS A 583 16.71 11.38 -12.63
CA LYS A 583 17.03 12.41 -11.66
C LYS A 583 16.36 12.24 -10.31
N ASN A 584 15.30 11.41 -10.23
CA ASN A 584 14.51 11.28 -9.02
C ASN A 584 14.50 9.88 -8.41
N MET A 585 14.77 8.84 -9.18
CA MET A 585 14.78 7.49 -8.67
C MET A 585 16.19 6.94 -8.55
N LEU A 586 16.98 7.08 -9.58
CA LEU A 586 18.26 6.39 -9.64
C LEU A 586 19.24 6.82 -8.56
N PRO A 587 19.37 8.09 -8.20
CA PRO A 587 20.40 8.46 -7.22
C PRO A 587 20.28 7.77 -5.89
N LEU A 588 19.06 7.36 -5.49
CA LEU A 588 18.86 6.71 -4.20
C LEU A 588 19.59 5.37 -4.14
N LEU A 589 19.97 4.81 -5.29
CA LEU A 589 20.73 3.55 -5.29
C LEU A 589 22.10 3.71 -4.64
N THR A 590 22.66 4.92 -4.69
CA THR A 590 23.94 5.16 -4.04
C THR A 590 23.84 4.97 -2.53
N SER A 591 22.84 5.59 -1.90
CA SER A 591 22.65 5.39 -0.47
C SER A 591 22.36 3.94 -0.16
N THR A 592 21.61 3.27 -1.04
CA THR A 592 21.30 1.86 -0.84
C THR A 592 22.56 1.02 -0.93
N ARG A 593 23.45 1.32 -1.87
CA ARG A 593 24.71 0.59 -1.90
C ARG A 593 25.46 0.77 -0.58
N GLN A 594 25.55 2.01 -0.11
CA GLN A 594 26.31 2.25 1.10
C GLN A 594 25.68 1.54 2.28
N ILE A 595 24.35 1.44 2.29
CA ILE A 595 23.68 0.74 3.38
C ILE A 595 24.03 -0.74 3.33
N ILE A 596 24.05 -1.32 2.11
CA ILE A 596 24.31 -2.75 1.97
C ILE A 596 25.78 -3.05 2.30
N GLU A 597 26.66 -2.11 2.01
CA GLU A 597 28.05 -2.25 2.38
C GLU A 597 28.31 -2.21 3.88
N ASN A 598 27.34 -1.80 4.71
CA ASN A 598 27.53 -1.74 6.15
C ASN A 598 26.58 -2.64 6.93
N LEU A 599 25.87 -3.54 6.27
CA LEU A 599 25.03 -4.51 6.96
C LEU A 599 25.80 -5.29 8.02
N ASP A 600 25.15 -5.53 9.17
CA ASP A 600 25.75 -6.30 10.23
C ASP A 600 24.68 -7.22 10.82
N ASN A 601 25.12 -8.12 11.70
CA ASN A 601 24.26 -9.15 12.24
C ASN A 601 23.66 -8.80 13.60
N ASP A 602 23.73 -7.54 14.02
CA ASP A 602 23.06 -7.13 15.25
C ASP A 602 21.58 -7.57 15.26
N VAL A 603 20.86 -7.32 14.18
CA VAL A 603 19.45 -7.66 14.16
C VAL A 603 19.22 -9.16 14.19
N MET A 604 20.25 -9.96 13.83
CA MET A 604 20.13 -11.41 13.89
C MET A 604 20.45 -11.97 15.27
N GLU A 605 21.33 -11.30 16.03
CA GLU A 605 21.73 -11.75 17.36
C GLU A 605 20.72 -11.37 18.44
N LEU A 606 19.92 -10.33 18.23
CA LEU A 606 18.93 -9.88 19.20
C LEU A 606 17.98 -11.00 19.61
N ASP A 607 17.68 -11.06 20.90
CA ASP A 607 16.68 -12.02 21.39
C ASP A 607 15.35 -11.78 20.69
N GLU A 608 14.71 -12.86 20.27
CA GLU A 608 13.34 -12.75 19.77
C GLU A 608 12.45 -11.94 20.72
N ALA A 609 12.68 -12.07 22.03
CA ALA A 609 11.81 -11.42 23.03
C ALA A 609 11.93 -9.90 23.00
N ALA A 610 13.00 -9.37 22.42
CA ALA A 610 13.19 -7.92 22.39
C ALA A 610 12.37 -7.24 21.30
N PHE A 611 11.76 -8.00 20.39
CA PHE A 611 10.93 -7.43 19.33
C PHE A 611 9.60 -6.96 19.96
N SER B 2 -10.46 -10.03 18.94
CA SER B 2 -9.20 -9.97 19.69
C SER B 2 -8.05 -9.69 18.71
N HIS B 3 -8.36 -9.01 17.62
CA HIS B 3 -7.34 -8.52 16.69
C HIS B 3 -6.41 -7.51 17.35
N TYR B 4 -6.93 -6.72 18.27
CA TYR B 4 -6.18 -5.55 18.75
C TYR B 4 -5.11 -5.97 19.78
N LYS B 5 -3.87 -5.62 19.49
CA LYS B 5 -2.74 -5.89 20.37
C LYS B 5 -2.17 -4.54 20.79
N SER B 6 -2.28 -4.23 22.09
CA SER B 6 -1.89 -2.93 22.64
C SER B 6 -0.41 -2.95 23.06
N ASN B 7 0.10 -1.78 23.37
CA ASN B 7 1.44 -1.60 23.91
C ASN B 7 1.46 -0.48 24.96
N VAL B 8 0.80 -0.74 26.09
CA VAL B 8 0.85 0.21 27.19
C VAL B 8 2.28 0.38 27.70
N ARG B 9 3.07 -0.71 27.69
CA ARG B 9 4.42 -0.63 28.22
C ARG B 9 5.23 0.45 27.50
N ASP B 10 5.15 0.49 26.17
CA ASP B 10 5.88 1.51 25.39
C ASP B 10 5.33 2.91 25.64
N GLN B 11 4.02 3.02 25.85
CA GLN B 11 3.43 4.32 26.12
C GLN B 11 3.99 4.88 27.43
N VAL B 12 3.97 4.07 28.48
CA VAL B 12 4.47 4.51 29.78
C VAL B 12 5.96 4.81 29.71
N PHE B 13 6.71 3.95 29.00
CA PHE B 13 8.14 4.21 28.80
C PHE B 13 8.33 5.62 28.25
N ASN B 14 7.59 5.98 27.18
CA ASN B 14 7.69 7.32 26.60
C ASN B 14 7.22 8.39 27.61
N LEU B 15 6.01 8.24 28.13
CA LEU B 15 5.44 9.29 28.96
C LEU B 15 6.30 9.62 30.17
N PHE B 16 6.93 8.62 30.79
CA PHE B 16 7.65 8.85 32.04
C PHE B 16 9.16 8.73 31.87
N GLU B 17 9.68 7.64 31.34
CA GLU B 17 11.12 7.48 31.32
C GLU B 17 11.79 8.37 30.28
N VAL B 18 11.11 8.72 29.19
CA VAL B 18 11.74 9.53 28.16
C VAL B 18 11.36 11.00 28.31
N PHE B 19 10.07 11.30 28.41
CA PHE B 19 9.66 12.69 28.37
C PHE B 19 9.34 13.28 29.75
N GLY B 20 9.14 12.43 30.76
CA GLY B 20 8.93 12.91 32.11
C GLY B 20 7.63 13.64 32.37
N VAL B 21 6.53 13.18 31.76
CA VAL B 21 5.23 13.79 31.97
C VAL B 21 4.75 13.58 33.40
N ASP B 22 5.30 12.59 34.09
CA ASP B 22 4.95 12.43 35.49
C ASP B 22 5.39 13.62 36.32
N LYS B 23 6.24 14.51 35.79
CA LYS B 23 6.71 15.65 36.57
C LYS B 23 5.59 16.61 36.91
N VAL B 24 4.59 16.75 36.03
CA VAL B 24 3.46 17.61 36.32
C VAL B 24 2.26 16.88 36.94
N LEU B 25 2.31 15.56 37.03
CA LEU B 25 1.19 14.76 37.58
C LEU B 25 1.14 14.98 39.10
N GLY B 26 -0.03 15.28 39.67
CA GLY B 26 -0.21 15.60 41.10
C GLY B 26 0.11 17.05 41.40
N ALA B 27 0.41 17.89 40.43
CA ALA B 27 0.68 19.31 40.77
C ALA B 27 -0.20 20.26 39.95
N ASP B 28 -0.58 21.40 40.53
CA ASP B 28 -1.36 22.48 39.87
C ASP B 28 -2.63 21.91 39.21
N LYS B 29 -2.81 21.95 37.88
CA LYS B 29 -4.02 21.58 37.11
C LYS B 29 -4.30 20.07 37.20
N PHE B 30 -3.28 19.27 37.49
CA PHE B 30 -3.39 17.82 37.52
C PHE B 30 -3.25 17.27 38.93
N SER B 31 -3.85 17.94 39.91
CA SER B 31 -3.57 17.60 41.31
C SER B 31 -4.14 16.25 41.71
N ASP B 32 -5.28 15.84 41.14
CA ASP B 32 -5.92 14.57 41.51
C ASP B 32 -5.49 13.40 40.65
N LEU B 33 -4.50 13.58 39.78
CA LEU B 33 -4.00 12.50 38.94
C LEU B 33 -2.51 12.34 39.19
N ASP B 34 -2.13 11.25 39.86
CA ASP B 34 -0.73 10.90 40.03
C ASP B 34 -0.34 9.83 38.99
N ALA B 35 0.95 9.50 39.00
CA ALA B 35 1.50 8.61 37.98
C ALA B 35 0.86 7.24 38.06
N ASP B 36 0.50 6.81 39.27
CA ASP B 36 -0.15 5.51 39.42
C ASP B 36 -1.51 5.51 38.74
N THR B 37 -2.32 6.53 39.01
CA THR B 37 -3.63 6.56 38.39
C THR B 37 -3.52 6.63 36.87
N ALA B 38 -2.58 7.44 36.38
CA ALA B 38 -2.36 7.54 34.93
C ALA B 38 -2.10 6.15 34.34
N ARG B 39 -1.26 5.36 35.02
CA ARG B 39 -0.88 4.04 34.54
C ARG B 39 -2.09 3.11 34.54
N GLU B 40 -2.98 3.26 35.54
CA GLU B 40 -4.16 2.41 35.64
C GLU B 40 -5.18 2.80 34.58
N MET B 41 -5.28 4.07 34.27
CA MET B 41 -6.18 4.57 33.22
C MET B 41 -5.76 3.92 31.89
N LEU B 42 -4.46 3.90 31.58
CA LEU B 42 -3.96 3.29 30.35
C LEU B 42 -4.27 1.80 30.30
N THR B 43 -3.89 1.08 31.35
CA THR B 43 -4.17 -0.35 31.39
C THR B 43 -5.66 -0.62 31.23
N GLU B 44 -6.49 0.21 31.87
CA GLU B 44 -7.94 0.02 31.83
C GLU B 44 -8.50 0.21 30.42
N ILE B 45 -8.14 1.30 29.75
CA ILE B 45 -8.74 1.48 28.42
C ILE B 45 -8.11 0.49 27.44
N ALA B 46 -6.86 0.10 27.67
CA ALA B 46 -6.26 -0.93 26.83
C ALA B 46 -7.05 -2.23 26.94
N ARG B 47 -7.45 -2.61 28.17
CA ARG B 47 -8.27 -3.80 28.34
C ARG B 47 -9.62 -3.67 27.67
N LEU B 48 -10.26 -2.51 27.81
CA LEU B 48 -11.54 -2.25 27.16
C LEU B 48 -11.39 -2.29 25.66
N ALA B 49 -10.34 -1.65 25.13
CA ALA B 49 -10.10 -1.65 23.69
C ALA B 49 -9.93 -3.07 23.17
N GLU B 50 -9.10 -3.87 23.85
CA GLU B 50 -8.85 -5.24 23.40
C GLU B 50 -10.08 -6.13 23.55
N GLY B 51 -10.99 -5.80 24.44
CA GLY B 51 -12.17 -6.60 24.59
C GLY B 51 -13.35 -6.01 23.84
N PRO B 52 -14.26 -5.36 24.59
CA PRO B 52 -15.48 -4.87 23.97
C PRO B 52 -15.29 -4.00 22.75
N ILE B 53 -14.30 -3.09 22.69
CA ILE B 53 -14.22 -2.21 21.53
C ILE B 53 -13.78 -2.99 20.30
N ALA B 54 -12.67 -3.71 20.41
CA ALA B 54 -12.18 -4.55 19.31
C ALA B 54 -13.18 -5.62 18.88
N GLU B 55 -14.09 -6.01 19.77
CA GLU B 55 -14.99 -7.11 19.47
C GLU B 55 -15.79 -6.89 18.18
N SER B 56 -16.13 -5.65 17.85
CA SER B 56 -16.94 -5.36 16.66
C SER B 56 -16.14 -4.79 15.47
N PHE B 57 -14.81 -4.87 15.52
CA PHE B 57 -13.98 -4.32 14.43
C PHE B 57 -14.31 -4.97 13.11
N VAL B 58 -14.36 -6.30 13.11
CA VAL B 58 -14.71 -7.05 11.92
C VAL B 58 -16.18 -6.83 11.56
N GLU B 59 -17.07 -6.89 12.55
CA GLU B 59 -18.49 -6.75 12.26
C GLU B 59 -18.78 -5.47 11.52
N GLY B 60 -18.16 -4.37 11.95
CA GLY B 60 -18.43 -3.10 11.31
C GLY B 60 -17.98 -3.09 9.86
N ASP B 61 -16.91 -3.81 9.55
CA ASP B 61 -16.44 -3.87 8.17
C ASP B 61 -17.35 -4.76 7.33
N ARG B 62 -17.76 -5.91 7.88
CA ARG B 62 -18.52 -6.89 7.12
C ARG B 62 -19.99 -6.56 7.05
N ASN B 63 -20.49 -5.76 7.98
CA ASN B 63 -21.91 -5.41 8.11
C ASN B 63 -22.05 -3.90 8.23
N PRO B 64 -21.74 -3.17 7.18
CA PRO B 64 -21.61 -1.71 7.31
C PRO B 64 -22.97 -1.04 7.45
N PRO B 65 -23.00 0.23 7.85
CA PRO B 65 -24.29 0.91 8.02
C PRO B 65 -25.14 0.86 6.75
N VAL B 66 -26.45 0.83 6.97
CA VAL B 66 -27.44 0.86 5.89
C VAL B 66 -28.21 2.15 5.99
N PHE B 67 -28.33 2.83 4.85
CA PHE B 67 -29.00 4.12 4.71
C PHE B 67 -30.46 3.94 4.27
N ASP B 68 -31.37 4.58 5.01
CA ASP B 68 -32.73 4.75 4.53
C ASP B 68 -32.86 6.13 3.92
N PRO B 69 -32.96 6.25 2.60
CA PRO B 69 -33.09 7.59 2.00
C PRO B 69 -34.40 8.30 2.36
N GLU B 70 -35.45 7.57 2.75
CA GLU B 70 -36.73 8.21 3.04
C GLU B 70 -36.70 8.87 4.41
N THR B 71 -36.08 8.23 5.38
CA THR B 71 -35.91 8.84 6.70
C THR B 71 -34.65 9.67 6.81
N HIS B 72 -33.71 9.51 5.88
CA HIS B 72 -32.41 10.19 5.93
C HIS B 72 -31.61 9.76 7.15
N THR B 73 -31.71 8.49 7.52
CA THR B 73 -30.96 7.99 8.66
C THR B 73 -30.15 6.76 8.31
N VAL B 74 -29.25 6.42 9.23
CA VAL B 74 -28.37 5.28 9.11
C VAL B 74 -28.67 4.30 10.24
N THR B 75 -28.71 3.02 9.89
CA THR B 75 -28.73 1.94 10.88
C THR B 75 -27.32 1.37 11.04
N LEU B 76 -26.80 1.36 12.30
CA LEU B 76 -25.49 0.80 12.54
C LEU B 76 -25.62 -0.63 13.06
N PRO B 77 -24.59 -1.47 12.84
CA PRO B 77 -24.67 -2.86 13.33
C PRO B 77 -24.64 -2.94 14.84
N GLU B 78 -25.46 -3.86 15.36
CA GLU B 78 -25.69 -3.98 16.80
C GLU B 78 -24.41 -4.18 17.58
N GLY B 79 -23.56 -5.14 17.18
CA GLY B 79 -22.31 -5.34 17.89
C GLY B 79 -21.51 -4.05 18.04
N PHE B 80 -21.53 -3.18 17.02
CA PHE B 80 -20.77 -1.94 17.08
C PHE B 80 -21.43 -0.93 18.00
N LYS B 81 -22.76 -0.84 17.97
CA LYS B 81 -23.41 0.06 18.91
C LYS B 81 -23.14 -0.38 20.34
N LYS B 82 -23.07 -1.68 20.57
CA LYS B 82 -22.69 -2.22 21.87
C LYS B 82 -21.28 -1.80 22.27
N SER B 83 -20.33 -1.80 21.33
CA SER B 83 -18.99 -1.26 21.61
C SER B 83 -19.07 0.23 21.96
N MET B 84 -19.89 0.98 21.23
CA MET B 84 -20.03 2.40 21.55
C MET B 84 -20.56 2.58 22.98
N ARG B 85 -21.52 1.75 23.40
CA ARG B 85 -22.06 1.88 24.75
C ARG B 85 -21.00 1.58 25.81
N ALA B 86 -20.14 0.58 25.57
CA ALA B 86 -19.05 0.32 26.49
C ALA B 86 -18.14 1.53 26.63
N LEU B 87 -17.80 2.16 25.51
CA LEU B 87 -17.00 3.37 25.52
C LEU B 87 -17.67 4.47 26.35
N PHE B 88 -18.98 4.70 26.13
CA PHE B 88 -19.69 5.72 26.89
C PHE B 88 -19.79 5.33 28.36
N ASP B 89 -20.21 4.08 28.65
CA ASP B 89 -20.40 3.68 30.04
C ASP B 89 -19.13 3.87 30.88
N GLY B 90 -17.96 3.74 30.26
CA GLY B 90 -16.71 4.01 30.96
C GLY B 90 -16.26 5.45 31.01
N GLY B 91 -17.02 6.39 30.43
CA GLY B 91 -16.59 7.78 30.44
C GLY B 91 -15.47 8.16 29.48
N TRP B 92 -15.19 7.33 28.47
CA TRP B 92 -14.05 7.54 27.53
C TRP B 92 -14.39 8.47 26.37
N ASP B 93 -15.58 9.02 26.32
CA ASP B 93 -15.87 10.10 25.34
C ASP B 93 -15.61 11.44 26.05
N LYS B 94 -15.16 11.46 27.31
CA LYS B 94 -14.81 12.64 28.10
C LYS B 94 -13.34 12.65 28.51
N VAL B 95 -12.44 12.07 27.71
CA VAL B 95 -11.02 12.07 28.00
C VAL B 95 -10.44 13.46 27.76
N GLY B 96 -9.75 13.98 28.75
CA GLY B 96 -9.11 15.28 28.61
C GLY B 96 -10.09 16.44 28.41
N LEU B 97 -11.40 16.16 28.46
CA LEU B 97 -12.39 17.22 28.42
C LEU B 97 -12.21 18.15 29.62
N ALA B 98 -12.44 19.44 29.43
CA ALA B 98 -12.42 20.39 30.53
C ALA B 98 -13.25 19.92 31.72
N GLU B 99 -12.72 20.21 32.91
CA GLU B 99 -13.35 19.77 34.15
C GLU B 99 -14.79 20.26 34.25
N HIS B 100 -15.03 21.53 33.89
CA HIS B 100 -16.38 22.10 33.95
C HIS B 100 -17.32 21.46 32.94
N LEU B 101 -16.84 20.63 32.00
CA LEU B 101 -17.76 19.88 31.16
C LEU B 101 -17.98 18.43 31.62
N GLY B 102 -17.40 18.04 32.75
CA GLY B 102 -17.42 16.66 33.19
C GLY B 102 -16.12 15.91 32.99
N GLY B 103 -15.07 16.58 32.51
CA GLY B 103 -13.86 15.89 32.16
C GLY B 103 -12.92 15.66 33.32
N ILE B 104 -11.99 14.75 33.13
CA ILE B 104 -10.86 14.52 34.04
C ILE B 104 -9.68 15.27 33.51
N PRO B 105 -9.17 16.33 34.18
CA PRO B 105 -8.01 17.05 33.67
C PRO B 105 -6.78 16.13 33.60
N MET B 106 -5.99 16.31 32.54
CA MET B 106 -4.82 15.49 32.31
C MET B 106 -3.96 16.09 31.19
N PRO B 107 -2.66 15.85 31.18
CA PRO B 107 -1.86 16.35 30.05
C PRO B 107 -2.37 15.75 28.74
N ARG B 108 -2.17 16.50 27.66
CA ARG B 108 -2.61 16.01 26.37
C ARG B 108 -1.83 14.75 25.98
N ALA B 109 -0.57 14.63 26.41
CA ALA B 109 0.20 13.43 26.09
C ALA B 109 -0.49 12.19 26.63
N LEU B 110 -1.03 12.26 27.85
CA LEU B 110 -1.73 11.11 28.39
C LEU B 110 -3.06 10.87 27.69
N GLN B 111 -3.78 11.94 27.36
CA GLN B 111 -5.05 11.77 26.69
C GLN B 111 -4.88 11.08 25.35
N TRP B 112 -3.91 11.54 24.54
CA TRP B 112 -3.71 10.92 23.24
C TRP B 112 -3.24 9.48 23.37
N ALA B 113 -2.40 9.20 24.37
CA ALA B 113 -2.05 7.82 24.67
C ALA B 113 -3.29 6.99 24.96
N LEU B 114 -4.24 7.56 25.71
CA LEU B 114 -5.45 6.82 26.01
C LEU B 114 -6.26 6.56 24.75
N ILE B 115 -6.43 7.61 23.93
CA ILE B 115 -7.20 7.47 22.70
C ILE B 115 -6.55 6.49 21.74
N GLU B 116 -5.22 6.33 21.82
CA GLU B 116 -4.51 5.44 20.90
C GLU B 116 -5.13 4.06 20.91
N HIS B 117 -5.59 3.62 22.08
CA HIS B 117 -6.09 2.26 22.19
C HIS B 117 -7.42 2.11 21.47
N ILE B 118 -8.27 3.13 21.50
CA ILE B 118 -9.54 3.09 20.81
C ILE B 118 -9.31 3.11 19.30
N LEU B 119 -8.36 3.94 18.84
CA LEU B 119 -8.02 4.07 17.43
C LEU B 119 -7.41 2.78 16.90
N GLY B 120 -6.62 2.09 17.70
CA GLY B 120 -6.10 0.81 17.26
C GLY B 120 -7.17 -0.26 17.22
N ALA B 121 -8.12 -0.21 18.15
CA ALA B 121 -9.07 -1.30 18.29
C ALA B 121 -10.28 -1.18 17.36
N ASN B 122 -10.76 0.06 17.10
CA ASN B 122 -11.97 0.29 16.30
C ASN B 122 -12.00 1.80 16.03
N PRO B 123 -11.16 2.29 15.10
CA PRO B 123 -10.98 3.76 15.04
C PRO B 123 -12.25 4.56 14.83
N ALA B 124 -13.18 4.04 14.04
CA ALA B 124 -14.47 4.71 13.82
C ALA B 124 -15.25 4.89 15.10
N ALA B 125 -15.00 4.04 16.11
CA ALA B 125 -15.71 4.24 17.38
C ALA B 125 -15.29 5.52 18.02
N TYR B 126 -14.00 5.87 17.89
CA TYR B 126 -13.53 7.12 18.46
C TYR B 126 -14.13 8.31 17.71
N MET B 127 -14.17 8.19 16.39
CA MET B 127 -14.71 9.24 15.51
C MET B 127 -16.15 9.54 15.92
N TYR B 128 -16.99 8.54 16.11
CA TYR B 128 -18.35 8.74 16.56
C TYR B 128 -18.36 9.42 17.91
N ALA B 129 -17.36 9.15 18.75
CA ALA B 129 -17.33 9.64 20.12
C ALA B 129 -16.68 11.02 20.26
N MET B 130 -16.43 11.71 19.16
CA MET B 130 -15.70 12.96 19.19
C MET B 130 -16.60 14.17 19.53
N GLY B 131 -17.90 13.96 19.74
CA GLY B 131 -18.86 15.01 20.01
C GLY B 131 -18.47 15.91 21.16
N PRO B 132 -18.24 15.33 22.34
CA PRO B 132 -17.87 16.19 23.50
C PRO B 132 -16.64 17.05 23.27
N GLY B 133 -15.58 16.49 22.65
CA GLY B 133 -14.42 17.30 22.29
C GLY B 133 -14.77 18.47 21.37
N MET B 134 -15.66 18.23 20.43
CA MET B 134 -16.10 19.32 19.58
C MET B 134 -17.00 20.30 20.35
N SER B 135 -17.82 19.80 21.27
CA SER B 135 -18.59 20.68 22.14
C SER B 135 -17.66 21.64 22.88
N GLU B 136 -16.56 21.11 23.44
CA GLU B 136 -15.62 21.98 24.16
C GLU B 136 -15.05 23.06 23.23
N ILE B 137 -14.77 22.70 21.96
CA ILE B 137 -14.25 23.69 21.02
C ILE B 137 -15.30 24.76 20.76
N PHE B 138 -16.56 24.33 20.61
CA PHE B 138 -17.67 25.25 20.48
C PHE B 138 -17.75 26.16 21.70
N TYR B 139 -17.73 25.56 22.89
CA TYR B 139 -17.68 26.31 24.15
C TYR B 139 -16.62 27.41 24.09
N ASN B 140 -15.37 27.03 23.86
CA ASN B 140 -14.29 28.00 23.87
C ASN B 140 -14.50 29.14 22.85
N ASN B 141 -15.16 28.87 21.73
CA ASN B 141 -15.35 29.92 20.72
C ASN B 141 -16.69 30.64 20.85
N GLY B 142 -17.53 30.22 21.76
CA GLY B 142 -18.91 30.67 21.79
C GLY B 142 -19.17 31.86 22.68
N THR B 143 -20.32 32.49 22.44
CA THR B 143 -20.85 33.48 23.36
C THR B 143 -21.17 32.82 24.69
N ASP B 144 -21.38 33.66 25.71
CA ASP B 144 -21.84 33.16 27.01
C ASP B 144 -23.08 32.27 26.87
N GLU B 145 -24.04 32.67 26.03
CA GLU B 145 -25.23 31.83 25.84
C GLU B 145 -24.87 30.55 25.11
N GLN B 146 -24.01 30.63 24.08
CA GLN B 146 -23.58 29.41 23.39
C GLN B 146 -22.82 28.47 24.34
N LYS B 147 -22.08 29.02 25.30
CA LYS B 147 -21.39 28.18 26.27
C LYS B 147 -22.36 27.29 27.02
N LYS B 148 -23.60 27.75 27.22
CA LYS B 148 -24.61 26.95 27.89
C LYS B 148 -25.11 25.81 27.00
N TRP B 149 -25.27 26.08 25.71
CA TRP B 149 -25.63 25.00 24.81
C TRP B 149 -24.52 23.98 24.72
N ALA B 150 -23.26 24.45 24.69
CA ALA B 150 -22.12 23.52 24.62
C ALA B 150 -22.01 22.68 25.89
N THR B 151 -22.32 23.27 27.04
CA THR B 151 -22.32 22.50 28.28
C THR B 151 -23.35 21.38 28.20
N ILE B 152 -24.57 21.69 27.72
CA ILE B 152 -25.61 20.68 27.55
C ILE B 152 -25.14 19.58 26.59
N ALA B 153 -24.64 19.97 25.41
CA ALA B 153 -24.23 19.00 24.42
C ALA B 153 -23.18 18.04 24.99
N ALA B 154 -22.21 18.58 25.73
CA ALA B 154 -21.14 17.77 26.28
C ALA B 154 -21.65 16.83 27.36
N GLU B 155 -22.54 17.33 28.22
CA GLU B 155 -23.08 16.52 29.31
C GLU B 155 -23.98 15.41 28.79
N ARG B 156 -24.76 15.69 27.74
CA ARG B 156 -25.68 14.71 27.16
C ARG B 156 -25.00 13.83 26.12
N GLY B 157 -23.72 14.03 25.85
CA GLY B 157 -23.01 13.16 24.92
C GLY B 157 -23.45 13.27 23.48
N TRP B 158 -23.94 14.43 23.06
CA TRP B 158 -24.31 14.68 21.67
C TRP B 158 -23.14 14.35 20.74
N GLY B 159 -23.45 13.78 19.59
CA GLY B 159 -22.45 13.65 18.57
C GLY B 159 -22.17 14.98 17.91
N ALA B 160 -21.20 15.00 17.00
CA ALA B 160 -20.87 16.25 16.33
C ALA B 160 -20.19 15.98 14.99
N THR B 161 -20.22 16.97 14.11
CA THR B 161 -19.57 16.87 12.82
C THR B 161 -18.82 18.17 12.54
N MET B 162 -17.81 18.07 11.70
CA MET B 162 -17.15 19.16 11.02
C MET B 162 -17.57 19.12 9.55
N VAL B 163 -18.19 20.20 9.09
CA VAL B 163 -18.85 20.22 7.79
C VAL B 163 -18.19 21.31 6.95
N LEU B 164 -17.26 20.91 6.09
CA LEU B 164 -16.57 21.83 5.20
C LEU B 164 -16.73 21.47 3.73
N THR B 165 -16.47 20.20 3.39
CA THR B 165 -16.24 19.77 2.02
C THR B 165 -17.52 19.83 1.19
N GLU B 166 -17.38 20.30 -0.06
CA GLU B 166 -18.40 20.28 -1.08
C GLU B 166 -17.85 19.53 -2.28
N PRO B 167 -18.69 19.14 -3.24
CA PRO B 167 -18.15 18.44 -4.42
C PRO B 167 -17.03 19.20 -5.10
N ASP B 168 -17.12 20.53 -5.16
CA ASP B 168 -16.12 21.35 -5.83
C ASP B 168 -15.16 22.03 -4.87
N ALA B 169 -15.25 21.76 -3.57
CA ALA B 169 -14.35 22.39 -2.61
C ALA B 169 -13.93 21.34 -1.56
N GLY B 170 -12.77 20.72 -1.80
CA GLY B 170 -12.15 19.84 -0.84
C GLY B 170 -10.90 20.47 -0.26
N SER B 171 -9.77 20.28 -0.94
CA SER B 171 -8.55 20.93 -0.50
C SER B 171 -8.74 22.43 -0.45
N ASP B 172 -9.43 22.98 -1.47
CA ASP B 172 -9.65 24.42 -1.60
C ASP B 172 -10.93 24.77 -0.87
N VAL B 173 -10.80 24.90 0.46
CA VAL B 173 -11.98 25.09 1.28
C VAL B 173 -12.69 26.40 0.89
N GLY B 174 -11.91 27.44 0.62
CA GLY B 174 -12.44 28.76 0.31
C GLY B 174 -13.27 28.84 -0.97
N ALA B 175 -13.36 27.78 -1.75
CA ALA B 175 -14.24 27.82 -2.91
C ALA B 175 -15.65 27.34 -2.59
N GLY B 176 -15.94 27.07 -1.31
CA GLY B 176 -17.27 26.61 -0.92
C GLY B 176 -18.35 27.62 -1.24
N ARG B 177 -19.48 27.09 -1.71
CA ARG B 177 -20.62 27.88 -2.14
C ARG B 177 -21.83 27.78 -1.20
N THR B 178 -21.84 26.86 -0.26
CA THR B 178 -22.92 26.82 0.73
C THR B 178 -23.10 28.23 1.31
N LYS B 179 -24.36 28.65 1.42
CA LYS B 179 -24.74 30.04 1.72
C LYS B 179 -25.39 30.14 3.10
N ALA B 180 -25.23 31.29 3.72
CA ALA B 180 -25.88 31.63 4.99
C ALA B 180 -26.68 32.92 4.84
N VAL B 181 -27.95 32.85 5.23
CA VAL B 181 -28.92 33.89 4.97
C VAL B 181 -29.41 34.40 6.30
N GLN B 182 -29.13 35.65 6.62
CA GLN B 182 -29.40 36.13 7.95
C GLN B 182 -30.88 36.46 8.14
N GLN B 183 -31.42 36.03 9.22
CA GLN B 183 -32.80 36.28 9.56
C GLN B 183 -32.95 37.49 10.48
N PRO B 184 -34.14 38.11 10.49
CA PRO B 184 -34.30 39.30 11.35
C PRO B 184 -33.97 39.03 12.82
N ASP B 185 -34.27 37.85 13.36
CA ASP B 185 -33.98 37.56 14.79
C ASP B 185 -32.50 37.26 15.05
N GLY B 186 -31.63 37.30 14.05
CA GLY B 186 -30.22 37.04 14.28
C GLY B 186 -29.79 35.62 13.98
N THR B 187 -30.71 34.68 13.86
CA THR B 187 -30.31 33.37 13.35
C THR B 187 -30.01 33.45 11.85
N TRP B 188 -29.50 32.35 11.31
CA TRP B 188 -29.19 32.23 9.89
C TRP B 188 -29.85 30.98 9.33
N HIS B 189 -30.21 31.04 8.05
CA HIS B 189 -30.65 29.86 7.29
C HIS B 189 -29.54 29.42 6.32
N ILE B 190 -29.12 28.18 6.48
CA ILE B 190 -28.00 27.61 5.73
C ILE B 190 -28.54 26.80 4.55
N GLU B 191 -27.95 27.01 3.37
CA GLU B 191 -28.43 26.42 2.13
C GLU B 191 -27.26 25.92 1.29
N GLY B 192 -27.24 24.64 1.01
CA GLY B 192 -26.17 24.06 0.23
C GLY B 192 -26.07 22.57 0.45
N VAL B 193 -25.21 21.95 -0.37
CA VAL B 193 -24.96 20.52 -0.27
C VAL B 193 -23.50 20.30 0.08
N LYS B 194 -23.27 19.60 1.18
CA LYS B 194 -21.93 19.21 1.61
C LYS B 194 -21.71 17.71 1.36
N ARG B 195 -20.44 17.32 1.36
CA ARG B 195 -20.05 16.00 0.91
C ARG B 195 -18.99 15.43 1.82
N PHE B 196 -18.98 14.10 1.92
CA PHE B 196 -18.00 13.30 2.67
C PHE B 196 -18.02 13.59 4.15
N ILE B 197 -19.18 13.87 4.72
CA ILE B 197 -19.26 14.31 6.11
C ILE B 197 -19.32 13.08 7.01
N THR B 198 -18.27 12.89 7.81
CA THR B 198 -18.22 11.81 8.77
C THR B 198 -19.21 11.98 9.91
N SER B 199 -19.96 10.90 10.18
CA SER B 199 -20.92 10.80 11.28
C SER B 199 -22.09 11.76 11.16
N ALA B 200 -22.41 12.17 9.92
CA ALA B 200 -23.53 13.10 9.71
C ALA B 200 -24.84 12.53 10.20
N ASP B 201 -25.02 11.21 10.11
CA ASP B 201 -26.02 10.54 10.92
C ASP B 201 -25.35 9.38 11.63
N SER B 202 -25.92 8.97 12.77
CA SER B 202 -25.31 7.91 13.57
C SER B 202 -26.38 7.12 14.33
N ASP B 203 -27.48 6.82 13.65
CA ASP B 203 -28.44 5.89 14.23
C ASP B 203 -28.94 6.50 15.54
N ASP B 204 -29.12 5.69 16.58
CA ASP B 204 -29.64 6.14 17.87
C ASP B 204 -28.53 6.22 18.90
N LEU B 205 -27.28 6.40 18.45
CA LEU B 205 -26.17 6.50 19.39
C LEU B 205 -26.36 7.68 20.33
N PHE B 206 -26.85 8.80 19.81
CA PHE B 206 -27.03 10.02 20.59
C PHE B 206 -28.39 10.67 20.35
N GLU B 207 -28.73 11.60 21.21
CA GLU B 207 -30.03 12.26 21.10
C GLU B 207 -29.99 13.47 20.19
N ASN B 208 -28.80 13.93 19.80
CA ASN B 208 -28.67 15.06 18.93
C ASN B 208 -27.28 15.02 18.32
N ILE B 209 -27.11 15.77 17.24
CA ILE B 209 -25.81 16.03 16.64
C ILE B 209 -25.65 17.53 16.46
N MET B 210 -24.53 18.05 16.91
CA MET B 210 -24.09 19.39 16.60
C MET B 210 -23.28 19.36 15.32
N HIS B 211 -23.83 19.93 14.25
CA HIS B 211 -23.09 20.14 13.02
C HIS B 211 -22.40 21.50 13.10
N LEU B 212 -21.06 21.52 13.02
CA LEU B 212 -20.32 22.78 12.88
C LEU B 212 -20.06 22.99 11.38
N VAL B 213 -20.73 23.99 10.80
CA VAL B 213 -20.87 24.13 9.35
C VAL B 213 -20.21 25.43 8.88
N LEU B 214 -19.31 25.32 7.90
CA LEU B 214 -18.77 26.49 7.22
C LEU B 214 -19.70 26.87 6.08
N ALA B 215 -20.05 28.15 5.99
CA ALA B 215 -20.92 28.64 4.95
C ALA B 215 -20.58 30.11 4.75
N ARG B 216 -20.95 30.64 3.58
CA ARG B 216 -20.59 32.01 3.23
C ARG B 216 -21.79 32.92 3.43
N PRO B 217 -21.78 33.84 4.38
CA PRO B 217 -22.87 34.84 4.44
C PRO B 217 -23.09 35.48 3.08
N GLU B 218 -24.35 35.76 2.78
CA GLU B 218 -24.68 36.50 1.58
C GLU B 218 -23.90 37.80 1.49
N GLY B 219 -23.32 38.05 0.33
CA GLY B 219 -22.52 39.24 0.08
C GLY B 219 -21.13 39.24 0.68
N ALA B 220 -20.75 38.21 1.43
CA ALA B 220 -19.39 38.16 1.93
C ALA B 220 -18.40 37.95 0.78
N GLY B 221 -17.14 38.29 1.05
CA GLY B 221 -16.11 38.13 0.06
C GLY B 221 -15.76 36.67 -0.23
N PRO B 222 -14.81 36.47 -1.18
CA PRO B 222 -14.48 35.10 -1.62
C PRO B 222 -13.40 34.49 -0.75
N GLY B 223 -13.05 33.24 -1.03
CA GLY B 223 -11.96 32.65 -0.30
C GLY B 223 -12.37 32.22 1.09
N THR B 224 -11.37 31.75 1.85
CA THR B 224 -11.61 31.29 3.21
C THR B 224 -11.97 32.45 4.13
N LYS B 225 -11.45 33.65 3.81
CA LYS B 225 -11.68 34.81 4.67
C LYS B 225 -13.15 35.24 4.69
N GLY B 226 -13.93 34.95 3.64
CA GLY B 226 -15.35 35.22 3.62
C GLY B 226 -16.22 34.18 4.32
N LEU B 227 -15.65 33.12 4.86
CA LEU B 227 -16.47 32.07 5.43
C LEU B 227 -16.73 32.29 6.91
N SER B 228 -17.89 31.86 7.35
CA SER B 228 -18.28 31.91 8.75
C SER B 228 -18.63 30.51 9.19
N LEU B 229 -18.62 30.30 10.51
CA LEU B 229 -18.84 29.00 11.12
C LEU B 229 -20.15 29.01 11.89
N PHE B 230 -20.95 27.98 11.72
CA PHE B 230 -22.28 27.97 12.28
C PHE B 230 -22.58 26.70 13.07
N PHE B 231 -23.36 26.86 14.15
CA PHE B 231 -23.86 25.77 14.98
C PHE B 231 -25.21 25.38 14.40
N VAL B 232 -25.30 24.18 13.82
CA VAL B 232 -26.49 23.68 13.15
C VAL B 232 -26.87 22.34 13.76
N PRO B 233 -27.78 22.32 14.74
CA PRO B 233 -28.14 21.06 15.38
C PRO B 233 -29.05 20.21 14.52
N LYS B 234 -28.87 18.91 14.61
CA LYS B 234 -29.77 18.02 13.91
C LYS B 234 -31.20 18.27 14.37
N PHE B 235 -31.39 18.35 15.67
CA PHE B 235 -32.67 18.72 16.27
C PHE B 235 -32.58 20.08 16.94
N HIS B 236 -33.59 20.93 16.70
CA HIS B 236 -33.84 22.04 17.59
C HIS B 236 -34.02 21.52 19.01
N PHE B 237 -33.75 22.36 19.99
CA PHE B 237 -33.82 21.93 21.39
C PHE B 237 -34.05 23.16 22.27
N ASP B 238 -34.57 22.90 23.45
CA ASP B 238 -34.77 23.94 24.45
C ASP B 238 -33.42 24.43 24.94
N HIS B 239 -33.13 25.72 24.70
CA HIS B 239 -31.82 26.24 25.08
C HIS B 239 -31.61 26.30 26.58
N GLU B 240 -32.66 26.16 27.40
CA GLU B 240 -32.47 26.15 28.85
C GLU B 240 -32.33 24.75 29.40
N THR B 241 -33.19 23.82 28.96
CA THR B 241 -33.21 22.48 29.56
C THR B 241 -32.46 21.44 28.75
N GLY B 242 -32.24 21.67 27.47
CA GLY B 242 -31.67 20.66 26.63
C GLY B 242 -32.69 19.77 25.95
N GLU B 243 -33.96 19.84 26.35
CA GLU B 243 -35.01 18.99 25.78
C GLU B 243 -35.08 19.13 24.25
N ILE B 244 -35.18 17.98 23.60
CA ILE B 244 -35.05 17.90 22.16
C ILE B 244 -36.38 18.27 21.54
N GLY B 245 -36.34 19.13 20.53
CA GLY B 245 -37.53 19.58 19.85
C GLY B 245 -37.67 19.11 18.42
N GLU B 246 -38.16 20.00 17.58
CA GLU B 246 -38.46 19.66 16.19
C GLU B 246 -37.17 19.48 15.37
N ARG B 247 -37.27 18.61 14.37
CA ARG B 247 -36.18 18.34 13.45
C ARG B 247 -35.82 19.59 12.67
N ASN B 248 -34.54 19.95 12.71
CA ASN B 248 -33.98 21.02 11.91
C ASN B 248 -33.66 20.49 10.50
N GLY B 249 -33.50 21.42 9.56
CA GLY B 249 -33.58 21.14 8.15
C GLY B 249 -32.25 20.75 7.53
N VAL B 250 -31.64 19.71 8.10
CA VAL B 250 -30.30 19.27 7.74
C VAL B 250 -30.38 17.75 7.64
N PHE B 251 -30.30 17.23 6.42
CA PHE B 251 -30.62 15.84 6.13
C PHE B 251 -29.52 15.15 5.33
N VAL B 252 -29.14 13.94 5.77
CA VAL B 252 -28.25 13.10 5.00
C VAL B 252 -29.00 12.57 3.77
N THR B 253 -28.40 12.75 2.60
CA THR B 253 -29.02 12.31 1.36
C THR B 253 -28.22 11.23 0.64
N ASN B 254 -27.07 10.84 1.15
CA ASN B 254 -26.37 9.66 0.64
C ASN B 254 -25.27 9.29 1.63
N VAL B 255 -24.80 8.06 1.51
CA VAL B 255 -23.74 7.47 2.32
C VAL B 255 -22.81 6.70 1.38
N GLU B 256 -21.53 6.99 1.45
CA GLU B 256 -20.60 6.50 0.46
C GLU B 256 -20.27 5.03 0.71
N HIS B 257 -19.97 4.31 -0.38
CA HIS B 257 -19.34 3.00 -0.34
C HIS B 257 -17.81 3.11 -0.50
N LYS B 258 -17.07 2.71 0.54
CA LYS B 258 -15.66 3.01 0.72
C LYS B 258 -14.80 1.74 0.69
N MET B 259 -13.49 1.92 0.44
CA MET B 259 -12.54 0.81 0.51
C MET B 259 -12.42 0.23 1.94
N GLY B 260 -12.46 1.11 2.93
CA GLY B 260 -12.34 0.76 4.33
C GLY B 260 -13.02 1.75 5.24
N LEU B 261 -12.72 1.67 6.53
CA LEU B 261 -13.41 2.47 7.54
C LEU B 261 -14.92 2.45 7.30
N LYS B 262 -15.43 1.28 6.94
CA LYS B 262 -16.78 1.17 6.39
C LYS B 262 -17.86 1.50 7.44
N VAL B 263 -17.63 1.18 8.72
CA VAL B 263 -18.61 1.45 9.77
C VAL B 263 -18.75 2.95 10.08
N SER B 264 -17.88 3.81 9.54
CA SER B 264 -18.03 5.26 9.66
C SER B 264 -18.90 5.80 8.52
N ALA B 265 -20.09 6.27 8.86
CA ALA B 265 -21.00 6.81 7.85
C ALA B 265 -20.42 8.11 7.28
N THR B 266 -20.09 8.09 6.00
CA THR B 266 -19.51 9.20 5.28
C THR B 266 -20.56 9.70 4.31
N CYS B 267 -21.04 10.92 4.55
CA CYS B 267 -22.37 11.32 4.10
C CYS B 267 -22.39 12.59 3.25
N GLU B 268 -23.24 12.57 2.24
CA GLU B 268 -23.72 13.80 1.65
C GLU B 268 -24.76 14.44 2.59
N LEU B 269 -24.58 15.72 2.89
CA LEU B 269 -25.44 16.43 3.86
C LEU B 269 -26.09 17.66 3.20
N SER B 270 -27.42 17.64 3.10
CA SER B 270 -28.18 18.70 2.45
C SER B 270 -28.79 19.63 3.51
N LEU B 271 -28.47 20.90 3.40
CA LEU B 271 -28.98 21.94 4.30
C LEU B 271 -30.02 22.77 3.55
N GLY B 272 -31.23 22.82 4.10
CA GLY B 272 -32.26 23.69 3.55
C GLY B 272 -32.77 23.32 2.18
N GLN B 273 -32.68 22.04 1.80
CA GLN B 273 -33.10 21.59 0.47
C GLN B 273 -34.43 20.85 0.49
N HIS B 274 -34.98 20.58 1.67
CA HIS B 274 -36.15 19.73 1.79
C HIS B 274 -37.34 20.51 2.32
N GLY B 275 -37.40 21.80 1.97
CA GLY B 275 -38.53 22.62 2.37
C GLY B 275 -38.54 23.01 3.83
N ILE B 276 -37.49 22.67 4.56
CA ILE B 276 -37.37 22.98 6.01
C ILE B 276 -36.07 23.73 6.19
N PRO B 277 -36.08 24.92 6.80
CA PRO B 277 -34.83 25.67 6.95
C PRO B 277 -33.84 24.96 7.86
N ALA B 278 -32.57 25.02 7.45
CA ALA B 278 -31.42 24.61 8.27
C ALA B 278 -31.01 25.82 9.07
N VAL B 279 -31.52 25.91 10.30
CA VAL B 279 -31.23 27.07 11.12
C VAL B 279 -29.83 26.91 11.74
N GLY B 280 -29.02 27.95 11.64
CA GLY B 280 -27.70 27.93 12.22
C GLY B 280 -27.45 29.20 13.01
N TRP B 281 -26.58 29.07 14.00
CA TRP B 281 -26.25 30.18 14.90
C TRP B 281 -24.77 30.50 14.72
N LEU B 282 -24.48 31.76 14.46
CA LEU B 282 -23.11 32.18 14.19
C LEU B 282 -22.21 31.94 15.40
N VAL B 283 -21.16 31.14 15.21
CA VAL B 283 -20.35 30.77 16.36
C VAL B 283 -19.66 31.99 16.92
N GLY B 284 -19.88 32.23 18.22
CA GLY B 284 -19.38 33.40 18.93
C GLY B 284 -19.94 34.71 18.39
N GLU B 285 -20.96 34.60 17.54
CA GLU B 285 -21.58 35.76 16.94
C GLU B 285 -20.52 36.71 16.39
N VAL B 286 -19.50 36.14 15.74
CA VAL B 286 -18.53 36.91 14.99
C VAL B 286 -18.28 36.16 13.69
N HIS B 287 -17.72 36.88 12.71
CA HIS B 287 -17.43 36.30 11.39
C HIS B 287 -15.94 35.96 11.38
N ASN B 288 -15.61 34.70 11.67
CA ASN B 288 -14.21 34.26 11.82
C ASN B 288 -14.13 32.75 11.54
N GLY B 289 -14.69 32.33 10.41
CA GLY B 289 -15.01 30.92 10.24
C GLY B 289 -13.79 30.02 10.12
N ILE B 290 -12.88 30.36 9.22
CA ILE B 290 -11.76 29.47 8.98
C ILE B 290 -10.86 29.39 10.22
N ALA B 291 -10.61 30.51 10.87
CA ALA B 291 -9.86 30.46 12.12
C ALA B 291 -10.54 29.54 13.13
N GLN B 292 -11.85 29.73 13.32
CA GLN B 292 -12.57 28.93 14.31
C GLN B 292 -12.51 27.46 13.96
N MET B 293 -12.76 27.11 12.71
CA MET B 293 -12.84 25.72 12.24
C MET B 293 -11.46 25.08 12.34
N PHE B 294 -10.38 25.82 12.28
CA PHE B 294 -9.06 25.21 12.37
C PHE B 294 -8.73 24.71 13.78
N ASP B 295 -9.39 25.20 14.83
CA ASP B 295 -9.32 24.52 16.13
C ASP B 295 -9.76 23.06 15.99
N VAL B 296 -10.78 22.83 15.18
CA VAL B 296 -11.30 21.50 14.90
C VAL B 296 -10.36 20.76 13.98
N ILE B 297 -9.87 21.41 12.94
CA ILE B 297 -9.03 20.69 11.98
C ILE B 297 -7.75 20.22 12.65
N GLU B 298 -7.21 21.04 13.56
CA GLU B 298 -5.99 20.65 14.26
C GLU B 298 -6.20 19.42 15.12
N GLN B 299 -7.33 19.30 15.82
CA GLN B 299 -7.61 18.04 16.53
C GLN B 299 -7.75 16.86 15.56
N ALA B 300 -8.44 17.09 14.45
CA ALA B 300 -8.71 16.02 13.50
C ALA B 300 -7.43 15.52 12.87
N ARG B 301 -6.52 16.45 12.54
CA ARG B 301 -5.24 16.07 11.98
C ARG B 301 -4.41 15.32 12.98
N MET B 302 -4.50 15.70 14.25
CA MET B 302 -3.79 15.00 15.36
C MET B 302 -4.36 13.59 15.46
N MET B 303 -5.67 13.45 15.34
CA MET B 303 -6.35 12.15 15.47
C MET B 303 -6.02 11.20 14.33
N VAL B 304 -6.00 11.70 13.10
CA VAL B 304 -5.72 10.90 11.94
C VAL B 304 -4.30 10.34 12.01
N GLY B 305 -3.33 11.20 12.33
CA GLY B 305 -1.99 10.71 12.56
C GLY B 305 -1.92 9.63 13.65
N THR B 306 -2.54 9.91 14.79
CA THR B 306 -2.49 8.96 15.90
C THR B 306 -3.16 7.66 15.51
N LYS B 307 -4.23 7.77 14.73
CA LYS B 307 -4.89 6.60 14.16
C LYS B 307 -3.96 5.76 13.31
N ALA B 308 -3.32 6.38 12.32
CA ALA B 308 -2.41 5.63 11.46
C ALA B 308 -1.37 4.92 12.32
N ILE B 309 -0.80 5.62 13.31
CA ILE B 309 0.25 5.06 14.15
C ILE B 309 -0.30 3.92 14.97
N ALA B 310 -1.49 4.10 15.56
CA ALA B 310 -2.06 3.04 16.39
C ALA B 310 -2.26 1.77 15.59
N THR B 311 -2.66 1.92 14.31
CA THR B 311 -2.97 0.80 13.44
C THR B 311 -1.72 0.04 13.02
N LEU B 312 -0.66 0.77 12.67
CA LEU B 312 0.63 0.14 12.36
C LEU B 312 1.13 -0.68 13.56
N SER B 313 0.99 -0.14 14.77
CA SER B 313 1.47 -0.82 15.96
C SER B 313 0.76 -2.17 16.15
N THR B 314 -0.57 -2.18 16.09
CA THR B 314 -1.23 -3.48 16.21
C THR B 314 -1.03 -4.33 14.94
N GLY B 315 -0.83 -3.69 13.79
CA GLY B 315 -0.36 -4.37 12.62
C GLY B 315 0.92 -5.15 12.90
N TYR B 316 1.92 -4.45 13.41
CA TYR B 316 3.20 -5.07 13.69
C TYR B 316 3.05 -6.15 14.75
N LEU B 317 2.30 -5.89 15.82
CA LEU B 317 2.27 -6.87 16.90
C LEU B 317 1.59 -8.15 16.45
N ASN B 318 0.58 -8.04 15.60
CA ASN B 318 0.03 -9.21 14.95
C ASN B 318 1.09 -9.93 14.12
N ALA B 319 1.77 -9.21 13.23
CA ALA B 319 2.78 -9.84 12.38
C ALA B 319 3.84 -10.54 13.21
N LEU B 320 4.31 -9.90 14.28
CA LEU B 320 5.30 -10.51 15.16
C LEU B 320 4.77 -11.78 15.82
N GLU B 321 3.55 -11.74 16.35
CA GLU B 321 3.04 -12.95 16.98
C GLU B 321 2.93 -14.09 15.97
N TYR B 322 2.53 -13.79 14.74
CA TYR B 322 2.44 -14.82 13.72
C TYR B 322 3.83 -15.40 13.42
N ALA B 323 4.80 -14.51 13.20
CA ALA B 323 6.14 -14.94 12.82
C ALA B 323 6.73 -15.82 13.90
N LYS B 324 6.40 -15.56 15.16
CA LYS B 324 6.94 -16.33 16.26
C LYS B 324 6.47 -17.77 16.24
N GLU B 325 5.30 -18.05 15.69
CA GLU B 325 4.82 -19.40 15.75
C GLU B 325 4.78 -20.12 14.40
N ARG B 326 5.02 -19.44 13.27
CA ARG B 326 4.97 -20.07 11.97
C ARG B 326 6.31 -20.72 11.60
N VAL B 327 6.30 -22.03 11.43
CA VAL B 327 7.50 -22.78 11.02
C VAL B 327 7.53 -22.87 9.50
N GLN B 328 8.65 -22.47 8.89
CA GLN B 328 8.80 -22.64 7.45
C GLN B 328 10.27 -22.52 7.08
N GLY B 329 10.82 -23.57 6.49
CA GLY B 329 12.16 -23.53 5.95
C GLY B 329 13.22 -23.80 7.01
N ALA B 330 14.44 -24.01 6.51
CA ALA B 330 15.56 -24.23 7.40
C ALA B 330 16.27 -22.91 7.64
N ASP B 331 17.04 -22.84 8.71
CA ASP B 331 17.91 -21.69 8.91
C ASP B 331 18.83 -21.48 7.70
N MET B 332 19.22 -20.23 7.48
CA MET B 332 19.99 -19.88 6.29
C MET B 332 21.38 -20.51 6.31
N THR B 333 21.98 -20.65 7.49
CA THR B 333 23.26 -21.35 7.61
C THR B 333 23.16 -22.82 7.21
N GLN B 334 21.95 -23.33 6.94
CA GLN B 334 21.73 -24.72 6.58
C GLN B 334 20.82 -24.88 5.38
N MET B 335 20.78 -23.87 4.49
CA MET B 335 19.90 -23.93 3.34
C MET B 335 20.16 -25.17 2.52
N THR B 336 21.43 -25.53 2.34
CA THR B 336 21.80 -26.61 1.42
C THR B 336 21.26 -27.95 1.91
N ASP B 337 21.08 -28.11 3.22
CA ASP B 337 20.80 -29.38 3.84
C ASP B 337 19.27 -29.58 3.89
N LYS B 338 18.78 -30.52 3.12
CA LYS B 338 17.36 -30.81 3.07
C LYS B 338 16.88 -31.61 4.24
N THR B 339 17.79 -32.05 5.10
CA THR B 339 17.56 -32.73 6.35
C THR B 339 17.56 -31.79 7.55
N ALA B 340 17.90 -30.52 7.35
CA ALA B 340 18.05 -29.61 8.47
C ALA B 340 16.73 -29.43 9.22
N PRO B 341 16.79 -29.12 10.50
CA PRO B 341 15.56 -28.75 11.23
C PRO B 341 14.84 -27.56 10.58
N ARG B 342 13.51 -27.64 10.55
CA ARG B 342 12.70 -26.48 10.19
C ARG B 342 12.70 -25.46 11.33
N VAL B 343 12.68 -24.19 10.98
CA VAL B 343 12.71 -23.11 11.97
C VAL B 343 11.47 -22.23 11.85
N THR B 344 11.16 -21.53 12.95
CA THR B 344 10.19 -20.45 12.92
C THR B 344 10.74 -19.29 12.09
N ILE B 345 9.82 -18.52 11.47
CA ILE B 345 10.27 -17.59 10.44
C ILE B 345 10.97 -16.39 11.03
N THR B 346 10.92 -16.20 12.36
CA THR B 346 11.72 -15.14 12.97
C THR B 346 13.21 -15.38 12.79
N HIS B 347 13.61 -16.60 12.42
CA HIS B 347 15.00 -16.93 12.22
C HIS B 347 15.53 -16.41 10.91
N HIS B 348 14.62 -16.01 9.96
CA HIS B 348 15.07 -15.68 8.61
C HIS B 348 15.49 -14.23 8.55
N PRO B 349 16.64 -13.94 7.94
CA PRO B 349 17.05 -12.53 7.81
C PRO B 349 15.97 -11.60 7.29
N ASP B 350 15.31 -11.94 6.18
CA ASP B 350 14.38 -10.96 5.60
C ASP B 350 13.22 -10.67 6.56
N VAL B 351 12.75 -11.70 7.26
CA VAL B 351 11.65 -11.49 8.20
C VAL B 351 12.09 -10.62 9.37
N ARG B 352 13.31 -10.83 9.85
CA ARG B 352 13.83 -9.99 10.92
C ARG B 352 14.04 -8.58 10.42
N ARG B 353 14.50 -8.42 9.16
CA ARG B 353 14.60 -7.09 8.57
C ARG B 353 13.25 -6.41 8.59
N SER B 354 12.22 -7.16 8.20
CA SER B 354 10.87 -6.64 8.05
C SER B 354 10.27 -6.26 9.41
N LEU B 355 10.35 -7.18 10.37
CA LEU B 355 9.86 -6.94 11.72
C LEU B 355 10.55 -5.73 12.35
N MET B 356 11.86 -5.64 12.23
CA MET B 356 12.58 -4.49 12.77
C MET B 356 12.23 -3.19 12.04
N THR B 357 11.90 -3.26 10.76
CA THR B 357 11.40 -2.07 10.07
C THR B 357 10.05 -1.66 10.61
N GLN B 358 9.15 -2.63 10.81
CA GLN B 358 7.85 -2.32 11.39
C GLN B 358 8.00 -1.76 12.80
N LYS B 359 8.80 -2.43 13.63
CA LYS B 359 9.02 -2.01 15.01
C LYS B 359 9.58 -0.60 15.08
N ALA B 360 10.66 -0.33 14.35
CA ALA B 360 11.31 0.98 14.44
C ALA B 360 10.37 2.09 14.00
N TYR B 361 9.62 1.87 12.91
CA TYR B 361 8.73 2.95 12.48
C TYR B 361 7.54 3.09 13.42
N ALA B 362 6.98 1.97 13.89
CA ALA B 362 5.84 2.03 14.81
C ALA B 362 6.21 2.74 16.11
N GLU B 363 7.33 2.37 16.70
CA GLU B 363 7.74 2.98 17.95
C GLU B 363 8.29 4.38 17.72
N GLY B 364 8.97 4.62 16.61
CA GLY B 364 9.39 5.98 16.31
C GLY B 364 8.22 6.92 16.12
N LEU B 365 7.17 6.45 15.44
CA LEU B 365 5.98 7.27 15.31
C LEU B 365 5.28 7.46 16.65
N ARG B 366 5.17 6.42 17.47
CA ARG B 366 4.55 6.62 18.79
C ARG B 366 5.27 7.72 19.54
N ALA B 367 6.60 7.71 19.51
CA ALA B 367 7.36 8.75 20.17
C ALA B 367 7.08 10.11 19.57
N ILE B 368 6.82 10.17 18.26
CA ILE B 368 6.62 11.48 17.63
C ILE B 368 5.32 12.10 18.12
N TYR B 369 4.23 11.33 18.16
CA TYR B 369 2.93 11.93 18.49
C TYR B 369 2.88 12.27 19.98
N LEU B 370 3.50 11.47 20.85
CA LEU B 370 3.59 11.82 22.26
C LEU B 370 4.49 13.03 22.46
N TYR B 371 5.65 13.05 21.80
CA TYR B 371 6.48 14.27 21.75
C TYR B 371 5.65 15.48 21.36
N THR B 372 4.88 15.37 20.28
CA THR B 372 4.08 16.49 19.82
C THR B 372 3.09 16.94 20.88
N ALA B 373 2.51 15.99 21.59
CA ALA B 373 1.51 16.30 22.60
C ALA B 373 2.13 17.01 23.80
N THR B 374 3.41 16.76 24.06
CA THR B 374 4.02 17.40 25.23
C THR B 374 4.21 18.89 25.02
N PHE B 375 3.95 19.43 23.83
CA PHE B 375 3.96 20.86 23.55
C PHE B 375 2.57 21.46 23.48
N GLN B 376 1.54 20.64 23.69
CA GLN B 376 0.15 21.03 23.57
C GLN B 376 -0.43 21.62 24.86
N ASP B 377 0.21 21.43 26.01
CA ASP B 377 -0.14 22.11 27.25
C ASP B 377 0.99 23.07 27.60
N ALA B 378 0.65 24.33 27.91
CA ALA B 378 1.71 25.27 28.27
C ALA B 378 2.49 24.79 29.49
N GLU B 379 1.78 24.21 30.48
CA GLU B 379 2.44 23.74 31.70
C GLU B 379 3.29 22.49 31.47
N VAL B 380 2.86 21.56 30.62
CA VAL B 380 3.73 20.42 30.34
C VAL B 380 4.94 20.88 29.54
N ALA B 381 4.74 21.77 28.55
CA ALA B 381 5.87 22.27 27.75
C ALA B 381 6.89 22.99 28.63
N GLN B 382 6.43 23.79 29.60
CA GLN B 382 7.36 24.44 30.52
C GLN B 382 8.11 23.42 31.35
N ALA B 383 7.38 22.51 32.03
CA ALA B 383 8.03 21.59 32.95
C ALA B 383 8.97 20.61 32.23
N VAL B 384 8.57 20.14 31.04
CA VAL B 384 9.30 19.06 30.38
C VAL B 384 10.38 19.57 29.42
N HIS B 385 10.20 20.76 28.84
CA HIS B 385 11.09 21.27 27.79
C HIS B 385 11.72 22.61 28.12
N GLY B 386 11.14 23.38 29.03
CA GLY B 386 11.66 24.69 29.35
C GLY B 386 11.32 25.75 28.35
N VAL B 387 10.17 25.63 27.68
CA VAL B 387 9.78 26.55 26.63
C VAL B 387 8.49 27.27 27.03
N ASP B 388 8.37 28.53 26.63
CA ASP B 388 7.21 29.30 27.01
C ASP B 388 6.01 28.88 26.16
N GLY B 389 4.85 29.46 26.43
CA GLY B 389 3.65 29.08 25.72
C GLY B 389 3.69 29.43 24.25
N ASP B 390 4.36 30.52 23.89
CA ASP B 390 4.36 30.93 22.49
C ASP B 390 5.22 30.00 21.64
N LEU B 391 6.45 29.71 22.07
CA LEU B 391 7.26 28.73 21.37
C LEU B 391 6.59 27.35 21.35
N ALA B 392 5.96 26.97 22.47
CA ALA B 392 5.28 25.68 22.56
C ALA B 392 4.20 25.54 21.49
N ALA B 393 3.39 26.58 21.31
CA ALA B 393 2.32 26.49 20.32
C ALA B 393 2.92 26.38 18.92
N ARG B 394 3.98 27.13 18.67
CA ARG B 394 4.60 27.11 17.35
C ARG B 394 5.24 25.75 17.05
N VAL B 395 5.82 25.09 18.07
CA VAL B 395 6.43 23.79 17.86
C VAL B 395 5.34 22.76 17.62
N ASN B 396 4.30 22.81 18.42
CA ASN B 396 3.19 21.91 18.18
C ASN B 396 2.62 22.12 16.78
N ASP B 397 2.53 23.38 16.36
CA ASP B 397 2.02 23.64 15.03
C ASP B 397 2.94 23.07 13.97
N LEU B 398 4.24 23.07 14.21
CA LEU B 398 5.18 22.51 13.23
C LEU B 398 5.03 21.00 13.14
N LEU B 399 4.79 20.32 14.27
CA LEU B 399 4.82 18.87 14.27
C LEU B 399 3.53 18.24 13.79
N LEU B 400 2.43 18.98 13.74
CA LEU B 400 1.16 18.36 13.40
C LEU B 400 1.12 17.84 11.97
N PRO B 401 1.53 18.59 10.95
CA PRO B 401 1.63 18.00 9.61
C PRO B 401 2.58 16.83 9.57
N ILE B 402 3.57 16.76 10.46
CA ILE B 402 4.39 15.56 10.55
C ILE B 402 3.55 14.38 11.06
N VAL B 403 2.96 14.54 12.24
CA VAL B 403 2.07 13.53 12.80
C VAL B 403 1.09 13.03 11.73
N LYS B 404 0.45 13.96 11.03
CA LYS B 404 -0.61 13.62 10.11
C LYS B 404 -0.05 13.09 8.80
N GLY B 405 0.76 13.88 8.13
CA GLY B 405 1.23 13.50 6.81
C GLY B 405 2.25 12.39 6.83
N PHE B 406 3.32 12.57 7.60
CA PHE B 406 4.32 11.49 7.77
C PHE B 406 3.72 10.27 8.48
N GLY B 407 2.92 10.49 9.52
CA GLY B 407 2.27 9.37 10.19
C GLY B 407 1.41 8.52 9.26
N SER B 408 0.52 9.17 8.50
CA SER B 408 -0.39 8.44 7.60
C SER B 408 0.36 7.71 6.49
N GLU B 409 1.36 8.35 5.87
CA GLU B 409 2.01 7.71 4.74
C GLU B 409 2.89 6.56 5.20
N THR B 410 3.60 6.74 6.30
CA THR B 410 4.47 5.70 6.85
C THR B 410 3.68 4.48 7.31
N ALA B 411 2.60 4.70 8.08
CA ALA B 411 1.85 3.57 8.63
C ALA B 411 1.32 2.68 7.52
N TYR B 412 0.69 3.28 6.51
CA TYR B 412 0.18 2.54 5.38
C TYR B 412 1.30 1.78 4.65
N ALA B 413 2.43 2.41 4.43
CA ALA B 413 3.50 1.74 3.72
C ALA B 413 4.02 0.54 4.50
N LYS B 414 4.29 0.73 5.80
CA LYS B 414 4.88 -0.35 6.56
C LYS B 414 3.90 -1.46 6.89
N LEU B 415 2.59 -1.16 6.90
CA LEU B 415 1.63 -2.26 7.05
C LEU B 415 1.82 -3.28 5.96
N THR B 416 2.35 -2.86 4.81
CA THR B 416 2.65 -3.80 3.73
C THR B 416 3.60 -4.88 4.18
N GLU B 417 4.54 -4.52 5.05
CA GLU B 417 5.49 -5.46 5.64
C GLU B 417 4.81 -6.34 6.66
N SER B 418 3.93 -5.76 7.48
CA SER B 418 3.15 -6.60 8.38
C SER B 418 2.42 -7.69 7.59
N LEU B 419 1.72 -7.28 6.52
CA LEU B 419 0.96 -8.26 5.73
C LEU B 419 1.88 -9.31 5.13
N GLN B 420 3.01 -8.88 4.53
CA GLN B 420 3.98 -9.83 3.94
C GLN B 420 4.48 -10.86 4.94
N THR B 421 4.59 -10.51 6.21
CA THR B 421 5.12 -11.45 7.20
C THR B 421 4.23 -12.67 7.31
N LEU B 422 2.96 -12.52 7.02
CA LEU B 422 2.02 -13.62 7.13
C LEU B 422 2.03 -14.52 5.89
N GLY B 423 2.81 -14.18 4.86
CA GLY B 423 2.69 -14.89 3.61
C GLY B 423 1.28 -14.80 3.06
N GLY B 424 0.87 -15.86 2.37
CA GLY B 424 -0.42 -15.84 1.72
C GLY B 424 -1.59 -15.63 2.68
N SER B 425 -1.46 -16.14 3.91
CA SER B 425 -2.49 -15.87 4.90
C SER B 425 -2.69 -14.38 5.15
N GLY B 426 -1.65 -13.56 4.89
CA GLY B 426 -1.81 -12.12 5.03
C GLY B 426 -2.90 -11.56 4.14
N PHE B 427 -3.16 -12.22 3.00
CA PHE B 427 -4.16 -11.81 2.03
C PHE B 427 -5.56 -12.20 2.45
N LEU B 428 -5.73 -12.98 3.54
CA LEU B 428 -7.03 -13.44 3.98
C LEU B 428 -7.69 -12.46 4.94
N GLN B 429 -9.01 -12.38 4.84
CA GLN B 429 -9.77 -11.61 5.82
C GLN B 429 -9.76 -12.23 7.19
N ASP B 430 -9.43 -13.53 7.27
CA ASP B 430 -9.35 -14.21 8.56
C ASP B 430 -8.36 -13.52 9.50
N TYR B 431 -7.38 -12.80 8.97
CA TYR B 431 -6.40 -12.06 9.76
C TYR B 431 -6.66 -10.58 9.54
N PRO B 432 -6.34 -9.74 10.53
CA PRO B 432 -6.83 -8.33 10.49
C PRO B 432 -6.00 -7.37 9.65
N ILE B 433 -4.83 -7.80 9.16
CA ILE B 433 -3.90 -6.85 8.55
C ILE B 433 -4.50 -6.21 7.31
N GLU B 434 -5.18 -7.01 6.47
CA GLU B 434 -5.74 -6.45 5.23
C GLU B 434 -6.78 -5.38 5.52
N GLN B 435 -7.53 -5.51 6.61
CA GLN B 435 -8.47 -4.47 6.99
C GLN B 435 -7.73 -3.26 7.54
N TYR B 436 -6.64 -3.47 8.29
CA TYR B 436 -5.80 -2.34 8.68
C TYR B 436 -5.38 -1.50 7.48
N ILE B 437 -4.96 -2.17 6.40
CA ILE B 437 -4.52 -1.48 5.19
C ILE B 437 -5.66 -0.68 4.59
N ARG B 438 -6.83 -1.32 4.42
CA ARG B 438 -7.99 -0.66 3.84
C ARG B 438 -8.45 0.49 4.71
N ASP B 439 -8.57 0.26 6.02
CA ASP B 439 -9.03 1.27 6.98
C ASP B 439 -8.07 2.45 7.04
N SER B 440 -6.80 2.23 6.76
CA SER B 440 -5.84 3.29 6.98
C SER B 440 -5.47 4.03 5.70
N LYS B 441 -5.91 3.55 4.53
CA LYS B 441 -5.59 4.24 3.28
C LYS B 441 -6.12 5.66 3.29
N ILE B 442 -7.24 5.87 3.96
CA ILE B 442 -7.82 7.19 3.91
C ILE B 442 -7.07 8.20 4.76
N ASP B 443 -6.16 7.76 5.64
CA ASP B 443 -5.46 8.68 6.54
C ASP B 443 -4.56 9.64 5.78
N SER B 444 -4.15 9.27 4.55
CA SER B 444 -3.41 10.18 3.70
C SER B 444 -4.29 11.22 3.02
N LEU B 445 -5.60 11.17 3.22
CA LEU B 445 -6.54 11.94 2.41
C LEU B 445 -7.45 12.85 3.24
N TYR B 446 -8.29 12.32 4.14
CA TYR B 446 -9.12 13.29 4.84
C TYR B 446 -8.28 14.12 5.82
N ALA B 447 -8.91 15.19 6.33
CA ALA B 447 -8.25 16.20 7.14
C ALA B 447 -7.07 16.83 6.40
N GLY B 448 -7.13 16.85 5.08
CA GLY B 448 -6.07 17.46 4.30
C GLY B 448 -5.06 16.48 3.75
N THR B 449 -4.92 16.45 2.42
CA THR B 449 -4.08 15.44 1.80
C THR B 449 -2.61 15.66 2.16
N THR B 450 -1.81 14.62 1.96
CA THR B 450 -0.38 14.70 2.28
C THR B 450 0.27 15.93 1.64
N ALA B 451 -0.09 16.23 0.38
CA ALA B 451 0.46 17.41 -0.28
C ALA B 451 0.04 18.70 0.41
N ILE B 452 -1.19 18.76 0.93
CA ILE B 452 -1.59 19.94 1.70
C ILE B 452 -0.85 19.98 3.03
N GLN B 453 -0.59 18.82 3.63
CA GLN B 453 0.23 18.79 4.85
C GLN B 453 1.62 19.36 4.57
N ALA B 454 2.23 18.93 3.48
CA ALA B 454 3.58 19.36 3.16
C ALA B 454 3.64 20.84 2.85
N GLN B 455 2.65 21.34 2.09
CA GLN B 455 2.52 22.76 1.81
C GLN B 455 2.32 23.56 3.10
N ASP B 456 1.51 23.06 4.02
CA ASP B 456 1.30 23.75 5.28
C ASP B 456 2.59 23.81 6.08
N PHE B 457 3.26 22.67 6.17
CA PHE B 457 4.52 22.53 6.89
C PHE B 457 5.55 23.57 6.41
N PHE B 458 5.76 23.66 5.10
CA PHE B 458 6.84 24.51 4.61
C PHE B 458 6.47 26.00 4.71
N PHE B 459 5.31 26.38 4.14
CA PHE B 459 4.96 27.80 3.94
C PHE B 459 4.49 28.44 5.23
N ARG B 460 3.69 27.74 6.00
CA ARG B 460 3.17 28.31 7.22
C ARG B 460 3.99 27.96 8.45
N LYS B 461 4.36 26.70 8.64
CA LYS B 461 4.98 26.33 9.91
C LYS B 461 6.48 26.54 9.91
N ILE B 462 7.10 26.77 8.75
CA ILE B 462 8.51 27.19 8.67
C ILE B 462 8.64 28.64 8.16
N ILE B 463 8.23 28.92 6.92
CA ILE B 463 8.48 30.25 6.33
C ILE B 463 7.73 31.34 7.09
N ARG B 464 6.41 31.24 7.17
CA ARG B 464 5.66 32.26 7.94
C ARG B 464 6.09 32.30 9.42
N ASP B 465 6.57 31.20 9.98
CA ASP B 465 7.10 31.14 11.35
C ASP B 465 8.51 31.68 11.48
N LYS B 466 9.16 32.08 10.37
CA LYS B 466 10.55 32.53 10.37
C LYS B 466 11.49 31.46 10.96
N GLY B 467 11.14 30.18 10.81
CA GLY B 467 12.08 29.14 11.17
C GLY B 467 12.31 28.91 12.64
N GLN B 468 11.54 29.56 13.52
CA GLN B 468 11.85 29.54 14.95
C GLN B 468 11.58 28.17 15.55
N ALA B 469 10.38 27.60 15.32
CA ALA B 469 10.03 26.27 15.83
C ALA B 469 10.98 25.23 15.23
N LEU B 470 11.18 25.26 13.92
CA LEU B 470 12.13 24.35 13.31
C LEU B 470 13.53 24.50 13.91
N ALA B 471 13.94 25.75 14.17
CA ALA B 471 15.24 25.98 14.79
C ALA B 471 15.30 25.44 16.19
N TYR B 472 14.20 25.50 16.95
CA TYR B 472 14.19 24.88 18.27
C TYR B 472 14.42 23.38 18.17
N VAL B 473 13.69 22.69 17.29
CA VAL B 473 13.82 21.24 17.22
C VAL B 473 15.21 20.85 16.75
N ALA B 474 15.72 21.52 15.71
CA ALA B 474 17.07 21.24 15.24
C ALA B 474 18.09 21.40 16.36
N GLY B 475 17.93 22.44 17.18
CA GLY B 475 18.84 22.66 18.28
C GLY B 475 18.83 21.53 19.29
N GLU B 476 17.65 20.99 19.59
CA GLU B 476 17.54 19.82 20.48
C GLU B 476 18.23 18.61 19.86
N ILE B 477 18.13 18.46 18.53
CA ILE B 477 18.77 17.34 17.89
C ILE B 477 20.28 17.50 17.94
N GLU B 478 20.76 18.72 17.70
CA GLU B 478 22.20 18.99 17.75
C GLU B 478 22.75 18.73 19.15
N GLN B 479 21.98 19.06 20.18
CA GLN B 479 22.39 18.80 21.56
C GLN B 479 22.60 17.32 21.82
N PHE B 480 21.63 16.48 21.41
CA PHE B 480 21.81 15.05 21.56
C PHE B 480 23.05 14.56 20.83
N ILE B 481 23.26 15.02 19.60
CA ILE B 481 24.41 14.57 18.83
C ILE B 481 25.71 14.94 19.55
N LYS B 482 25.79 16.17 20.07
CA LYS B 482 27.00 16.70 20.68
C LYS B 482 27.37 15.92 21.94
N ASN B 483 26.41 15.66 22.83
CA ASN B 483 26.74 14.90 24.05
C ASN B 483 27.14 13.44 23.69
N ASN B 487 29.16 8.23 27.24
CA ASN B 487 29.39 6.98 26.54
C ASN B 487 29.47 7.21 25.02
N GLY B 488 30.26 6.37 24.34
CA GLY B 488 30.27 6.33 22.89
C GLY B 488 29.72 5.03 22.33
N ARG B 489 28.88 4.35 23.13
CA ARG B 489 28.13 3.22 22.59
C ARG B 489 27.12 3.65 21.53
N LEU B 490 26.85 4.97 21.41
CA LEU B 490 25.95 5.50 20.40
C LEU B 490 26.66 6.46 19.46
N LYS B 491 27.96 6.34 19.34
CA LYS B 491 28.72 7.26 18.50
C LYS B 491 28.32 7.14 17.04
N THR B 492 28.23 5.92 16.53
CA THR B 492 27.83 5.70 15.16
C THR B 492 26.43 6.25 14.89
N GLU B 493 25.50 6.01 15.81
CA GLU B 493 24.15 6.56 15.62
C GLU B 493 24.18 8.08 15.64
N ARG B 494 24.96 8.68 16.53
CA ARG B 494 25.06 10.14 16.56
C ARG B 494 25.69 10.67 15.27
N GLU B 495 26.68 9.95 14.73
CA GLU B 495 27.25 10.40 13.45
C GLU B 495 26.21 10.32 12.34
N LEU B 496 25.44 9.24 12.29
CA LEU B 496 24.40 9.14 11.26
C LEU B 496 23.32 10.22 11.43
N LEU B 497 22.92 10.50 12.67
CA LEU B 497 21.97 11.58 12.93
C LEU B 497 22.52 12.94 12.54
N ALA B 498 23.82 13.14 12.75
CA ALA B 498 24.45 14.41 12.34
C ALA B 498 24.39 14.58 10.82
N THR B 499 24.64 13.52 10.07
CA THR B 499 24.52 13.62 8.61
C THR B 499 23.08 13.89 8.22
N ALA B 500 22.13 13.18 8.84
CA ALA B 500 20.72 13.38 8.52
C ALA B 500 20.26 14.79 8.86
N LEU B 501 20.68 15.33 10.01
CA LEU B 501 20.26 16.67 10.40
C LEU B 501 20.72 17.68 9.38
N ALA B 502 22.00 17.57 8.95
CA ALA B 502 22.52 18.42 7.89
C ALA B 502 21.81 18.17 6.56
N ASP B 503 21.46 16.92 6.24
CA ASP B 503 20.68 16.67 5.02
C ASP B 503 19.38 17.46 5.05
N VAL B 504 18.66 17.40 6.17
CA VAL B 504 17.39 18.10 6.27
C VAL B 504 17.60 19.61 6.25
N GLN B 505 18.59 20.12 6.99
CA GLN B 505 18.93 21.53 6.87
C GLN B 505 19.25 21.90 5.41
N GLY B 506 20.02 21.07 4.71
CA GLY B 506 20.26 21.31 3.29
C GLY B 506 18.98 21.40 2.47
N MET B 507 18.02 20.49 2.71
CA MET B 507 16.77 20.51 1.96
C MET B 507 16.00 21.80 2.21
N ALA B 508 15.95 22.21 3.48
CA ALA B 508 15.19 23.40 3.85
C ALA B 508 15.79 24.62 3.17
N ALA B 509 17.12 24.69 3.10
CA ALA B 509 17.80 25.80 2.44
C ALA B 509 17.51 25.81 0.95
N SER B 510 17.58 24.64 0.30
CA SER B 510 17.29 24.57 -1.13
C SER B 510 15.88 25.08 -1.40
N LEU B 511 14.88 24.54 -0.69
CA LEU B 511 13.50 24.92 -0.96
C LEU B 511 13.31 26.40 -0.69
N THR B 512 13.89 26.90 0.41
CA THR B 512 13.86 28.33 0.68
C THR B 512 14.47 29.14 -0.46
N GLY B 513 15.55 28.64 -1.05
CA GLY B 513 16.16 29.35 -2.15
C GLY B 513 15.28 29.38 -3.39
N TYR B 514 14.56 28.29 -3.65
CA TYR B 514 13.61 28.27 -4.76
C TYR B 514 12.50 29.29 -4.53
N LEU B 515 12.02 29.39 -3.30
CA LEU B 515 11.03 30.38 -2.98
C LEU B 515 11.56 31.78 -3.23
N MET B 516 12.79 32.07 -2.78
CA MET B 516 13.37 33.39 -2.96
C MET B 516 13.53 33.71 -4.44
N ALA B 517 13.99 32.74 -5.22
CA ALA B 517 14.14 32.89 -6.66
C ALA B 517 12.82 33.26 -7.30
N ALA B 518 11.71 32.87 -6.65
CA ALA B 518 10.39 33.13 -7.19
C ALA B 518 10.05 34.60 -7.21
N GLN B 519 10.78 35.43 -6.46
CA GLN B 519 10.63 36.88 -6.58
C GLN B 519 10.99 37.37 -7.97
N GLU B 520 11.91 36.66 -8.65
CA GLU B 520 12.40 37.01 -9.97
C GLU B 520 11.75 36.24 -11.11
N ASP B 521 11.41 34.97 -10.89
CA ASP B 521 10.87 34.08 -11.91
C ASP B 521 9.81 33.29 -11.14
N ALA B 522 8.54 33.67 -11.30
CA ALA B 522 7.45 33.06 -10.52
C ALA B 522 7.48 31.53 -10.58
N ALA B 523 7.83 30.97 -11.74
CA ALA B 523 7.75 29.53 -11.95
C ALA B 523 8.71 28.76 -11.03
N SER B 524 9.70 29.44 -10.46
CA SER B 524 10.62 28.75 -9.58
C SER B 524 9.88 28.21 -8.35
N ILE B 525 8.76 28.82 -7.98
CA ILE B 525 8.04 28.33 -6.81
C ILE B 525 7.58 26.90 -7.02
N TYR B 526 7.43 26.46 -8.28
CA TYR B 526 7.03 25.08 -8.56
C TYR B 526 7.99 24.09 -7.95
N LYS B 527 9.27 24.44 -7.83
CA LYS B 527 10.25 23.51 -7.28
C LYS B 527 9.99 23.22 -5.81
N VAL B 528 9.50 24.22 -5.08
CA VAL B 528 9.04 24.00 -3.71
C VAL B 528 7.97 22.91 -3.68
N GLY B 529 6.97 23.04 -4.55
CA GLY B 529 5.91 22.06 -4.57
C GLY B 529 6.41 20.70 -4.96
N LEU B 530 7.36 20.64 -5.90
CA LEU B 530 7.86 19.34 -6.34
C LEU B 530 8.56 18.63 -5.20
N GLY B 531 9.19 19.38 -4.30
CA GLY B 531 10.00 18.77 -3.27
C GLY B 531 9.34 18.71 -1.91
N SER B 532 8.16 19.31 -1.77
CA SER B 532 7.61 19.56 -0.44
C SER B 532 7.33 18.27 0.31
N VAL B 533 6.72 17.28 -0.36
CA VAL B 533 6.35 16.05 0.34
C VAL B 533 7.59 15.23 0.74
N ARG B 534 8.61 15.19 -0.13
CA ARG B 534 9.85 14.51 0.25
C ARG B 534 10.54 15.21 1.43
N PHE B 535 10.44 16.52 1.51
CA PHE B 535 10.99 17.22 2.65
C PHE B 535 10.22 16.88 3.92
N LEU B 536 8.89 16.85 3.83
CA LEU B 536 8.10 16.48 4.99
C LEU B 536 8.50 15.10 5.48
N MET B 537 8.63 14.14 4.55
CA MET B 537 8.96 12.78 4.93
C MET B 537 10.38 12.69 5.49
N ALA B 538 11.29 13.52 4.99
CA ALA B 538 12.64 13.58 5.52
C ALA B 538 12.65 14.01 6.99
N VAL B 539 11.96 15.11 7.29
CA VAL B 539 11.88 15.59 8.66
C VAL B 539 11.29 14.51 9.55
N GLY B 540 10.30 13.78 9.05
CA GLY B 540 9.75 12.69 9.83
C GLY B 540 10.77 11.60 10.11
N ASP B 541 11.56 11.24 9.11
CA ASP B 541 12.61 10.27 9.35
C ASP B 541 13.62 10.80 10.35
N LEU B 542 13.94 12.10 10.27
CA LEU B 542 14.93 12.66 11.18
C LEU B 542 14.44 12.56 12.61
N LEU B 543 13.19 12.97 12.83
CA LEU B 543 12.59 12.91 14.16
C LEU B 543 12.50 11.48 14.65
N SER B 544 12.03 10.55 13.80
CA SER B 544 11.99 9.15 14.21
C SER B 544 13.35 8.68 14.70
N GLY B 545 14.39 8.94 13.92
CA GLY B 545 15.72 8.44 14.27
C GLY B 545 16.27 9.11 15.51
N TRP B 546 16.02 10.41 15.67
CA TRP B 546 16.43 11.13 16.88
C TRP B 546 15.72 10.59 18.12
N LEU B 547 14.40 10.44 18.04
CA LEU B 547 13.66 9.99 19.21
C LEU B 547 13.96 8.53 19.53
N LEU B 548 14.10 7.68 18.50
CA LEU B 548 14.58 6.34 18.79
C LEU B 548 15.95 6.37 19.48
N ALA B 549 16.85 7.24 19.02
CA ALA B 549 18.18 7.32 19.65
C ALA B 549 18.09 7.77 21.11
N ARG B 550 17.25 8.76 21.38
CA ARG B 550 17.04 9.16 22.78
C ARG B 550 16.52 8.00 23.60
N GLN B 551 15.59 7.23 23.03
CA GLN B 551 15.07 6.05 23.73
C GLN B 551 16.19 5.07 24.03
N ALA B 552 17.09 4.86 23.06
CA ALA B 552 18.22 3.95 23.25
C ALA B 552 19.12 4.42 24.37
N ALA B 553 19.41 5.72 24.42
CA ALA B 553 20.20 6.26 25.52
C ALA B 553 19.55 5.96 26.86
N VAL B 554 18.22 6.12 26.97
CA VAL B 554 17.54 5.80 28.22
C VAL B 554 17.66 4.31 28.52
N ALA B 555 17.46 3.48 27.49
CA ALA B 555 17.51 2.03 27.67
C ALA B 555 18.90 1.56 28.12
N ILE B 556 19.95 2.19 27.60
CA ILE B 556 21.31 1.85 28.00
C ILE B 556 21.52 2.16 29.48
N GLU B 557 21.09 3.34 29.92
CA GLU B 557 21.24 3.68 31.34
C GLU B 557 20.51 2.67 32.21
N LYS B 558 19.30 2.26 31.78
CA LYS B 558 18.48 1.32 32.55
C LYS B 558 19.05 -0.11 32.51
N LEU B 559 19.71 -0.47 31.42
CA LEU B 559 20.41 -1.75 31.39
C LEU B 559 21.66 -1.72 32.25
N ASP B 560 22.50 -0.70 32.06
CA ASP B 560 23.64 -0.49 32.94
C ASP B 560 23.24 -0.61 34.41
N ALA B 561 22.08 -0.04 34.79
CA ALA B 561 21.69 -0.06 36.18
C ALA B 561 21.22 -1.44 36.67
N GLY B 562 20.92 -2.36 35.76
CA GLY B 562 20.62 -3.71 36.18
C GLY B 562 19.26 -4.26 35.81
N ALA B 563 18.65 -3.75 34.75
CA ALA B 563 17.38 -4.30 34.27
C ALA B 563 17.53 -5.79 33.98
N THR B 564 16.49 -6.55 34.35
CA THR B 564 16.43 -8.00 34.16
C THR B 564 15.15 -8.36 33.41
N GLY B 565 15.07 -9.60 32.94
CA GLY B 565 13.82 -10.15 32.41
C GLY B 565 13.17 -9.29 31.34
N ALA B 566 11.85 -9.13 31.46
CA ALA B 566 11.08 -8.48 30.41
C ALA B 566 11.51 -7.01 30.21
N ASP B 567 11.84 -6.31 31.29
CA ASP B 567 12.42 -4.97 31.14
C ASP B 567 13.67 -5.04 30.29
N LYS B 568 14.57 -5.97 30.61
CA LYS B 568 15.83 -6.06 29.88
C LYS B 568 15.59 -6.24 28.39
N SER B 569 14.67 -7.16 28.05
CA SER B 569 14.34 -7.45 26.65
C SER B 569 13.82 -6.20 25.95
N PHE B 570 12.86 -5.52 26.59
CA PHE B 570 12.35 -4.25 26.08
C PHE B 570 13.47 -3.27 25.79
N TYR B 571 14.33 -3.01 26.77
CA TYR B 571 15.40 -2.04 26.57
C TYR B 571 16.35 -2.49 25.47
N GLU B 572 16.65 -3.79 25.39
CA GLU B 572 17.53 -4.25 24.31
C GLU B 572 16.90 -3.95 22.96
N GLY B 573 15.56 -4.08 22.89
CA GLY B 573 14.89 -3.88 21.62
C GLY B 573 14.98 -2.45 21.17
N LYS B 574 14.97 -1.52 22.12
CA LYS B 574 15.05 -0.10 21.78
C LYS B 574 16.41 0.25 21.21
N ILE B 575 17.46 -0.37 21.75
CA ILE B 575 18.82 -0.16 21.26
C ILE B 575 18.94 -0.70 19.84
N ALA B 576 18.39 -1.88 19.59
CA ALA B 576 18.43 -2.48 18.27
C ALA B 576 17.62 -1.65 17.27
N ALA B 577 16.52 -1.07 17.72
CA ALA B 577 15.69 -0.28 16.83
C ALA B 577 16.39 1.01 16.45
N ALA B 578 16.93 1.75 17.43
CA ALA B 578 17.60 3.00 17.11
C ALA B 578 18.77 2.75 16.16
N SER B 579 19.53 1.70 16.42
CA SER B 579 20.68 1.37 15.59
C SER B 579 20.24 0.97 14.17
N PHE B 580 19.21 0.13 14.06
CA PHE B 580 18.74 -0.31 12.76
C PHE B 580 18.21 0.86 11.95
N PHE B 581 17.45 1.75 12.59
CA PHE B 581 16.87 2.89 11.88
C PHE B 581 17.95 3.84 11.38
N ALA B 582 18.95 4.15 12.23
CA ALA B 582 20.03 5.03 11.83
C ALA B 582 20.83 4.43 10.68
N LYS B 583 21.01 3.11 10.65
CA LYS B 583 21.87 2.52 9.64
C LYS B 583 21.14 2.13 8.36
N ASN B 584 19.80 2.05 8.39
CA ASN B 584 19.08 1.55 7.24
C ASN B 584 18.08 2.53 6.65
N MET B 585 17.59 3.48 7.43
CA MET B 585 16.64 4.49 6.98
C MET B 585 17.28 5.85 6.77
N LEU B 586 18.13 6.28 7.69
CA LEU B 586 18.55 7.68 7.66
C LEU B 586 19.47 8.01 6.48
N PRO B 587 20.39 7.13 6.07
CA PRO B 587 21.32 7.52 4.99
C PRO B 587 20.61 7.91 3.69
N LEU B 588 19.45 7.32 3.39
CA LEU B 588 18.74 7.65 2.16
C LEU B 588 18.43 9.14 2.07
N LEU B 589 18.39 9.85 3.20
CA LEU B 589 18.09 11.28 3.13
C LEU B 589 19.20 12.06 2.42
N THR B 590 20.41 11.47 2.31
CA THR B 590 21.51 12.15 1.61
C THR B 590 21.22 12.20 0.12
N SER B 591 20.78 11.07 -0.44
CA SER B 591 20.32 11.04 -1.82
C SER B 591 19.12 11.94 -2.01
N THR B 592 18.18 11.93 -1.06
CA THR B 592 17.02 12.80 -1.20
C THR B 592 17.43 14.28 -1.20
N ARG B 593 18.36 14.67 -0.33
CA ARG B 593 18.84 16.05 -0.39
C ARG B 593 19.41 16.36 -1.77
N GLN B 594 20.22 15.46 -2.31
CA GLN B 594 20.86 15.74 -3.59
C GLN B 594 19.83 15.83 -4.71
N ILE B 595 18.78 15.01 -4.63
CA ILE B 595 17.70 15.08 -5.60
C ILE B 595 16.98 16.43 -5.50
N ILE B 596 16.73 16.90 -4.29
CA ILE B 596 16.04 18.18 -4.09
C ILE B 596 16.91 19.35 -4.56
N GLU B 597 18.21 19.25 -4.39
CA GLU B 597 19.09 20.29 -4.89
C GLU B 597 19.12 20.40 -6.41
N ASN B 598 18.61 19.40 -7.13
CA ASN B 598 18.64 19.43 -8.59
C ASN B 598 17.25 19.41 -9.23
N LEU B 599 16.18 19.66 -8.47
CA LEU B 599 14.85 19.74 -9.05
C LEU B 599 14.86 20.73 -10.20
N ASP B 600 14.03 20.48 -11.21
CA ASP B 600 13.89 21.44 -12.29
C ASP B 600 12.47 21.39 -12.84
N ASN B 601 12.14 22.39 -13.64
CA ASN B 601 10.77 22.59 -14.07
C ASN B 601 10.43 21.87 -15.36
N ASP B 602 11.30 20.97 -15.84
CA ASP B 602 10.96 20.19 -17.03
C ASP B 602 9.55 19.58 -16.91
N VAL B 603 9.30 18.85 -15.83
CA VAL B 603 8.02 18.17 -15.66
C VAL B 603 6.86 19.16 -15.58
N MET B 604 7.14 20.42 -15.22
CA MET B 604 6.09 21.44 -15.23
C MET B 604 5.80 21.99 -16.63
N GLU B 605 6.83 22.12 -17.47
CA GLU B 605 6.69 22.66 -18.82
C GLU B 605 6.19 21.63 -19.82
N LEU B 606 6.24 20.34 -19.49
CA LEU B 606 5.78 19.30 -20.39
C LEU B 606 4.31 19.50 -20.75
N ASP B 607 3.98 19.35 -22.03
CA ASP B 607 2.58 19.35 -22.45
C ASP B 607 1.80 18.29 -21.70
N GLU B 608 0.64 18.67 -21.16
CA GLU B 608 -0.26 17.71 -20.54
C GLU B 608 -0.55 16.53 -21.45
N ALA B 609 -0.59 16.75 -22.77
CA ALA B 609 -0.86 15.66 -23.69
C ALA B 609 0.24 14.60 -23.70
N ALA B 610 1.44 14.93 -23.21
CA ALA B 610 2.53 13.96 -23.26
C ALA B 610 2.48 12.99 -22.08
N PHE B 611 1.63 13.21 -21.10
CA PHE B 611 1.49 12.24 -20.05
C PHE B 611 0.78 10.98 -20.61
PA FAD C . 5.11 -18.70 4.28
O1A FAD C . 5.98 -19.58 3.43
O2A FAD C . 4.70 -19.22 5.66
O5B FAD C . 5.86 -17.31 4.44
C5B FAD C . 5.55 -16.39 5.51
C4B FAD C . 6.64 -15.36 5.57
O4B FAD C . 7.90 -16.05 5.76
C3B FAD C . 6.77 -14.55 4.29
O3B FAD C . 7.14 -13.20 4.56
C2B FAD C . 7.92 -15.23 3.56
O2B FAD C . 8.62 -14.32 2.73
C1B FAD C . 8.80 -15.64 4.75
N9A FAD C . 9.70 -16.75 4.48
C8A FAD C . 9.38 -18.08 4.36
N7A FAD C . 10.40 -18.85 4.08
C5A FAD C . 11.47 -17.96 4.03
C6A FAD C . 12.83 -18.16 3.77
N6A FAD C . 13.38 -19.35 3.51
N1A FAD C . 13.63 -17.06 3.77
C2A FAD C . 13.08 -15.87 4.00
N3A FAD C . 11.80 -15.57 4.25
C4A FAD C . 11.04 -16.68 4.26
N1 FAD C . -0.25 -22.24 -4.24
C2 FAD C . -0.38 -23.25 -5.14
O2 FAD C . 0.34 -24.24 -5.07
N3 FAD C . -1.29 -23.14 -6.19
C4 FAD C . -2.18 -22.10 -6.37
O4 FAD C . -3.00 -22.14 -7.31
C4X FAD C . -2.04 -21.04 -5.39
N5 FAD C . -2.86 -20.03 -5.46
C5X FAD C . -2.75 -19.05 -4.51
C6 FAD C . -3.63 -17.96 -4.57
C7 FAD C . -3.57 -16.96 -3.61
C7M FAD C . -4.51 -15.77 -3.72
C8 FAD C . -2.64 -17.04 -2.56
C8M FAD C . -2.52 -15.96 -1.53
C9 FAD C . -1.77 -18.12 -2.51
C9A FAD C . -1.82 -19.12 -3.46
N10 FAD C . -0.95 -20.24 -3.43
C10 FAD C . -1.05 -21.22 -4.35
C1' FAD C . 0.03 -20.40 -2.35
C2' FAD C . 1.07 -19.28 -2.31
O2' FAD C . 2.02 -19.54 -3.34
C3' FAD C . 1.77 -19.31 -0.96
O3' FAD C . 0.99 -18.62 0.00
C4' FAD C . 3.14 -18.61 -0.97
O4' FAD C . 4.12 -19.40 -1.64
C5' FAD C . 3.62 -18.23 0.42
O5' FAD C . 3.56 -19.39 1.28
P FAD C . 2.89 -19.31 2.71
O1P FAD C . 1.52 -18.66 2.57
O2P FAD C . 2.91 -20.62 3.40
O3P FAD C . 3.80 -18.29 3.49
H51A FAD C . 5.50 -16.86 6.33
H52A FAD C . 4.72 -15.98 5.35
H4B FAD C . 6.52 -14.78 6.30
H3B FAD C . 5.96 -14.61 3.82
HO3A FAD C . 6.52 -12.70 4.32
H2B FAD C . 7.63 -15.98 3.07
HO2A FAD C . 8.63 -13.57 3.07
H1B FAD C . 9.29 -14.90 5.03
H8A FAD C . 8.51 -18.39 4.48
H61A FAD C . 12.89 -20.07 3.52
H62A FAD C . 14.23 -19.41 3.32
H2A FAD C . 13.67 -15.15 3.99
HN3 FAD C . -1.32 -23.78 -6.76
H6 FAD C . -4.19 -18.04 -5.31
HM71 FAD C . -5.27 -15.93 -3.18
HM72 FAD C . -4.07 -15.00 -3.42
HM73 FAD C . -4.77 -15.67 -4.61
HM81 FAD C . -2.77 -16.30 -0.69
HM82 FAD C . -3.08 -15.25 -1.75
HM83 FAD C . -1.63 -15.66 -1.49
H9 FAD C . -1.07 -17.81 -1.98
H1'1 FAD C . -0.43 -20.42 -1.54
H1'2 FAD C . 0.48 -21.21 -2.48
H2' FAD C . 0.66 -18.44 -2.43
HO2' FAD C . 1.86 -19.05 -4.00
H3' FAD C . 1.87 -20.21 -0.71
HO3' FAD C . 0.50 -19.17 0.41
H4' FAD C . 3.02 -17.82 -1.48
HO4' FAD C . 4.66 -18.90 -2.03
H5'1 FAD C . 4.51 -17.93 0.37
H5'2 FAD C . 3.07 -17.55 0.76
CA 6NA D . 0.01 -19.73 -8.28
C 6NA D . 0.87 -20.17 -7.07
O 6NA D . 1.09 -19.46 -6.11
CB 6NA D . -0.55 -18.28 -8.15
CG 6NA D . -0.93 -17.80 -9.60
CD 6NA D . -2.27 -18.45 -10.06
C6 6NA D . -2.16 -18.85 -11.58
HAC1 6NA D . 0.55 -19.78 -9.09
HAC2 6NA D . -0.74 -20.34 -8.37
HBC1 6NA D . -1.33 -18.27 -7.58
HBC2 6NA D . 0.14 -17.70 -7.78
HGC1 6NA D . -1.03 -16.84 -9.61
HGC2 6NA D . -0.22 -18.06 -10.22
HDC1 6NA D . -2.45 -19.25 -9.53
HDC2 6NA D . -2.99 -17.82 -9.93
H6C1 6NA D . -1.43 -19.49 -11.68
H6C2 6NA D . -2.99 -19.27 -11.86
N1A COA E . 13.62 -22.15 -11.93
C2A COA E . 13.53 -23.43 -12.41
N3A COA E . 13.73 -24.48 -11.56
C4A COA E . 14.00 -24.25 -10.25
C5A COA E . 14.10 -22.99 -9.77
C6A COA E . 13.89 -21.92 -10.64
N6A COA E . 13.94 -20.51 -10.35
N7A COA E . 14.39 -23.04 -8.45
C8A COA E . 14.46 -24.34 -8.12
N9A COA E . 14.23 -25.10 -9.22
C1B COA E . 14.20 -26.56 -9.29
C2B COA E . 15.30 -27.12 -9.73
O2B COA E . 14.86 -28.40 -10.45
C3B COA E . 16.14 -27.52 -8.52
O3B COA E . 16.92 -28.62 -8.78
P3B COA E . 18.52 -28.31 -9.20
O7A COA E . 18.52 -27.82 -10.62
O8A COA E . 19.14 -27.25 -8.29
O9A COA E . 19.33 -29.57 -9.09
C4B COA E . 15.02 -27.81 -7.46
O4B COA E . 14.02 -27.03 -7.74
C5B COA E . 15.57 -27.54 -6.01
O5B COA E . 16.39 -26.38 -6.02
P1A COA E . 16.63 -25.63 -4.55
O1A COA E . 17.42 -26.55 -3.61
O2A COA E . 17.30 -24.27 -4.73
O3A COA E . 15.11 -25.39 -3.92
P2A COA E . 14.63 -26.05 -2.47
O4A COA E . 14.65 -27.59 -2.50
O5A COA E . 15.52 -25.51 -1.36
O6A COA E . 13.08 -25.43 -2.29
CBP COA E . 12.03 -23.48 -3.28
CCP COA E . 13.00 -24.01 -2.21
CDP COA E . 12.69 -23.53 -4.67
CEP COA E . 10.75 -24.34 -3.35
CAP COA E . 11.69 -22.06 -2.82
OAP COA E . 12.76 -21.19 -2.93
C9P COA E . 10.51 -21.48 -3.60
O9P COA E . 10.55 -21.27 -4.79
N8P COA E . 9.32 -21.18 -2.80
C7P COA E . 8.12 -20.62 -3.39
C6P COA E . 7.44 -21.76 -4.14
C5P COA E . 6.40 -21.22 -5.14
O5P COA E . 6.70 -20.48 -6.02
N4P COA E . 5.00 -21.65 -4.99
C3P COA E . 3.97 -21.19 -5.95
C2P COA E . 2.62 -21.88 -5.58
S1P COA E . 1.55 -21.89 -7.09
H2A COA E . 13.34 -23.58 -13.31
H61A COA E . 13.29 -20.00 -10.57
H62A COA E . 14.64 -20.18 -9.96
H8A COA E . 14.63 -24.67 -7.26
H1B COA E . 13.51 -26.87 -9.91
H2B COA E . 15.81 -26.51 -10.27
HO2A COA E . 15.13 -28.37 -11.26
H3B COA E . 16.74 -26.81 -8.25
H4B COA E . 14.72 -28.73 -7.53
H51A COA E . 16.10 -28.31 -5.73
H52A COA E . 14.83 -27.42 -5.40
H71 COA E . 7.54 -20.27 -2.71
H72 COA E . 8.37 -19.90 -4.01
H61 COA E . 8.11 -22.27 -4.62
H62 COA E . 6.99 -22.34 -3.50
HN4 COA E . 4.79 -22.18 -4.34
H31 COA E . 4.23 -21.44 -6.85
H32 COA E . 3.88 -20.24 -5.89
H21 COA E . 2.77 -22.80 -5.30
H22 COA E . 2.18 -21.40 -4.88
PA FAD F . -8.96 17.26 -4.16
O1A FAD F . -8.93 18.51 -3.39
O2A FAD F . -9.82 17.37 -5.44
O5B FAD F . -7.49 16.81 -4.51
C5B FAD F . -7.22 15.77 -5.48
C4B FAD F . -5.73 15.73 -5.70
O4B FAD F . -5.23 17.05 -6.04
C3B FAD F . -4.94 15.28 -4.48
O3B FAD F . -3.78 14.53 -4.80
C2B FAD F . -4.50 16.60 -3.86
O2B FAD F . -3.34 16.45 -3.04
C1B FAD F . -4.23 17.42 -5.12
N9A FAD F . -4.31 18.86 -4.90
C8A FAD F . -5.44 19.63 -4.74
N7A FAD F . -5.20 20.88 -4.49
C5A FAD F . -3.81 20.97 -4.50
C6A FAD F . -2.92 22.04 -4.32
N6A FAD F . -3.32 23.31 -4.10
N1A FAD F . -1.60 21.78 -4.38
C2A FAD F . -1.20 20.53 -4.60
N3A FAD F . -1.95 19.45 -4.81
C4A FAD F . -3.26 19.73 -4.74
N1 FAD F . -14.49 16.70 4.93
C2 FAD F . -15.20 17.39 5.89
O2 FAD F . -15.28 18.62 5.89
N3 FAD F . -15.77 16.72 6.94
C4 FAD F . -15.77 15.36 7.13
O4 FAD F . -16.34 14.86 8.10
C4X FAD F . -15.02 14.63 6.12
N5 FAD F . -14.97 13.35 6.21
C5X FAD F . -14.34 12.64 5.22
C6 FAD F . -14.34 11.25 5.31
C7 FAD F . -13.71 10.48 4.34
C7M FAD F . -13.74 8.97 4.49
C8 FAD F . -13.09 11.10 3.25
C8M FAD F . -12.34 10.32 2.22
C9 FAD F . -13.09 12.50 3.17
C9A FAD F . -13.71 13.26 4.13
N10 FAD F . -13.75 14.68 4.08
C10 FAD F . -14.43 15.40 5.04
C1' FAD F . -13.18 15.41 2.94
C2' FAD F . -11.67 15.30 2.80
O2' FAD F . -11.12 16.18 3.79
C3' FAD F . -11.29 15.74 1.39
O3' FAD F . -11.49 14.61 0.54
C4' FAD F . -9.83 16.14 1.24
O4' FAD F . -9.59 17.43 1.83
C5' FAD F . -9.34 16.21 -0.18
O5' FAD F . -10.27 16.94 -1.00
P FAD F . -10.90 16.29 -2.30
O1P FAD F . -11.52 14.91 -2.04
O2P FAD F . -11.86 17.20 -2.92
O3P FAD F . -9.58 16.09 -3.27
H51A FAD F . -7.51 14.94 -5.15
H52A FAD F . -7.66 15.96 -6.28
H4B FAD F . -5.52 15.17 -6.43
H3B FAD F . -5.53 14.80 -3.92
HO3A FAD F . -3.89 13.74 -4.56
H2B FAD F . -5.18 17.02 -3.36
HO2A FAD F . -2.76 16.01 -3.46
H1B FAD F . -3.39 17.21 -5.48
H8A FAD F . -6.29 19.26 -4.79
H61A FAD F . -4.17 23.50 -4.09
H62A FAD F . -2.73 23.92 -3.96
H2A FAD F . -0.29 20.40 -4.65
HN3 FAD F . -16.16 17.19 7.55
H6 FAD F . -14.80 10.98 6.06
HM71 FAD F . -13.40 8.58 3.71
HM72 FAD F . -13.22 8.72 5.23
HM73 FAD F . -14.62 8.69 4.61
HM81 FAD F . -12.86 9.59 1.93
HM82 FAD F . -12.16 10.87 1.48
HM83 FAD F . -11.54 9.99 2.59
H9 FAD F . -12.37 12.68 2.60
H1'1 FAD F . -13.41 16.32 3.03
H1'2 FAD F . -13.57 15.07 2.16
H2' FAD F . -11.34 14.43 2.93
HO2' FAD F . -10.82 15.73 4.42
H3' FAD F . -11.84 16.45 1.12
H4' FAD F . -9.35 15.49 1.72
HO4' FAD F . -8.79 17.49 2.03
H5'1 FAD F . -8.50 16.63 -0.21
H5'2 FAD F . -9.24 15.33 -0.53
CA 6NA G . -12.00 15.14 8.86
C 6NA G . -12.07 15.97 7.52
O 6NA G . -11.69 15.58 6.47
CB 6NA G . -12.02 13.59 8.70
CG 6NA G . -11.98 12.95 10.14
CD 6NA G . -13.20 13.42 10.98
C6 6NA G . -13.54 12.45 12.17
HAC1 6NA G . -12.76 15.39 9.41
HAC2 6NA G . -11.17 15.38 9.31
HBC1 6NA G . -12.83 13.32 8.24
HBC2 6NA G . -11.25 13.30 8.19
HGC1 6NA G . -12.00 11.99 10.07
HGC2 6NA G . -11.17 13.23 10.59
HDC1 6NA G . -13.98 13.48 10.40
HDC2 6NA G . -13.01 14.30 11.34
H6C1 6NA G . -12.91 11.70 12.18
H6C2 6NA G . -13.51 12.92 13.02
N1A COA H . -3.71 25.91 11.49
C2A COA H . -4.55 26.87 11.99
N3A COA H . -5.13 27.77 11.14
C4A COA H . -4.85 27.71 9.82
C5A COA H . -4.02 26.78 9.32
C6A COA H . -3.45 25.86 10.20
N6A COA H . -2.54 24.77 9.89
N7A COA H . -3.91 26.94 7.98
C8A COA H . -4.69 27.98 7.65
N9A COA H . -5.27 28.47 8.79
C1B COA H . -6.18 29.59 8.90
C2B COA H . -5.70 30.78 9.17
O2B COA H . -6.84 31.43 9.96
C3B COA H . -5.48 31.53 7.88
O3B COA H . -5.59 32.88 8.02
P3B COA H . -4.25 33.81 8.38
O7A COA H . -3.95 33.62 9.86
O8A COA H . -3.06 33.44 7.50
O9A COA H . -4.58 35.27 8.10
C4B COA H . -6.64 30.93 7.01
O4B COA H . -6.79 29.69 7.39
C5B COA H . -6.27 31.02 5.49
O5B COA H . -4.91 30.55 5.46
P1A COA H . -4.30 30.25 3.95
O1A COA H . -4.30 31.58 3.18
O2A COA H . -2.92 29.63 4.05
O3A COA H . -5.35 29.13 3.29
P2A COA H . -6.34 29.26 1.94
O4A COA H . -7.38 30.39 2.03
O5A COA H . -5.53 29.39 0.66
O6A COA H . -7.00 27.73 1.94
CBP COA H . -6.40 25.64 3.12
CCP COA H . -6.00 26.73 2.10
CDP COA H . -5.86 25.91 4.52
CEP COA H . -7.92 25.45 3.18
CAP COA H . -5.75 24.40 2.54
OAP COA H . -4.38 24.59 2.43
C9P COA H . -6.08 23.18 3.40
O9P COA H . -5.72 23.09 4.55
N8P COA H . -6.84 22.16 2.68
C7P COA H . -7.29 20.90 3.27
C6P COA H . -8.62 21.21 3.97
C5P COA H . -8.95 20.17 5.07
O5P COA H . -8.22 19.82 5.95
N4P COA H . -10.29 19.60 5.03
C3P COA H . -10.64 18.63 6.08
C2P COA H . -12.18 18.44 5.97
S1P COA H . -12.75 17.69 7.55
H2A COA H . -4.72 26.91 12.90
H61A COA H . -1.97 24.85 9.26
H62A COA H . -2.58 24.04 10.36
H8A COA H . -4.83 28.30 6.79
H1B COA H . -6.80 29.44 9.64
H2B COA H . -4.85 30.76 9.62
HO2A COA H . -6.52 31.87 10.63
H3B COA H . -4.59 31.38 7.50
H4B COA H . -7.46 31.40 7.19
H51A COA H . -6.84 30.45 4.96
H52A COA H . -6.33 31.93 5.18
H71 COA H . -7.41 20.23 2.59
H72 COA H . -6.64 20.59 3.92
H61 COA H . -8.57 22.09 4.38
H62 COA H . -9.33 21.20 3.31
HN4 COA H . -10.86 19.82 4.42
H31 COA H . -10.17 17.79 5.93
H32 COA H . -10.40 18.99 6.95
H21 COA H . -12.61 19.30 5.83
H22 COA H . -12.38 17.84 5.23
#